data_1JLD
# 
_entry.id   1JLD 
# 
_audit_conform.dict_name       mmcif_pdbx.dic 
_audit_conform.dict_version    5.386 
_audit_conform.dict_location   http://mmcif.pdb.org/dictionaries/ascii/mmcif_pdbx.dic 
# 
loop_
_database_2.database_id 
_database_2.database_code 
_database_2.pdbx_database_accession 
_database_2.pdbx_DOI 
PDB   1JLD         pdb_00001jld 10.2210/pdb1jld/pdb 
WWPDB D_1000174340 ?            ?                   
# 
loop_
_pdbx_audit_revision_history.ordinal 
_pdbx_audit_revision_history.data_content_type 
_pdbx_audit_revision_history.major_revision 
_pdbx_audit_revision_history.minor_revision 
_pdbx_audit_revision_history.revision_date 
1 'Structure model' 1 0 1997-12-03 
2 'Structure model' 1 1 2008-05-22 
3 'Structure model' 1 2 2011-07-13 
4 'Structure model' 1 3 2012-12-12 
5 'Structure model' 1 4 2024-02-07 
# 
_pdbx_audit_revision_details.ordinal             1 
_pdbx_audit_revision_details.revision_ordinal    1 
_pdbx_audit_revision_details.data_content_type   'Structure model' 
_pdbx_audit_revision_details.provider            repository 
_pdbx_audit_revision_details.type                'Initial release' 
_pdbx_audit_revision_details.description         ? 
_pdbx_audit_revision_details.details             ? 
# 
loop_
_pdbx_audit_revision_group.ordinal 
_pdbx_audit_revision_group.revision_ordinal 
_pdbx_audit_revision_group.data_content_type 
_pdbx_audit_revision_group.group 
1  2 'Structure model' 'Version format compliance' 
2  3 'Structure model' 'Atomic model'              
3  3 'Structure model' 'Database references'       
4  3 'Structure model' 'Derived calculations'      
5  3 'Structure model' 'Non-polymer description'   
6  3 'Structure model' 'Structure summary'         
7  3 'Structure model' 'Version format compliance' 
8  4 'Structure model' Other                       
9  5 'Structure model' 'Data collection'           
10 5 'Structure model' 'Database references'       
11 5 'Structure model' 'Derived calculations'      
12 5 'Structure model' Other                       
13 5 'Structure model' 'Source and taxonomy'       
14 5 'Structure model' 'Structure summary'         
# 
loop_
_pdbx_audit_revision_category.ordinal 
_pdbx_audit_revision_category.revision_ordinal 
_pdbx_audit_revision_category.data_content_type 
_pdbx_audit_revision_category.category 
1 5 'Structure model' chem_comp_atom       
2 5 'Structure model' chem_comp_bond       
3 5 'Structure model' database_2           
4 5 'Structure model' entity               
5 5 'Structure model' entity_src_gen       
6 5 'Structure model' pdbx_database_status 
7 5 'Structure model' struct_ref           
8 5 'Structure model' struct_ref_seq       
9 5 'Structure model' struct_site          
# 
loop_
_pdbx_audit_revision_item.ordinal 
_pdbx_audit_revision_item.revision_ordinal 
_pdbx_audit_revision_item.data_content_type 
_pdbx_audit_revision_item.item 
1  5 'Structure model' '_database_2.pdbx_DOI'                 
2  5 'Structure model' '_database_2.pdbx_database_accession'  
3  5 'Structure model' '_entity.pdbx_description'             
4  5 'Structure model' '_entity.pdbx_ec'                      
5  5 'Structure model' '_entity_src_gen.pdbx_beg_seq_num'     
6  5 'Structure model' '_entity_src_gen.pdbx_end_seq_num'     
7  5 'Structure model' '_entity_src_gen.pdbx_gene_src_gene'   
8  5 'Structure model' '_entity_src_gen.pdbx_seq_type'        
9  5 'Structure model' '_pdbx_database_status.process_site'   
10 5 'Structure model' '_struct_ref.db_code'                  
11 5 'Structure model' '_struct_ref.pdbx_db_accession'        
12 5 'Structure model' '_struct_ref.pdbx_seq_one_letter_code' 
13 5 'Structure model' '_struct_site.pdbx_auth_asym_id'       
14 5 'Structure model' '_struct_site.pdbx_auth_comp_id'       
15 5 'Structure model' '_struct_site.pdbx_auth_seq_id'        
# 
_pdbx_database_status.status_code                     REL 
_pdbx_database_status.entry_id                        1JLD 
_pdbx_database_status.recvd_initial_deposition_date   1997-05-31 
_pdbx_database_status.deposit_site                    ? 
_pdbx_database_status.process_site                    BNL 
_pdbx_database_status.SG_entry                        . 
_pdbx_database_status.status_code_sf                  ? 
_pdbx_database_status.status_code_mr                  ? 
_pdbx_database_status.status_code_cs                  ? 
_pdbx_database_status.pdb_format_compatible           Y 
_pdbx_database_status.status_code_nmr_data            ? 
_pdbx_database_status.methods_development_category    ? 
# 
_audit_author.name           'Tong, L.' 
_audit_author.pdbx_ordinal   1 
# 
_citation.id                        primary 
_citation.title                     'Potent HIV protease inhibitors containing a novel (hydroxyethyl)amide isostere.' 
_citation.journal_abbrev            J.Med.Chem. 
_citation.journal_volume            40 
_citation.page_first                2164 
_citation.page_last                 2176 
_citation.year                      1997 
_citation.journal_id_ASTM           JMCMAR 
_citation.country                   US 
_citation.journal_id_ISSN           0022-2623 
_citation.journal_id_CSD            0151 
_citation.book_publisher            ? 
_citation.pdbx_database_id_PubMed   9216835 
_citation.pdbx_database_id_DOI      10.1021/jm9606608 
# 
loop_
_citation_author.citation_id 
_citation_author.name 
_citation_author.ordinal 
_citation_author.identifier_ORCID 
primary 'Beaulieu, P.L.' 1  ? 
primary 'Wernic, D.'     2  ? 
primary 'Abraham, A.'    3  ? 
primary 'Anderson, P.C.' 4  ? 
primary 'Bogri, T.'      5  ? 
primary 'Bousquet, Y.'   6  ? 
primary 'Croteau, G.'    7  ? 
primary 'Guse, I.'       8  ? 
primary 'Lamarre, D.'    9  ? 
primary 'Liard, F.'      10 ? 
primary 'Paris, W.'      11 ? 
primary 'Thibeault, D.'  12 ? 
primary 'Pav, S.'        13 ? 
primary 'Tong, L.'       14 ? 
# 
loop_
_entity.id 
_entity.type 
_entity.src_method 
_entity.pdbx_description 
_entity.formula_weight 
_entity.pdbx_number_of_molecules 
_entity.pdbx_ec 
_entity.pdbx_mutation 
_entity.pdbx_fragment 
_entity.details 
1 polymer     man 'Pol polyprotein' 10728.337 2  ? ? ? ? 
2 non-polymer syn 
;(2S)-2-tert-butyl-N~4~-(1-ethylpropyl)-N~1~-[(2R,3S)-2-hydroxy-4-phenyl-3-{[N-(quinolin-2-ylcarbonyl)-L-threonyl]amino}butyl]butanediamide
;
661.831   1  ? ? ? ? 
3 water       nat water 18.015    14 ? ? ? ? 
# 
_entity_poly.entity_id                      1 
_entity_poly.type                           'polypeptide(L)' 
_entity_poly.nstd_linkage                   no 
_entity_poly.nstd_monomer                   no 
_entity_poly.pdbx_seq_one_letter_code       
;PQFSLWKRPVVTAYIEGQPVEVLLDTGADDSIVAGIELGNNYSPKIVGGIGGFINTKEYKNVEIEVLNKKVRATIMTGDT
PINIFGRNILTALGMSLNL
;
_entity_poly.pdbx_seq_one_letter_code_can   
;PQFSLWKRPVVTAYIEGQPVEVLLDTGADDSIVAGIELGNNYSPKIVGGIGGFINTKEYKNVEIEVLNKKVRATIMTGDT
PINIFGRNILTALGMSLNL
;
_entity_poly.pdbx_strand_id                 A,B 
_entity_poly.pdbx_target_identifier         ? 
# 
loop_
_pdbx_entity_nonpoly.entity_id 
_pdbx_entity_nonpoly.name 
_pdbx_entity_nonpoly.comp_id 
2 
;(2S)-2-tert-butyl-N~4~-(1-ethylpropyl)-N~1~-[(2R,3S)-2-hydroxy-4-phenyl-3-{[N-(quinolin-2-ylcarbonyl)-L-threonyl]amino}butyl]butanediamide
;
0PP 
3 water HOH 
# 
loop_
_entity_poly_seq.entity_id 
_entity_poly_seq.num 
_entity_poly_seq.mon_id 
_entity_poly_seq.hetero 
1 1  PRO n 
1 2  GLN n 
1 3  PHE n 
1 4  SER n 
1 5  LEU n 
1 6  TRP n 
1 7  LYS n 
1 8  ARG n 
1 9  PRO n 
1 10 VAL n 
1 11 VAL n 
1 12 THR n 
1 13 ALA n 
1 14 TYR n 
1 15 ILE n 
1 16 GLU n 
1 17 GLY n 
1 18 GLN n 
1 19 PRO n 
1 20 VAL n 
1 21 GLU n 
1 22 VAL n 
1 23 LEU n 
1 24 LEU n 
1 25 ASP n 
1 26 THR n 
1 27 GLY n 
1 28 ALA n 
1 29 ASP n 
1 30 ASP n 
1 31 SER n 
1 32 ILE n 
1 33 VAL n 
1 34 ALA n 
1 35 GLY n 
1 36 ILE n 
1 37 GLU n 
1 38 LEU n 
1 39 GLY n 
1 40 ASN n 
1 41 ASN n 
1 42 TYR n 
1 43 SER n 
1 44 PRO n 
1 45 LYS n 
1 46 ILE n 
1 47 VAL n 
1 48 GLY n 
1 49 GLY n 
1 50 ILE n 
1 51 GLY n 
1 52 GLY n 
1 53 PHE n 
1 54 ILE n 
1 55 ASN n 
1 56 THR n 
1 57 LYS n 
1 58 GLU n 
1 59 TYR n 
1 60 LYS n 
1 61 ASN n 
1 62 VAL n 
1 63 GLU n 
1 64 ILE n 
1 65 GLU n 
1 66 VAL n 
1 67 LEU n 
1 68 ASN n 
1 69 LYS n 
1 70 LYS n 
1 71 VAL n 
1 72 ARG n 
1 73 ALA n 
1 74 THR n 
1 75 ILE n 
1 76 MET n 
1 77 THR n 
1 78 GLY n 
1 79 ASP n 
1 80 THR n 
1 81 PRO n 
1 82 ILE n 
1 83 ASN n 
1 84 ILE n 
1 85 PHE n 
1 86 GLY n 
1 87 ARG n 
1 88 ASN n 
1 89 ILE n 
1 90 LEU n 
1 91 THR n 
1 92 ALA n 
1 93 LEU n 
1 94 GLY n 
1 95 MET n 
1 96 SER n 
1 97 LEU n 
1 98 ASN n 
1 99 LEU n 
# 
_entity_src_gen.entity_id                          1 
_entity_src_gen.pdbx_src_id                        1 
_entity_src_gen.pdbx_alt_source_flag               sample 
_entity_src_gen.pdbx_seq_type                      'Biological sequence' 
_entity_src_gen.pdbx_beg_seq_num                   1 
_entity_src_gen.pdbx_end_seq_num                   99 
_entity_src_gen.gene_src_common_name               ? 
_entity_src_gen.gene_src_genus                     Lentivirus 
_entity_src_gen.pdbx_gene_src_gene                 pol 
_entity_src_gen.gene_src_species                   ? 
_entity_src_gen.gene_src_strain                    'ROD ISOLATE' 
_entity_src_gen.gene_src_tissue                    ? 
_entity_src_gen.gene_src_tissue_fraction           ? 
_entity_src_gen.gene_src_details                   ? 
_entity_src_gen.pdbx_gene_src_fragment             ? 
_entity_src_gen.pdbx_gene_src_scientific_name      'Human immunodeficiency virus 2' 
_entity_src_gen.pdbx_gene_src_ncbi_taxonomy_id     11709 
_entity_src_gen.pdbx_gene_src_variant              ? 
_entity_src_gen.pdbx_gene_src_cell_line            ? 
_entity_src_gen.pdbx_gene_src_atcc                 ? 
_entity_src_gen.pdbx_gene_src_organ                ? 
_entity_src_gen.pdbx_gene_src_organelle            ? 
_entity_src_gen.pdbx_gene_src_cell                 ? 
_entity_src_gen.pdbx_gene_src_cellular_location    ? 
_entity_src_gen.host_org_common_name               ? 
_entity_src_gen.pdbx_host_org_scientific_name      'Escherichia coli' 
_entity_src_gen.pdbx_host_org_ncbi_taxonomy_id     562 
_entity_src_gen.host_org_genus                     Escherichia 
_entity_src_gen.pdbx_host_org_gene                 ? 
_entity_src_gen.pdbx_host_org_organ                ? 
_entity_src_gen.host_org_species                   ? 
_entity_src_gen.pdbx_host_org_tissue               ? 
_entity_src_gen.pdbx_host_org_tissue_fraction      ? 
_entity_src_gen.pdbx_host_org_strain               ? 
_entity_src_gen.pdbx_host_org_variant              ? 
_entity_src_gen.pdbx_host_org_cell_line            ? 
_entity_src_gen.pdbx_host_org_atcc                 ? 
_entity_src_gen.pdbx_host_org_culture_collection   ? 
_entity_src_gen.pdbx_host_org_cell                 ? 
_entity_src_gen.pdbx_host_org_organelle            ? 
_entity_src_gen.pdbx_host_org_cellular_location    ? 
_entity_src_gen.pdbx_host_org_vector_type          ? 
_entity_src_gen.pdbx_host_org_vector               ? 
_entity_src_gen.host_org_details                   ? 
_entity_src_gen.expression_system_id               ? 
_entity_src_gen.plasmid_name                       ? 
_entity_src_gen.plasmid_details                    ? 
_entity_src_gen.pdbx_description                   ? 
# 
loop_
_chem_comp.id 
_chem_comp.type 
_chem_comp.mon_nstd_flag 
_chem_comp.name 
_chem_comp.pdbx_synonyms 
_chem_comp.formula 
_chem_comp.formula_weight 
0PP peptide-like        . 
;(2S)-2-tert-butyl-N~4~-(1-ethylpropyl)-N~1~-[(2R,3S)-2-hydroxy-4-phenyl-3-{[N-(quinolin-2-ylcarbonyl)-L-threonyl]amino}butyl]butanediamide
;
? 'C37 H51 N5 O6'  661.831 
ALA 'L-peptide linking' y ALANINE ? 'C3 H7 N O2'     89.093  
ARG 'L-peptide linking' y ARGININE ? 'C6 H15 N4 O2 1' 175.209 
ASN 'L-peptide linking' y ASPARAGINE ? 'C4 H8 N2 O3'    132.118 
ASP 'L-peptide linking' y 'ASPARTIC ACID' ? 'C4 H7 N O4'     133.103 
GLN 'L-peptide linking' y GLUTAMINE ? 'C5 H10 N2 O3'   146.144 
GLU 'L-peptide linking' y 'GLUTAMIC ACID' ? 'C5 H9 N O4'     147.129 
GLY 'peptide linking'   y GLYCINE ? 'C2 H5 N O2'     75.067  
HOH non-polymer         . WATER ? 'H2 O'           18.015  
ILE 'L-peptide linking' y ISOLEUCINE ? 'C6 H13 N O2'    131.173 
LEU 'L-peptide linking' y LEUCINE ? 'C6 H13 N O2'    131.173 
LYS 'L-peptide linking' y LYSINE ? 'C6 H15 N2 O2 1' 147.195 
MET 'L-peptide linking' y METHIONINE ? 'C5 H11 N O2 S'  149.211 
PHE 'L-peptide linking' y PHENYLALANINE ? 'C9 H11 N O2'    165.189 
PRO 'L-peptide linking' y PROLINE ? 'C5 H9 N O2'     115.130 
SER 'L-peptide linking' y SERINE ? 'C3 H7 N O3'     105.093 
THR 'L-peptide linking' y THREONINE ? 'C4 H9 N O3'     119.119 
TRP 'L-peptide linking' y TRYPTOPHAN ? 'C11 H12 N2 O2'  204.225 
TYR 'L-peptide linking' y TYROSINE ? 'C9 H11 N O3'    181.189 
VAL 'L-peptide linking' y VALINE ? 'C5 H11 N O2'    117.146 
# 
loop_
_pdbx_poly_seq_scheme.asym_id 
_pdbx_poly_seq_scheme.entity_id 
_pdbx_poly_seq_scheme.seq_id 
_pdbx_poly_seq_scheme.mon_id 
_pdbx_poly_seq_scheme.ndb_seq_num 
_pdbx_poly_seq_scheme.pdb_seq_num 
_pdbx_poly_seq_scheme.auth_seq_num 
_pdbx_poly_seq_scheme.pdb_mon_id 
_pdbx_poly_seq_scheme.auth_mon_id 
_pdbx_poly_seq_scheme.pdb_strand_id 
_pdbx_poly_seq_scheme.pdb_ins_code 
_pdbx_poly_seq_scheme.hetero 
A 1 1  PRO 1  1  1  PRO PRO A . n 
A 1 2  GLN 2  2  2  GLN GLN A . n 
A 1 3  PHE 3  3  3  PHE PHE A . n 
A 1 4  SER 4  4  4  SER SER A . n 
A 1 5  LEU 5  5  5  LEU LEU A . n 
A 1 6  TRP 6  6  6  TRP TRP A . n 
A 1 7  LYS 7  7  7  LYS LYS A . n 
A 1 8  ARG 8  8  8  ARG ARG A . n 
A 1 9  PRO 9  9  9  PRO PRO A . n 
A 1 10 VAL 10 10 10 VAL VAL A . n 
A 1 11 VAL 11 11 11 VAL VAL A . n 
A 1 12 THR 12 12 12 THR THR A . n 
A 1 13 ALA 13 13 13 ALA ALA A . n 
A 1 14 TYR 14 14 14 TYR TYR A . n 
A 1 15 ILE 15 15 15 ILE ILE A . n 
A 1 16 GLU 16 16 16 GLU GLU A . n 
A 1 17 GLY 17 17 17 GLY GLY A . n 
A 1 18 GLN 18 18 18 GLN GLN A . n 
A 1 19 PRO 19 19 19 PRO PRO A . n 
A 1 20 VAL 20 20 20 VAL VAL A . n 
A 1 21 GLU 21 21 21 GLU GLU A . n 
A 1 22 VAL 22 22 22 VAL VAL A . n 
A 1 23 LEU 23 23 23 LEU LEU A . n 
A 1 24 LEU 24 24 24 LEU LEU A . n 
A 1 25 ASP 25 25 25 ASP ASP A . n 
A 1 26 THR 26 26 26 THR THR A . n 
A 1 27 GLY 27 27 27 GLY GLY A . n 
A 1 28 ALA 28 28 28 ALA ALA A . n 
A 1 29 ASP 29 29 29 ASP ASP A . n 
A 1 30 ASP 30 30 30 ASP ASP A . n 
A 1 31 SER 31 31 31 SER SER A . n 
A 1 32 ILE 32 32 32 ILE ILE A . n 
A 1 33 VAL 33 33 33 VAL VAL A . n 
A 1 34 ALA 34 34 34 ALA ALA A . n 
A 1 35 GLY 35 35 35 GLY GLY A . n 
A 1 36 ILE 36 36 36 ILE ILE A . n 
A 1 37 GLU 37 37 37 GLU GLU A . n 
A 1 38 LEU 38 38 38 LEU LEU A . n 
A 1 39 GLY 39 39 39 GLY GLY A . n 
A 1 40 ASN 40 40 40 ASN ASN A . n 
A 1 41 ASN 41 41 41 ASN ASN A . n 
A 1 42 TYR 42 42 42 TYR TYR A . n 
A 1 43 SER 43 43 43 SER SER A . n 
A 1 44 PRO 44 44 44 PRO PRO A . n 
A 1 45 LYS 45 45 45 LYS LYS A . n 
A 1 46 ILE 46 46 46 ILE ILE A . n 
A 1 47 VAL 47 47 47 VAL VAL A . n 
A 1 48 GLY 48 48 48 GLY GLY A . n 
A 1 49 GLY 49 49 49 GLY GLY A . n 
A 1 50 ILE 50 50 50 ILE ILE A . n 
A 1 51 GLY 51 51 51 GLY GLY A . n 
A 1 52 GLY 52 52 52 GLY GLY A . n 
A 1 53 PHE 53 53 53 PHE PHE A . n 
A 1 54 ILE 54 54 54 ILE ILE A . n 
A 1 55 ASN 55 55 55 ASN ASN A . n 
A 1 56 THR 56 56 56 THR THR A . n 
A 1 57 LYS 57 57 57 LYS LYS A . n 
A 1 58 GLU 58 58 58 GLU GLU A . n 
A 1 59 TYR 59 59 59 TYR TYR A . n 
A 1 60 LYS 60 60 60 LYS LYS A . n 
A 1 61 ASN 61 61 61 ASN ASN A . n 
A 1 62 VAL 62 62 62 VAL VAL A . n 
A 1 63 GLU 63 63 63 GLU GLU A . n 
A 1 64 ILE 64 64 64 ILE ILE A . n 
A 1 65 GLU 65 65 65 GLU GLU A . n 
A 1 66 VAL 66 66 66 VAL VAL A . n 
A 1 67 LEU 67 67 67 LEU LEU A . n 
A 1 68 ASN 68 68 68 ASN ASN A . n 
A 1 69 LYS 69 69 69 LYS LYS A . n 
A 1 70 LYS 70 70 70 LYS LYS A . n 
A 1 71 VAL 71 71 71 VAL VAL A . n 
A 1 72 ARG 72 72 72 ARG ARG A . n 
A 1 73 ALA 73 73 73 ALA ALA A . n 
A 1 74 THR 74 74 74 THR THR A . n 
A 1 75 ILE 75 75 75 ILE ILE A . n 
A 1 76 MET 76 76 76 MET MET A . n 
A 1 77 THR 77 77 77 THR THR A . n 
A 1 78 GLY 78 78 78 GLY GLY A . n 
A 1 79 ASP 79 79 79 ASP ASP A . n 
A 1 80 THR 80 80 80 THR THR A . n 
A 1 81 PRO 81 81 81 PRO PRO A . n 
A 1 82 ILE 82 82 82 ILE ILE A . n 
A 1 83 ASN 83 83 83 ASN ASN A . n 
A 1 84 ILE 84 84 84 ILE ILE A . n 
A 1 85 PHE 85 85 85 PHE PHE A . n 
A 1 86 GLY 86 86 86 GLY GLY A . n 
A 1 87 ARG 87 87 87 ARG ARG A . n 
A 1 88 ASN 88 88 88 ASN ASN A . n 
A 1 89 ILE 89 89 89 ILE ILE A . n 
A 1 90 LEU 90 90 90 LEU LEU A . n 
A 1 91 THR 91 91 91 THR THR A . n 
A 1 92 ALA 92 92 92 ALA ALA A . n 
A 1 93 LEU 93 93 93 LEU LEU A . n 
A 1 94 GLY 94 94 94 GLY GLY A . n 
A 1 95 MET 95 95 95 MET MET A . n 
A 1 96 SER 96 96 96 SER SER A . n 
A 1 97 LEU 97 97 97 LEU LEU A . n 
A 1 98 ASN 98 98 98 ASN ASN A . n 
A 1 99 LEU 99 99 99 LEU LEU A . n 
B 1 1  PRO 1  1  1  PRO PRO B . n 
B 1 2  GLN 2  2  2  GLN GLN B . n 
B 1 3  PHE 3  3  3  PHE PHE B . n 
B 1 4  SER 4  4  4  SER SER B . n 
B 1 5  LEU 5  5  5  LEU LEU B . n 
B 1 6  TRP 6  6  6  TRP TRP B . n 
B 1 7  LYS 7  7  7  LYS LYS B . n 
B 1 8  ARG 8  8  8  ARG ARG B . n 
B 1 9  PRO 9  9  9  PRO PRO B . n 
B 1 10 VAL 10 10 10 VAL VAL B . n 
B 1 11 VAL 11 11 11 VAL VAL B . n 
B 1 12 THR 12 12 12 THR THR B . n 
B 1 13 ALA 13 13 13 ALA ALA B . n 
B 1 14 TYR 14 14 14 TYR TYR B . n 
B 1 15 ILE 15 15 15 ILE ILE B . n 
B 1 16 GLU 16 16 16 GLU GLU B . n 
B 1 17 GLY 17 17 17 GLY GLY B . n 
B 1 18 GLN 18 18 18 GLN GLN B . n 
B 1 19 PRO 19 19 19 PRO PRO B . n 
B 1 20 VAL 20 20 20 VAL VAL B . n 
B 1 21 GLU 21 21 21 GLU GLU B . n 
B 1 22 VAL 22 22 22 VAL VAL B . n 
B 1 23 LEU 23 23 23 LEU LEU B . n 
B 1 24 LEU 24 24 24 LEU LEU B . n 
B 1 25 ASP 25 25 25 ASP ASP B . n 
B 1 26 THR 26 26 26 THR THR B . n 
B 1 27 GLY 27 27 27 GLY GLY B . n 
B 1 28 ALA 28 28 28 ALA ALA B . n 
B 1 29 ASP 29 29 29 ASP ASP B . n 
B 1 30 ASP 30 30 30 ASP ASP B . n 
B 1 31 SER 31 31 31 SER SER B . n 
B 1 32 ILE 32 32 32 ILE ILE B . n 
B 1 33 VAL 33 33 33 VAL VAL B . n 
B 1 34 ALA 34 34 34 ALA ALA B . n 
B 1 35 GLY 35 35 35 GLY GLY B . n 
B 1 36 ILE 36 36 36 ILE ILE B . n 
B 1 37 GLU 37 37 37 GLU GLU B . n 
B 1 38 LEU 38 38 38 LEU LEU B . n 
B 1 39 GLY 39 39 39 GLY GLY B . n 
B 1 40 ASN 40 40 40 ASN ASN B . n 
B 1 41 ASN 41 41 41 ASN ASN B . n 
B 1 42 TYR 42 42 42 TYR TYR B . n 
B 1 43 SER 43 43 43 SER SER B . n 
B 1 44 PRO 44 44 44 PRO PRO B . n 
B 1 45 LYS 45 45 45 LYS LYS B . n 
B 1 46 ILE 46 46 46 ILE ILE B . n 
B 1 47 VAL 47 47 47 VAL VAL B . n 
B 1 48 GLY 48 48 48 GLY GLY B . n 
B 1 49 GLY 49 49 49 GLY GLY B . n 
B 1 50 ILE 50 50 50 ILE ILE B . n 
B 1 51 GLY 51 51 51 GLY GLY B . n 
B 1 52 GLY 52 52 52 GLY GLY B . n 
B 1 53 PHE 53 53 53 PHE PHE B . n 
B 1 54 ILE 54 54 54 ILE ILE B . n 
B 1 55 ASN 55 55 55 ASN ASN B . n 
B 1 56 THR 56 56 56 THR THR B . n 
B 1 57 LYS 57 57 57 LYS LYS B . n 
B 1 58 GLU 58 58 58 GLU GLU B . n 
B 1 59 TYR 59 59 59 TYR TYR B . n 
B 1 60 LYS 60 60 60 LYS LYS B . n 
B 1 61 ASN 61 61 61 ASN ASN B . n 
B 1 62 VAL 62 62 62 VAL VAL B . n 
B 1 63 GLU 63 63 63 GLU GLU B . n 
B 1 64 ILE 64 64 64 ILE ILE B . n 
B 1 65 GLU 65 65 65 GLU GLU B . n 
B 1 66 VAL 66 66 66 VAL VAL B . n 
B 1 67 LEU 67 67 67 LEU LEU B . n 
B 1 68 ASN 68 68 68 ASN ASN B . n 
B 1 69 LYS 69 69 69 LYS LYS B . n 
B 1 70 LYS 70 70 70 LYS LYS B . n 
B 1 71 VAL 71 71 71 VAL VAL B . n 
B 1 72 ARG 72 72 72 ARG ARG B . n 
B 1 73 ALA 73 73 73 ALA ALA B . n 
B 1 74 THR 74 74 74 THR THR B . n 
B 1 75 ILE 75 75 75 ILE ILE B . n 
B 1 76 MET 76 76 76 MET MET B . n 
B 1 77 THR 77 77 77 THR THR B . n 
B 1 78 GLY 78 78 78 GLY GLY B . n 
B 1 79 ASP 79 79 79 ASP ASP B . n 
B 1 80 THR 80 80 80 THR THR B . n 
B 1 81 PRO 81 81 81 PRO PRO B . n 
B 1 82 ILE 82 82 82 ILE ILE B . n 
B 1 83 ASN 83 83 83 ASN ASN B . n 
B 1 84 ILE 84 84 84 ILE ILE B . n 
B 1 85 PHE 85 85 85 PHE PHE B . n 
B 1 86 GLY 86 86 86 GLY GLY B . n 
B 1 87 ARG 87 87 87 ARG ARG B . n 
B 1 88 ASN 88 88 88 ASN ASN B . n 
B 1 89 ILE 89 89 89 ILE ILE B . n 
B 1 90 LEU 90 90 90 LEU LEU B . n 
B 1 91 THR 91 91 91 THR THR B . n 
B 1 92 ALA 92 92 92 ALA ALA B . n 
B 1 93 LEU 93 93 93 LEU LEU B . n 
B 1 94 GLY 94 94 94 GLY GLY B . n 
B 1 95 MET 95 95 95 MET MET B . n 
B 1 96 SER 96 96 96 SER SER B . n 
B 1 97 LEU 97 97 97 LEU LEU B . n 
B 1 98 ASN 98 98 98 ASN ASN B . n 
B 1 99 LEU 99 99 99 LEU LEU B . n 
# 
loop_
_pdbx_nonpoly_scheme.asym_id 
_pdbx_nonpoly_scheme.entity_id 
_pdbx_nonpoly_scheme.mon_id 
_pdbx_nonpoly_scheme.ndb_seq_num 
_pdbx_nonpoly_scheme.pdb_seq_num 
_pdbx_nonpoly_scheme.auth_seq_num 
_pdbx_nonpoly_scheme.pdb_mon_id 
_pdbx_nonpoly_scheme.auth_mon_id 
_pdbx_nonpoly_scheme.pdb_strand_id 
_pdbx_nonpoly_scheme.pdb_ins_code 
C 2 0PP 1 100 1   0PP QNC A . 
D 3 HOH 1 301 301 HOH HOH A . 
D 3 HOH 2 302 302 HOH HOH A . 
D 3 HOH 3 303 303 HOH HOH A . 
D 3 HOH 4 304 304 HOH HOH A . 
D 3 HOH 5 306 306 HOH HOH A . 
D 3 HOH 6 307 307 HOH HOH A . 
D 3 HOH 7 308 308 HOH HOH A . 
E 3 HOH 1 305 305 HOH HOH B . 
E 3 HOH 2 401 401 HOH HOH B . 
E 3 HOH 3 402 402 HOH HOH B . 
E 3 HOH 4 403 403 HOH HOH B . 
E 3 HOH 5 404 404 HOH HOH B . 
E 3 HOH 6 405 405 HOH HOH B . 
E 3 HOH 7 406 406 HOH HOH B . 
# 
loop_
_software.name 
_software.classification 
_software.version 
_software.citation_id 
_software.pdbx_ordinal 
X-PLOR    'model building' 3.1 ? 1 
X-PLOR    refinement       3.1 ? 2 
DENZO     'data reduction' .   ? 3 
SCALEPACK 'data scaling'   .   ? 4 
X-PLOR    phasing          3.1 ? 5 
# 
_cell.entry_id           1JLD 
_cell.length_a           62.600 
_cell.length_b           62.600 
_cell.length_c           115.400 
_cell.angle_alpha        90.00 
_cell.angle_beta         90.00 
_cell.angle_gamma        90.00 
_cell.Z_PDB              16 
_cell.pdbx_unique_axis   ? 
_cell.length_a_esd       ? 
_cell.length_b_esd       ? 
_cell.length_c_esd       ? 
_cell.angle_alpha_esd    ? 
_cell.angle_beta_esd     ? 
_cell.angle_gamma_esd    ? 
# 
_symmetry.entry_id                         1JLD 
_symmetry.space_group_name_H-M             'P 43 21 2' 
_symmetry.pdbx_full_space_group_name_H-M   ? 
_symmetry.cell_setting                     ? 
_symmetry.Int_Tables_number                96 
_symmetry.space_group_name_Hall            ? 
# 
_exptl.entry_id          1JLD 
_exptl.method            'X-RAY DIFFRACTION' 
_exptl.crystals_number   1 
# 
_exptl_crystal.id                    1 
_exptl_crystal.density_meas          ? 
_exptl_crystal.density_Matthews      2.62 
_exptl_crystal.density_percent_sol   53.0 
_exptl_crystal.description           ? 
_exptl_crystal.F_000                 ? 
_exptl_crystal.preparation           ? 
# 
_exptl_crystal_grow.crystal_id      1 
_exptl_crystal_grow.method          ? 
_exptl_crystal_grow.temp            ? 
_exptl_crystal_grow.temp_details    ? 
_exptl_crystal_grow.pH              5.4 
_exptl_crystal_grow.pdbx_pH_range   ? 
_exptl_crystal_grow.pdbx_details    'pH 5.4' 
# 
_diffrn.id                     1 
_diffrn.ambient_temp           277 
_diffrn.ambient_temp_details   ? 
_diffrn.crystal_id             1 
# 
_diffrn_detector.diffrn_id              1 
_diffrn_detector.detector               'IMAGE PLATE' 
_diffrn_detector.type                   RIGAKU 
_diffrn_detector.pdbx_collection_date   ? 
_diffrn_detector.details                ? 
# 
_diffrn_radiation.diffrn_id                        1 
_diffrn_radiation.wavelength_id                    1 
_diffrn_radiation.pdbx_monochromatic_or_laue_m_l   M 
_diffrn_radiation.monochromator                    'GRAPHITE(002)' 
_diffrn_radiation.pdbx_diffrn_protocol             ? 
_diffrn_radiation.pdbx_scattering_type             x-ray 
# 
_diffrn_radiation_wavelength.id           1 
_diffrn_radiation_wavelength.wavelength   1.5418 
_diffrn_radiation_wavelength.wt           1.0 
# 
_diffrn_source.diffrn_id                   1 
_diffrn_source.source                      'ROTATING ANODE' 
_diffrn_source.type                        'RIGAKU RUH2R' 
_diffrn_source.pdbx_synchrotron_site       ? 
_diffrn_source.pdbx_synchrotron_beamline   ? 
_diffrn_source.pdbx_wavelength             1.5418 
_diffrn_source.pdbx_wavelength_list        ? 
# 
_reflns.entry_id                     1JLD 
_reflns.observed_criterion_sigma_I   1. 
_reflns.observed_criterion_sigma_F   ? 
_reflns.d_resolution_low             20.0 
_reflns.d_resolution_high            2.5 
_reflns.number_obs                   ? 
_reflns.number_all                   ? 
_reflns.percent_possible_obs         ? 
_reflns.pdbx_Rmerge_I_obs            ? 
_reflns.pdbx_Rsym_value              ? 
_reflns.pdbx_netI_over_sigmaI        ? 
_reflns.B_iso_Wilson_estimate        ? 
_reflns.pdbx_redundancy              ? 
_reflns.R_free_details               ? 
_reflns.limit_h_max                  ? 
_reflns.limit_h_min                  ? 
_reflns.limit_k_max                  ? 
_reflns.limit_k_min                  ? 
_reflns.limit_l_max                  ? 
_reflns.limit_l_min                  ? 
_reflns.observed_criterion_F_max     ? 
_reflns.observed_criterion_F_min     ? 
_reflns.pdbx_chi_squared             ? 
_reflns.pdbx_scaling_rejects         ? 
_reflns.pdbx_ordinal                 1 
_reflns.pdbx_diffrn_id               1 
# 
_refine.entry_id                                 1JLD 
_refine.ls_number_reflns_obs                     6883 
_refine.ls_number_reflns_all                     ? 
_refine.pdbx_ls_sigma_I                          ? 
_refine.pdbx_ls_sigma_F                          1.0 
_refine.pdbx_data_cutoff_high_absF               ? 
_refine.pdbx_data_cutoff_low_absF                ? 
_refine.pdbx_data_cutoff_high_rms_absF           ? 
_refine.ls_d_res_low                             6.0 
_refine.ls_d_res_high                            2.5 
_refine.ls_percent_reflns_obs                    98.0 
_refine.ls_R_factor_obs                          0.179 
_refine.ls_R_factor_all                          ? 
_refine.ls_R_factor_R_work                       0.179 
_refine.ls_R_factor_R_free                       ? 
_refine.ls_R_factor_R_free_error                 ? 
_refine.ls_R_factor_R_free_error_details         ? 
_refine.ls_percent_reflns_R_free                 ? 
_refine.ls_number_reflns_R_free                  ? 
_refine.ls_number_parameters                     ? 
_refine.ls_number_restraints                     ? 
_refine.occupancy_min                            ? 
_refine.occupancy_max                            ? 
_refine.B_iso_mean                               ? 
_refine.aniso_B[1][1]                            ? 
_refine.aniso_B[2][2]                            ? 
_refine.aniso_B[3][3]                            ? 
_refine.aniso_B[1][2]                            ? 
_refine.aniso_B[1][3]                            ? 
_refine.aniso_B[2][3]                            ? 
_refine.solvent_model_details                    ? 
_refine.solvent_model_param_ksol                 ? 
_refine.solvent_model_param_bsol                 ? 
_refine.pdbx_ls_cross_valid_method               ? 
_refine.details                                  ? 
_refine.pdbx_starting_model                      ? 
_refine.pdbx_method_to_determine_struct          'DIFFERENCE ELECTRON DENSITY' 
_refine.pdbx_isotropic_thermal_model             ? 
_refine.pdbx_stereochemistry_target_values       ? 
_refine.pdbx_stereochem_target_val_spec_case     ? 
_refine.pdbx_R_Free_selection_details            ? 
_refine.pdbx_overall_ESU_R_Free                  ? 
_refine.overall_SU_ML                            ? 
_refine.overall_SU_B                             ? 
_refine.ls_redundancy_reflns_obs                 ? 
_refine.pdbx_overall_phase_error                 ? 
_refine.B_iso_min                                ? 
_refine.B_iso_max                                ? 
_refine.correlation_coeff_Fo_to_Fc               ? 
_refine.correlation_coeff_Fo_to_Fc_free          ? 
_refine.pdbx_solvent_vdw_probe_radii             ? 
_refine.pdbx_solvent_ion_probe_radii             ? 
_refine.pdbx_solvent_shrinkage_radii             ? 
_refine.overall_SU_R_Cruickshank_DPI             ? 
_refine.overall_SU_R_free                        ? 
_refine.ls_wR_factor_R_free                      ? 
_refine.ls_wR_factor_R_work                      ? 
_refine.overall_FOM_free_R_set                   ? 
_refine.overall_FOM_work_R_set                   ? 
_refine.pdbx_refine_id                           'X-RAY DIFFRACTION' 
_refine.pdbx_overall_ESU_R                       ? 
_refine.pdbx_diffrn_id                           1 
_refine.pdbx_TLS_residual_ADP_flag               ? 
_refine.pdbx_overall_SU_R_free_Cruickshank_DPI   ? 
_refine.pdbx_overall_SU_R_Blow_DPI               ? 
_refine.pdbx_overall_SU_R_free_Blow_DPI          ? 
# 
_refine_hist.pdbx_refine_id                   'X-RAY DIFFRACTION' 
_refine_hist.cycle_id                         LAST 
_refine_hist.pdbx_number_atoms_protein        1510 
_refine_hist.pdbx_number_atoms_nucleic_acid   0 
_refine_hist.pdbx_number_atoms_ligand         48 
_refine_hist.number_atoms_solvent             14 
_refine_hist.number_atoms_total               1572 
_refine_hist.d_res_high                       2.5 
_refine_hist.d_res_low                        6.0 
# 
loop_
_refine_ls_restr.type 
_refine_ls_restr.dev_ideal 
_refine_ls_restr.dev_ideal_target 
_refine_ls_restr.weight 
_refine_ls_restr.number 
_refine_ls_restr.pdbx_refine_id 
_refine_ls_restr.pdbx_restraint_function 
x_bond_d                0.015 ? ? ? 'X-RAY DIFFRACTION' ? 
x_bond_d_na             ?     ? ? ? 'X-RAY DIFFRACTION' ? 
x_bond_d_prot           ?     ? ? ? 'X-RAY DIFFRACTION' ? 
x_angle_d               ?     ? ? ? 'X-RAY DIFFRACTION' ? 
x_angle_d_na            ?     ? ? ? 'X-RAY DIFFRACTION' ? 
x_angle_d_prot          ?     ? ? ? 'X-RAY DIFFRACTION' ? 
x_angle_deg             2.6   ? ? ? 'X-RAY DIFFRACTION' ? 
x_angle_deg_na          ?     ? ? ? 'X-RAY DIFFRACTION' ? 
x_angle_deg_prot        ?     ? ? ? 'X-RAY DIFFRACTION' ? 
x_dihedral_angle_d      ?     ? ? ? 'X-RAY DIFFRACTION' ? 
x_dihedral_angle_d_na   ?     ? ? ? 'X-RAY DIFFRACTION' ? 
x_dihedral_angle_d_prot ?     ? ? ? 'X-RAY DIFFRACTION' ? 
x_improper_angle_d      ?     ? ? ? 'X-RAY DIFFRACTION' ? 
x_improper_angle_d_na   ?     ? ? ? 'X-RAY DIFFRACTION' ? 
x_improper_angle_d_prot ?     ? ? ? 'X-RAY DIFFRACTION' ? 
x_mcbond_it             ?     ? ? ? 'X-RAY DIFFRACTION' ? 
x_mcangle_it            ?     ? ? ? 'X-RAY DIFFRACTION' ? 
x_scbond_it             ?     ? ? ? 'X-RAY DIFFRACTION' ? 
x_scangle_it            ?     ? ? ? 'X-RAY DIFFRACTION' ? 
# 
_struct.entry_id                  1JLD 
_struct.title                     'Potent hiv protease inhibitors containing a novel (hydroxyethyl)amide isostere' 
_struct.pdbx_model_details        ? 
_struct.pdbx_CASP_flag            ? 
_struct.pdbx_model_type_details   ? 
# 
_struct_keywords.entry_id        1JLD 
_struct_keywords.pdbx_keywords   'HYDROLASE/HYDROLASE INHIBITOR' 
_struct_keywords.text            'POLYPROTEIN, HIV-2 PROTEASE, HYDROLASE-HYDROLASE INHIBITOR COMPLEX, AIDS' 
# 
loop_
_struct_asym.id 
_struct_asym.pdbx_blank_PDB_chainid_flag 
_struct_asym.pdbx_modified 
_struct_asym.entity_id 
_struct_asym.details 
A N N 1 ? 
B N N 1 ? 
C N N 2 ? 
D N N 3 ? 
E N N 3 ? 
# 
_struct_ref.id                         1 
_struct_ref.db_name                    UNP 
_struct_ref.db_code                    Q7SKJ2_9HIV2 
_struct_ref.pdbx_db_accession          Q7SKJ2 
_struct_ref.pdbx_db_isoform            ? 
_struct_ref.entity_id                  1 
_struct_ref.pdbx_seq_one_letter_code   
;PQFSLWKRPVVTAYIEGQPVEVLLDTGADDSIVAGIELGNNYSPKIVGGIGGFINTKEYKNVEIEVLNKKVRATIMTGDT
PINIFGRNILTALGMSLNL
;
_struct_ref.pdbx_align_begin           1 
# 
loop_
_struct_ref_seq.align_id 
_struct_ref_seq.ref_id 
_struct_ref_seq.pdbx_PDB_id_code 
_struct_ref_seq.pdbx_strand_id 
_struct_ref_seq.seq_align_beg 
_struct_ref_seq.pdbx_seq_align_beg_ins_code 
_struct_ref_seq.seq_align_end 
_struct_ref_seq.pdbx_seq_align_end_ins_code 
_struct_ref_seq.pdbx_db_accession 
_struct_ref_seq.db_align_beg 
_struct_ref_seq.pdbx_db_align_beg_ins_code 
_struct_ref_seq.db_align_end 
_struct_ref_seq.pdbx_db_align_end_ins_code 
_struct_ref_seq.pdbx_auth_seq_align_beg 
_struct_ref_seq.pdbx_auth_seq_align_end 
1 1 1JLD A 1 ? 99 ? Q7SKJ2 1 ? 99 ? 1 99 
2 1 1JLD B 1 ? 99 ? Q7SKJ2 1 ? 99 ? 1 99 
# 
_pdbx_struct_assembly.id                   1 
_pdbx_struct_assembly.details              author_and_software_defined_assembly 
_pdbx_struct_assembly.method_details       PISA 
_pdbx_struct_assembly.oligomeric_details   dimeric 
_pdbx_struct_assembly.oligomeric_count     2 
# 
loop_
_pdbx_struct_assembly_prop.biol_id 
_pdbx_struct_assembly_prop.type 
_pdbx_struct_assembly_prop.value 
_pdbx_struct_assembly_prop.details 
1 'ABSA (A^2)' 5320 ? 
1 MORE         -15  ? 
1 'SSA (A^2)'  9260 ? 
# 
_pdbx_struct_assembly_gen.assembly_id       1 
_pdbx_struct_assembly_gen.oper_expression   1 
_pdbx_struct_assembly_gen.asym_id_list      A,B,C,D,E 
# 
_pdbx_struct_oper_list.id                   1 
_pdbx_struct_oper_list.type                 'identity operation' 
_pdbx_struct_oper_list.name                 1_555 
_pdbx_struct_oper_list.symmetry_operation   x,y,z 
_pdbx_struct_oper_list.matrix[1][1]         1.0000000000 
_pdbx_struct_oper_list.matrix[1][2]         0.0000000000 
_pdbx_struct_oper_list.matrix[1][3]         0.0000000000 
_pdbx_struct_oper_list.vector[1]            0.0000000000 
_pdbx_struct_oper_list.matrix[2][1]         0.0000000000 
_pdbx_struct_oper_list.matrix[2][2]         1.0000000000 
_pdbx_struct_oper_list.matrix[2][3]         0.0000000000 
_pdbx_struct_oper_list.vector[2]            0.0000000000 
_pdbx_struct_oper_list.matrix[3][1]         0.0000000000 
_pdbx_struct_oper_list.matrix[3][2]         0.0000000000 
_pdbx_struct_oper_list.matrix[3][3]         1.0000000000 
_pdbx_struct_oper_list.vector[3]            0.0000000000 
# 
_struct_biol.id        1 
_struct_biol.details   ? 
# 
loop_
_struct_conf.conf_type_id 
_struct_conf.id 
_struct_conf.pdbx_PDB_helix_id 
_struct_conf.beg_label_comp_id 
_struct_conf.beg_label_asym_id 
_struct_conf.beg_label_seq_id 
_struct_conf.pdbx_beg_PDB_ins_code 
_struct_conf.end_label_comp_id 
_struct_conf.end_label_asym_id 
_struct_conf.end_label_seq_id 
_struct_conf.pdbx_end_PDB_ins_code 
_struct_conf.beg_auth_comp_id 
_struct_conf.beg_auth_asym_id 
_struct_conf.beg_auth_seq_id 
_struct_conf.end_auth_comp_id 
_struct_conf.end_auth_asym_id 
_struct_conf.end_auth_seq_id 
_struct_conf.pdbx_PDB_helix_class 
_struct_conf.details 
_struct_conf.pdbx_PDB_helix_length 
HELX_P HELX_P1 1 ARG A 87 ? LEU A 93 ? ARG A 87 LEU A 93 1 ? 7 
HELX_P HELX_P2 2 ARG B 87 ? LEU B 93 ? ARG B 87 LEU B 93 1 ? 7 
# 
_struct_conf_type.id          HELX_P 
_struct_conf_type.criteria    ? 
_struct_conf_type.reference   ? 
# 
loop_
_struct_sheet.id 
_struct_sheet.type 
_struct_sheet.number_strands 
_struct_sheet.details 
A ? 4 ? 
B ? 3 ? 
C ? 2 ? 
D ? 3 ? 
E ? 2 ? 
# 
loop_
_struct_sheet_order.sheet_id 
_struct_sheet_order.range_id_1 
_struct_sheet_order.range_id_2 
_struct_sheet_order.offset 
_struct_sheet_order.sense 
A 1 2 ? anti-parallel 
A 2 3 ? anti-parallel 
A 3 4 ? anti-parallel 
B 1 2 ? anti-parallel 
B 2 3 ? anti-parallel 
C 1 2 ? anti-parallel 
D 1 2 ? anti-parallel 
D 2 3 ? anti-parallel 
E 1 2 ? anti-parallel 
# 
loop_
_struct_sheet_range.sheet_id 
_struct_sheet_range.id 
_struct_sheet_range.beg_label_comp_id 
_struct_sheet_range.beg_label_asym_id 
_struct_sheet_range.beg_label_seq_id 
_struct_sheet_range.pdbx_beg_PDB_ins_code 
_struct_sheet_range.end_label_comp_id 
_struct_sheet_range.end_label_asym_id 
_struct_sheet_range.end_label_seq_id 
_struct_sheet_range.pdbx_end_PDB_ins_code 
_struct_sheet_range.beg_auth_comp_id 
_struct_sheet_range.beg_auth_asym_id 
_struct_sheet_range.beg_auth_seq_id 
_struct_sheet_range.end_auth_comp_id 
_struct_sheet_range.end_auth_asym_id 
_struct_sheet_range.end_auth_seq_id 
A 1 GLN A 18 ? LEU A 23 ? GLN A 18 LEU A 23 
A 2 VAL A 10 ? ILE A 15 ? VAL A 10 ILE A 15 
A 3 VAL A 62 ? VAL A 66 ? VAL A 62 VAL A 66 
A 4 LYS A 69 ? ALA A 73 ? LYS A 69 ALA A 73 
B 1 SER A 43 ? GLY A 48 ? SER A 43 GLY A 48 
B 2 PHE A 53 ? TYR A 59 ? PHE A 53 TYR A 59 
B 3 ILE A 75 ? THR A 77 ? ILE A 75 THR A 77 
C 1 VAL B 10 ? ILE B 15 ? VAL B 10 ILE B 15 
C 2 GLN B 18 ? LEU B 23 ? GLN B 18 LEU B 23 
D 1 SER B 43 ? GLY B 48 ? SER B 43 GLY B 48 
D 2 PHE B 53 ? TYR B 59 ? PHE B 53 TYR B 59 
D 3 ILE B 75 ? THR B 77 ? ILE B 75 THR B 77 
E 1 VAL B 62 ? VAL B 66 ? VAL B 62 VAL B 66 
E 2 LYS B 69 ? ALA B 73 ? LYS B 69 ALA B 73 
# 
loop_
_pdbx_struct_sheet_hbond.sheet_id 
_pdbx_struct_sheet_hbond.range_id_1 
_pdbx_struct_sheet_hbond.range_id_2 
_pdbx_struct_sheet_hbond.range_1_label_atom_id 
_pdbx_struct_sheet_hbond.range_1_label_comp_id 
_pdbx_struct_sheet_hbond.range_1_label_asym_id 
_pdbx_struct_sheet_hbond.range_1_label_seq_id 
_pdbx_struct_sheet_hbond.range_1_PDB_ins_code 
_pdbx_struct_sheet_hbond.range_1_auth_atom_id 
_pdbx_struct_sheet_hbond.range_1_auth_comp_id 
_pdbx_struct_sheet_hbond.range_1_auth_asym_id 
_pdbx_struct_sheet_hbond.range_1_auth_seq_id 
_pdbx_struct_sheet_hbond.range_2_label_atom_id 
_pdbx_struct_sheet_hbond.range_2_label_comp_id 
_pdbx_struct_sheet_hbond.range_2_label_asym_id 
_pdbx_struct_sheet_hbond.range_2_label_seq_id 
_pdbx_struct_sheet_hbond.range_2_PDB_ins_code 
_pdbx_struct_sheet_hbond.range_2_auth_atom_id 
_pdbx_struct_sheet_hbond.range_2_auth_comp_id 
_pdbx_struct_sheet_hbond.range_2_auth_asym_id 
_pdbx_struct_sheet_hbond.range_2_auth_seq_id 
A 1 2 O GLN A 18 ? O GLN A 18 N ILE A 15 ? N ILE A 15 
A 2 3 O TYR A 14 ? O TYR A 14 N GLU A 65 ? N GLU A 65 
A 3 4 O VAL A 62 ? O VAL A 62 N ALA A 73 ? N ALA A 73 
B 1 2 O SER A 43 ? O SER A 43 N GLU A 58 ? N GLU A 58 
B 2 3 O LYS A 57 ? O LYS A 57 N THR A 77 ? N THR A 77 
C 1 2 O VAL B 11 ? O VAL B 11 N VAL B 22 ? N VAL B 22 
D 1 2 O SER B 43 ? O SER B 43 N GLU B 58 ? N GLU B 58 
D 2 3 O LYS B 57 ? O LYS B 57 N THR B 77 ? N THR B 77 
E 1 2 O VAL B 62 ? O VAL B 62 N ALA B 73 ? N ALA B 73 
# 
_struct_site.id                   AC1 
_struct_site.pdbx_evidence_code   Software 
_struct_site.pdbx_auth_asym_id    A 
_struct_site.pdbx_auth_comp_id    0PP 
_struct_site.pdbx_auth_seq_id     100 
_struct_site.pdbx_auth_ins_code   ? 
_struct_site.pdbx_num_residues    19 
_struct_site.details              'BINDING SITE FOR RESIDUE 0PP A 100' 
# 
loop_
_struct_site_gen.id 
_struct_site_gen.site_id 
_struct_site_gen.pdbx_num_res 
_struct_site_gen.label_comp_id 
_struct_site_gen.label_asym_id 
_struct_site_gen.label_seq_id 
_struct_site_gen.pdbx_auth_ins_code 
_struct_site_gen.auth_comp_id 
_struct_site_gen.auth_asym_id 
_struct_site_gen.auth_seq_id 
_struct_site_gen.label_atom_id 
_struct_site_gen.label_alt_id 
_struct_site_gen.symmetry 
_struct_site_gen.details 
1  AC1 19 ASP A 25 ? ASP A 25  . ? 1_555 ? 
2  AC1 19 GLY A 27 ? GLY A 27  . ? 1_555 ? 
3  AC1 19 ASP A 29 ? ASP A 29  . ? 1_555 ? 
4  AC1 19 ASP A 30 ? ASP A 30  . ? 1_555 ? 
5  AC1 19 GLY A 48 ? GLY A 48  . ? 1_555 ? 
6  AC1 19 GLY A 49 ? GLY A 49  . ? 1_555 ? 
7  AC1 19 ILE A 50 ? ILE A 50  . ? 1_555 ? 
8  AC1 19 ILE A 82 ? ILE A 82  . ? 1_555 ? 
9  AC1 19 ILE A 84 ? ILE A 84  . ? 1_555 ? 
10 AC1 19 HOH D .  ? HOH A 301 . ? 1_555 ? 
11 AC1 19 ASP B 25 ? ASP B 25  . ? 1_555 ? 
12 AC1 19 GLY B 27 ? GLY B 27  . ? 1_555 ? 
13 AC1 19 ASP B 29 ? ASP B 29  . ? 1_555 ? 
14 AC1 19 ASP B 30 ? ASP B 30  . ? 1_555 ? 
15 AC1 19 GLY B 48 ? GLY B 48  . ? 1_555 ? 
16 AC1 19 GLY B 49 ? GLY B 49  . ? 1_555 ? 
17 AC1 19 ILE B 50 ? ILE B 50  . ? 1_555 ? 
18 AC1 19 ILE B 82 ? ILE B 82  . ? 1_555 ? 
19 AC1 19 ILE B 84 ? ILE B 84  . ? 1_555 ? 
# 
loop_
_pdbx_validate_rmsd_bond.id 
_pdbx_validate_rmsd_bond.PDB_model_num 
_pdbx_validate_rmsd_bond.auth_atom_id_1 
_pdbx_validate_rmsd_bond.auth_asym_id_1 
_pdbx_validate_rmsd_bond.auth_comp_id_1 
_pdbx_validate_rmsd_bond.auth_seq_id_1 
_pdbx_validate_rmsd_bond.PDB_ins_code_1 
_pdbx_validate_rmsd_bond.label_alt_id_1 
_pdbx_validate_rmsd_bond.auth_atom_id_2 
_pdbx_validate_rmsd_bond.auth_asym_id_2 
_pdbx_validate_rmsd_bond.auth_comp_id_2 
_pdbx_validate_rmsd_bond.auth_seq_id_2 
_pdbx_validate_rmsd_bond.PDB_ins_code_2 
_pdbx_validate_rmsd_bond.label_alt_id_2 
_pdbx_validate_rmsd_bond.bond_value 
_pdbx_validate_rmsd_bond.bond_target_value 
_pdbx_validate_rmsd_bond.bond_deviation 
_pdbx_validate_rmsd_bond.bond_standard_deviation 
_pdbx_validate_rmsd_bond.linker_flag 
1 1 CD A GLU 21 ? ? OE1 A GLU 21 ? ? 1.325 1.252 0.073 0.011 N 
2 1 CD A GLU 37 ? ? OE1 A GLU 37 ? ? 1.328 1.252 0.076 0.011 N 
3 1 CD A GLU 63 ? ? OE1 A GLU 63 ? ? 1.341 1.252 0.089 0.011 N 
4 1 CD A GLU 65 ? ? OE1 A GLU 65 ? ? 1.336 1.252 0.084 0.011 N 
5 1 CD B GLU 37 ? ? OE2 B GLU 37 ? ? 1.327 1.252 0.075 0.011 N 
6 1 CD B GLU 65 ? ? OE2 B GLU 65 ? ? 1.334 1.252 0.082 0.011 N 
# 
loop_
_pdbx_validate_rmsd_angle.id 
_pdbx_validate_rmsd_angle.PDB_model_num 
_pdbx_validate_rmsd_angle.auth_atom_id_1 
_pdbx_validate_rmsd_angle.auth_asym_id_1 
_pdbx_validate_rmsd_angle.auth_comp_id_1 
_pdbx_validate_rmsd_angle.auth_seq_id_1 
_pdbx_validate_rmsd_angle.PDB_ins_code_1 
_pdbx_validate_rmsd_angle.label_alt_id_1 
_pdbx_validate_rmsd_angle.auth_atom_id_2 
_pdbx_validate_rmsd_angle.auth_asym_id_2 
_pdbx_validate_rmsd_angle.auth_comp_id_2 
_pdbx_validate_rmsd_angle.auth_seq_id_2 
_pdbx_validate_rmsd_angle.PDB_ins_code_2 
_pdbx_validate_rmsd_angle.label_alt_id_2 
_pdbx_validate_rmsd_angle.auth_atom_id_3 
_pdbx_validate_rmsd_angle.auth_asym_id_3 
_pdbx_validate_rmsd_angle.auth_comp_id_3 
_pdbx_validate_rmsd_angle.auth_seq_id_3 
_pdbx_validate_rmsd_angle.PDB_ins_code_3 
_pdbx_validate_rmsd_angle.label_alt_id_3 
_pdbx_validate_rmsd_angle.angle_value 
_pdbx_validate_rmsd_angle.angle_target_value 
_pdbx_validate_rmsd_angle.angle_deviation 
_pdbx_validate_rmsd_angle.angle_standard_deviation 
_pdbx_validate_rmsd_angle.linker_flag 
1 1 CB A ASP 25 ? ? CG A ASP 25 ? ? OD2 A ASP 25 ? ? 123.79 118.30 5.49  0.90 N 
2 1 CB A ASP 29 ? ? CG A ASP 29 ? ? OD1 A ASP 29 ? ? 124.74 118.30 6.44  0.90 N 
3 1 CB A ASP 29 ? ? CG A ASP 29 ? ? OD2 A ASP 29 ? ? 110.30 118.30 -8.00 0.90 N 
4 1 CB A ASP 30 ? ? CG A ASP 30 ? ? OD1 A ASP 30 ? ? 124.86 118.30 6.56  0.90 N 
5 1 CB A ASP 30 ? ? CG A ASP 30 ? ? OD2 A ASP 30 ? ? 111.83 118.30 -6.47 0.90 N 
6 1 CB B ASP 25 ? ? CG B ASP 25 ? ? OD2 B ASP 25 ? ? 112.81 118.30 -5.49 0.90 N 
7 1 CB B ASP 30 ? ? CG B ASP 30 ? ? OD2 B ASP 30 ? ? 124.62 118.30 6.32  0.90 N 
8 1 CB B ASP 79 ? ? CG B ASP 79 ? ? OD1 B ASP 79 ? ? 110.86 118.30 -7.44 0.90 N 
9 1 NE B ARG 87 ? ? CZ B ARG 87 ? ? NH1 B ARG 87 ? ? 123.97 120.30 3.67  0.50 N 
# 
_pdbx_validate_torsion.id              1 
_pdbx_validate_torsion.PDB_model_num   1 
_pdbx_validate_torsion.auth_comp_id    LEU 
_pdbx_validate_torsion.auth_asym_id    B 
_pdbx_validate_torsion.auth_seq_id     67 
_pdbx_validate_torsion.PDB_ins_code    ? 
_pdbx_validate_torsion.label_alt_id    ? 
_pdbx_validate_torsion.phi             49.61 
_pdbx_validate_torsion.psi             25.27 
# 
_pdbx_molecule_features.prd_id    PRD_000341 
_pdbx_molecule_features.name      
;(2S)-2-tert-butyl-N~4~-(1-ethylpropyl)-N~1~-[(2R,3S)-2-hydroxy-4-phenyl-3-{[N-(quinolin-2-ylcarbonyl)-L-threonyl]
 amino}butyl]butanediamide
;
_pdbx_molecule_features.type      Peptide-like 
_pdbx_molecule_features.class     Inhibitor 
_pdbx_molecule_features.details   ? 
# 
_pdbx_molecule.instance_id   1 
_pdbx_molecule.prd_id        PRD_000341 
_pdbx_molecule.asym_id       C 
# 
loop_
_chem_comp_atom.comp_id 
_chem_comp_atom.atom_id 
_chem_comp_atom.type_symbol 
_chem_comp_atom.pdbx_aromatic_flag 
_chem_comp_atom.pdbx_stereo_config 
_chem_comp_atom.pdbx_ordinal 
0PP C      C N N 1   
0PP O      O N N 2   
0PP N1     N Y N 3   
0PP C2     C Y N 4   
0PP C3     C Y N 5   
0PP C4     C Y N 6   
0PP C5     C Y N 7   
0PP C6     C Y N 8   
0PP C7     C Y N 9   
0PP C8     C Y N 10  
0PP C4A    C Y N 11  
0PP C8A    C Y N 12  
0PP N      N N N 13  
0PP CA     C N S 14  
0PP C1     C N N 15  
0PP O1     O N N 16  
0PP CB     C N R 17  
0PP OG1    O N N 18  
0PP CG2    C N N 19  
0PP N2     N N N 20  
0PP CA1    C N S 21  
0PP C9     C N R 22  
0PP OXT    O N N 23  
0PP CB1    C N N 24  
0PP CG     C Y N 25  
0PP CD1    C Y N 26  
0PP CD2    C Y N 27  
0PP CE1    C Y N 28  
0PP CE2    C Y N 29  
0PP CZ     C Y N 30  
0PP CM     C N N 31  
0PP "N'"   N N N 32  
0PP "C'"   C N N 33  
0PP "O'"   O N N 34  
0PP "C2'"  C N R 35  
0PP CT1    C N N 36  
0PP CT2    C N N 37  
0PP CT3    C N N 38  
0PP CT4    C N N 39  
0PP "C1'"  C N N 40  
0PP CC     C N N 41  
0PP O2     O N N 42  
0PP N3     N N N 43  
0PP C31    C N N 44  
0PP C41    C N N 45  
0PP C51    C N N 46  
0PP C21    C N N 47  
0PP C11    C N N 48  
0PP H3     H N N 49  
0PP H4     H N N 50  
0PP H5     H N N 51  
0PP H6     H N N 52  
0PP H7     H N N 53  
0PP H8     H N N 54  
0PP H      H N N 55  
0PP HA     H N N 56  
0PP HB     H N N 57  
0PP HG1    H N N 58  
0PP HG21   H N N 59  
0PP HG22   H N N 60  
0PP HG23   H N N 61  
0PP H1     H N N 62  
0PP HA1    H N N 63  
0PP HC     H N N 64  
0PP HOR    H N N 65  
0PP HB2    H N N 66  
0PP HB3    H N N 67  
0PP HD1    H N N 68  
0PP HD2    H N N 69  
0PP HE1    H N N 70  
0PP HE2    H N N 71  
0PP HZ     H N N 72  
0PP HM2    H N N 73  
0PP HM3    H N N 74  
0PP "HN'2" H N N 75  
0PP "H2'"  H N N 76  
0PP HT21   H N N 77  
0PP HT22   H N N 78  
0PP HT23   H N N 79  
0PP HT31   H N N 80  
0PP HT32   H N N 81  
0PP HT33   H N N 82  
0PP HT41   H N N 83  
0PP HT42   H N N 84  
0PP HT43   H N N 85  
0PP "H1'1" H N N 86  
0PP "H1'2" H N N 87  
0PP HN     H N N 88  
0PP H31    H N N 89  
0PP H41    H N N 90  
0PP H42    H N N 91  
0PP H51    H N N 92  
0PP H52    H N N 93  
0PP H53    H N N 94  
0PP H21    H N N 95  
0PP H22    H N N 96  
0PP H11    H N N 97  
0PP H12    H N N 98  
0PP H13    H N N 99  
ALA N      N N N 100 
ALA CA     C N S 101 
ALA C      C N N 102 
ALA O      O N N 103 
ALA CB     C N N 104 
ALA OXT    O N N 105 
ALA H      H N N 106 
ALA H2     H N N 107 
ALA HA     H N N 108 
ALA HB1    H N N 109 
ALA HB2    H N N 110 
ALA HB3    H N N 111 
ALA HXT    H N N 112 
ARG N      N N N 113 
ARG CA     C N S 114 
ARG C      C N N 115 
ARG O      O N N 116 
ARG CB     C N N 117 
ARG CG     C N N 118 
ARG CD     C N N 119 
ARG NE     N N N 120 
ARG CZ     C N N 121 
ARG NH1    N N N 122 
ARG NH2    N N N 123 
ARG OXT    O N N 124 
ARG H      H N N 125 
ARG H2     H N N 126 
ARG HA     H N N 127 
ARG HB2    H N N 128 
ARG HB3    H N N 129 
ARG HG2    H N N 130 
ARG HG3    H N N 131 
ARG HD2    H N N 132 
ARG HD3    H N N 133 
ARG HE     H N N 134 
ARG HH11   H N N 135 
ARG HH12   H N N 136 
ARG HH21   H N N 137 
ARG HH22   H N N 138 
ARG HXT    H N N 139 
ASN N      N N N 140 
ASN CA     C N S 141 
ASN C      C N N 142 
ASN O      O N N 143 
ASN CB     C N N 144 
ASN CG     C N N 145 
ASN OD1    O N N 146 
ASN ND2    N N N 147 
ASN OXT    O N N 148 
ASN H      H N N 149 
ASN H2     H N N 150 
ASN HA     H N N 151 
ASN HB2    H N N 152 
ASN HB3    H N N 153 
ASN HD21   H N N 154 
ASN HD22   H N N 155 
ASN HXT    H N N 156 
ASP N      N N N 157 
ASP CA     C N S 158 
ASP C      C N N 159 
ASP O      O N N 160 
ASP CB     C N N 161 
ASP CG     C N N 162 
ASP OD1    O N N 163 
ASP OD2    O N N 164 
ASP OXT    O N N 165 
ASP H      H N N 166 
ASP H2     H N N 167 
ASP HA     H N N 168 
ASP HB2    H N N 169 
ASP HB3    H N N 170 
ASP HD2    H N N 171 
ASP HXT    H N N 172 
GLN N      N N N 173 
GLN CA     C N S 174 
GLN C      C N N 175 
GLN O      O N N 176 
GLN CB     C N N 177 
GLN CG     C N N 178 
GLN CD     C N N 179 
GLN OE1    O N N 180 
GLN NE2    N N N 181 
GLN OXT    O N N 182 
GLN H      H N N 183 
GLN H2     H N N 184 
GLN HA     H N N 185 
GLN HB2    H N N 186 
GLN HB3    H N N 187 
GLN HG2    H N N 188 
GLN HG3    H N N 189 
GLN HE21   H N N 190 
GLN HE22   H N N 191 
GLN HXT    H N N 192 
GLU N      N N N 193 
GLU CA     C N S 194 
GLU C      C N N 195 
GLU O      O N N 196 
GLU CB     C N N 197 
GLU CG     C N N 198 
GLU CD     C N N 199 
GLU OE1    O N N 200 
GLU OE2    O N N 201 
GLU OXT    O N N 202 
GLU H      H N N 203 
GLU H2     H N N 204 
GLU HA     H N N 205 
GLU HB2    H N N 206 
GLU HB3    H N N 207 
GLU HG2    H N N 208 
GLU HG3    H N N 209 
GLU HE2    H N N 210 
GLU HXT    H N N 211 
GLY N      N N N 212 
GLY CA     C N N 213 
GLY C      C N N 214 
GLY O      O N N 215 
GLY OXT    O N N 216 
GLY H      H N N 217 
GLY H2     H N N 218 
GLY HA2    H N N 219 
GLY HA3    H N N 220 
GLY HXT    H N N 221 
HOH O      O N N 222 
HOH H1     H N N 223 
HOH H2     H N N 224 
ILE N      N N N 225 
ILE CA     C N S 226 
ILE C      C N N 227 
ILE O      O N N 228 
ILE CB     C N S 229 
ILE CG1    C N N 230 
ILE CG2    C N N 231 
ILE CD1    C N N 232 
ILE OXT    O N N 233 
ILE H      H N N 234 
ILE H2     H N N 235 
ILE HA     H N N 236 
ILE HB     H N N 237 
ILE HG12   H N N 238 
ILE HG13   H N N 239 
ILE HG21   H N N 240 
ILE HG22   H N N 241 
ILE HG23   H N N 242 
ILE HD11   H N N 243 
ILE HD12   H N N 244 
ILE HD13   H N N 245 
ILE HXT    H N N 246 
LEU N      N N N 247 
LEU CA     C N S 248 
LEU C      C N N 249 
LEU O      O N N 250 
LEU CB     C N N 251 
LEU CG     C N N 252 
LEU CD1    C N N 253 
LEU CD2    C N N 254 
LEU OXT    O N N 255 
LEU H      H N N 256 
LEU H2     H N N 257 
LEU HA     H N N 258 
LEU HB2    H N N 259 
LEU HB3    H N N 260 
LEU HG     H N N 261 
LEU HD11   H N N 262 
LEU HD12   H N N 263 
LEU HD13   H N N 264 
LEU HD21   H N N 265 
LEU HD22   H N N 266 
LEU HD23   H N N 267 
LEU HXT    H N N 268 
LYS N      N N N 269 
LYS CA     C N S 270 
LYS C      C N N 271 
LYS O      O N N 272 
LYS CB     C N N 273 
LYS CG     C N N 274 
LYS CD     C N N 275 
LYS CE     C N N 276 
LYS NZ     N N N 277 
LYS OXT    O N N 278 
LYS H      H N N 279 
LYS H2     H N N 280 
LYS HA     H N N 281 
LYS HB2    H N N 282 
LYS HB3    H N N 283 
LYS HG2    H N N 284 
LYS HG3    H N N 285 
LYS HD2    H N N 286 
LYS HD3    H N N 287 
LYS HE2    H N N 288 
LYS HE3    H N N 289 
LYS HZ1    H N N 290 
LYS HZ2    H N N 291 
LYS HZ3    H N N 292 
LYS HXT    H N N 293 
MET N      N N N 294 
MET CA     C N S 295 
MET C      C N N 296 
MET O      O N N 297 
MET CB     C N N 298 
MET CG     C N N 299 
MET SD     S N N 300 
MET CE     C N N 301 
MET OXT    O N N 302 
MET H      H N N 303 
MET H2     H N N 304 
MET HA     H N N 305 
MET HB2    H N N 306 
MET HB3    H N N 307 
MET HG2    H N N 308 
MET HG3    H N N 309 
MET HE1    H N N 310 
MET HE2    H N N 311 
MET HE3    H N N 312 
MET HXT    H N N 313 
PHE N      N N N 314 
PHE CA     C N S 315 
PHE C      C N N 316 
PHE O      O N N 317 
PHE CB     C N N 318 
PHE CG     C Y N 319 
PHE CD1    C Y N 320 
PHE CD2    C Y N 321 
PHE CE1    C Y N 322 
PHE CE2    C Y N 323 
PHE CZ     C Y N 324 
PHE OXT    O N N 325 
PHE H      H N N 326 
PHE H2     H N N 327 
PHE HA     H N N 328 
PHE HB2    H N N 329 
PHE HB3    H N N 330 
PHE HD1    H N N 331 
PHE HD2    H N N 332 
PHE HE1    H N N 333 
PHE HE2    H N N 334 
PHE HZ     H N N 335 
PHE HXT    H N N 336 
PRO N      N N N 337 
PRO CA     C N S 338 
PRO C      C N N 339 
PRO O      O N N 340 
PRO CB     C N N 341 
PRO CG     C N N 342 
PRO CD     C N N 343 
PRO OXT    O N N 344 
PRO H      H N N 345 
PRO HA     H N N 346 
PRO HB2    H N N 347 
PRO HB3    H N N 348 
PRO HG2    H N N 349 
PRO HG3    H N N 350 
PRO HD2    H N N 351 
PRO HD3    H N N 352 
PRO HXT    H N N 353 
SER N      N N N 354 
SER CA     C N S 355 
SER C      C N N 356 
SER O      O N N 357 
SER CB     C N N 358 
SER OG     O N N 359 
SER OXT    O N N 360 
SER H      H N N 361 
SER H2     H N N 362 
SER HA     H N N 363 
SER HB2    H N N 364 
SER HB3    H N N 365 
SER HG     H N N 366 
SER HXT    H N N 367 
THR N      N N N 368 
THR CA     C N S 369 
THR C      C N N 370 
THR O      O N N 371 
THR CB     C N R 372 
THR OG1    O N N 373 
THR CG2    C N N 374 
THR OXT    O N N 375 
THR H      H N N 376 
THR H2     H N N 377 
THR HA     H N N 378 
THR HB     H N N 379 
THR HG1    H N N 380 
THR HG21   H N N 381 
THR HG22   H N N 382 
THR HG23   H N N 383 
THR HXT    H N N 384 
TRP N      N N N 385 
TRP CA     C N S 386 
TRP C      C N N 387 
TRP O      O N N 388 
TRP CB     C N N 389 
TRP CG     C Y N 390 
TRP CD1    C Y N 391 
TRP CD2    C Y N 392 
TRP NE1    N Y N 393 
TRP CE2    C Y N 394 
TRP CE3    C Y N 395 
TRP CZ2    C Y N 396 
TRP CZ3    C Y N 397 
TRP CH2    C Y N 398 
TRP OXT    O N N 399 
TRP H      H N N 400 
TRP H2     H N N 401 
TRP HA     H N N 402 
TRP HB2    H N N 403 
TRP HB3    H N N 404 
TRP HD1    H N N 405 
TRP HE1    H N N 406 
TRP HE3    H N N 407 
TRP HZ2    H N N 408 
TRP HZ3    H N N 409 
TRP HH2    H N N 410 
TRP HXT    H N N 411 
TYR N      N N N 412 
TYR CA     C N S 413 
TYR C      C N N 414 
TYR O      O N N 415 
TYR CB     C N N 416 
TYR CG     C Y N 417 
TYR CD1    C Y N 418 
TYR CD2    C Y N 419 
TYR CE1    C Y N 420 
TYR CE2    C Y N 421 
TYR CZ     C Y N 422 
TYR OH     O N N 423 
TYR OXT    O N N 424 
TYR H      H N N 425 
TYR H2     H N N 426 
TYR HA     H N N 427 
TYR HB2    H N N 428 
TYR HB3    H N N 429 
TYR HD1    H N N 430 
TYR HD2    H N N 431 
TYR HE1    H N N 432 
TYR HE2    H N N 433 
TYR HH     H N N 434 
TYR HXT    H N N 435 
VAL N      N N N 436 
VAL CA     C N S 437 
VAL C      C N N 438 
VAL O      O N N 439 
VAL CB     C N N 440 
VAL CG1    C N N 441 
VAL CG2    C N N 442 
VAL OXT    O N N 443 
VAL H      H N N 444 
VAL H2     H N N 445 
VAL HA     H N N 446 
VAL HB     H N N 447 
VAL HG11   H N N 448 
VAL HG12   H N N 449 
VAL HG13   H N N 450 
VAL HG21   H N N 451 
VAL HG22   H N N 452 
VAL HG23   H N N 453 
VAL HXT    H N N 454 
# 
loop_
_chem_comp_bond.comp_id 
_chem_comp_bond.atom_id_1 
_chem_comp_bond.atom_id_2 
_chem_comp_bond.value_order 
_chem_comp_bond.pdbx_aromatic_flag 
_chem_comp_bond.pdbx_stereo_config 
_chem_comp_bond.pdbx_ordinal 
0PP O     C      doub N N 1   
0PP C     C2     sing N N 2   
0PP N1    C2     doub Y N 3   
0PP N1    C8A    sing Y N 4   
0PP C2    C3     sing Y N 5   
0PP C3    C4     doub Y N 6   
0PP C3    H3     sing N N 7   
0PP C4    C4A    sing Y N 8   
0PP C4    H4     sing N N 9   
0PP C4A   C5     doub Y N 10  
0PP C4A   C8A    sing Y N 11  
0PP C5    C6     sing Y N 12  
0PP C5    H5     sing N N 13  
0PP C6    C7     doub Y N 14  
0PP C6    H6     sing N N 15  
0PP C7    C8     sing Y N 16  
0PP C7    H7     sing N N 17  
0PP C8    C8A    doub Y N 18  
0PP C8    H8     sing N N 19  
0PP N     CA     sing N N 20  
0PP N     H      sing N N 21  
0PP CA    C1     sing N N 22  
0PP CA    CB     sing N N 23  
0PP CA    HA     sing N N 24  
0PP C1    O1     doub N N 25  
0PP CB    OG1    sing N N 26  
0PP CB    CG2    sing N N 27  
0PP CB    HB     sing N N 28  
0PP OG1   HG1    sing N N 29  
0PP CG2   HG21   sing N N 30  
0PP CG2   HG22   sing N N 31  
0PP CG2   HG23   sing N N 32  
0PP N2    CA1    sing N N 33  
0PP N2    H1     sing N N 34  
0PP CA1   C9     sing N N 35  
0PP CA1   CB1    sing N N 36  
0PP CA1   HA1    sing N N 37  
0PP C9    OXT    sing N N 38  
0PP C9    CM     sing N N 39  
0PP C9    HC     sing N N 40  
0PP OXT   HOR    sing N N 41  
0PP CB1   CG     sing N N 42  
0PP CB1   HB2    sing N N 43  
0PP CB1   HB3    sing N N 44  
0PP CG    CD1    doub Y N 45  
0PP CG    CD2    sing Y N 46  
0PP CD1   CE1    sing Y N 47  
0PP CD1   HD1    sing N N 48  
0PP CD2   CE2    doub Y N 49  
0PP CD2   HD2    sing N N 50  
0PP CE1   CZ     doub Y N 51  
0PP CE1   HE1    sing N N 52  
0PP CE2   CZ     sing Y N 53  
0PP CE2   HE2    sing N N 54  
0PP CZ    HZ     sing N N 55  
0PP CM    HM2    sing N N 56  
0PP CM    HM3    sing N N 57  
0PP "N'"  "C'"   sing N N 58  
0PP "N'"  "HN'2" sing N N 59  
0PP "C'"  "O'"   doub N N 60  
0PP "C'"  "C2'"  sing N N 61  
0PP "C2'" CT1    sing N N 62  
0PP "C2'" "C1'"  sing N N 63  
0PP "C2'" "H2'"  sing N N 64  
0PP CT1   CT2    sing N N 65  
0PP CT1   CT3    sing N N 66  
0PP CT1   CT4    sing N N 67  
0PP CT2   HT21   sing N N 68  
0PP CT2   HT22   sing N N 69  
0PP CT2   HT23   sing N N 70  
0PP CT3   HT31   sing N N 71  
0PP CT3   HT32   sing N N 72  
0PP CT3   HT33   sing N N 73  
0PP CT4   HT41   sing N N 74  
0PP CT4   HT42   sing N N 75  
0PP CT4   HT43   sing N N 76  
0PP "C1'" CC     sing N N 77  
0PP "C1'" "H1'1" sing N N 78  
0PP "C1'" "H1'2" sing N N 79  
0PP CC    O2     doub N N 80  
0PP CC    N3     sing N N 81  
0PP N3    C31    sing N N 82  
0PP N3    HN     sing N N 83  
0PP C31   C41    sing N N 84  
0PP C31   C21    sing N N 85  
0PP C31   H31    sing N N 86  
0PP C41   C51    sing N N 87  
0PP C41   H41    sing N N 88  
0PP C41   H42    sing N N 89  
0PP C51   H51    sing N N 90  
0PP C51   H52    sing N N 91  
0PP C51   H53    sing N N 92  
0PP C21   C11    sing N N 93  
0PP C21   H21    sing N N 94  
0PP C21   H22    sing N N 95  
0PP C11   H11    sing N N 96  
0PP C11   H12    sing N N 97  
0PP C11   H13    sing N N 98  
0PP C     N      sing N N 99  
0PP C1    N2     sing N N 100 
0PP CM    "N'"   sing N N 101 
ALA N     CA     sing N N 102 
ALA N     H      sing N N 103 
ALA N     H2     sing N N 104 
ALA CA    C      sing N N 105 
ALA CA    CB     sing N N 106 
ALA CA    HA     sing N N 107 
ALA C     O      doub N N 108 
ALA C     OXT    sing N N 109 
ALA CB    HB1    sing N N 110 
ALA CB    HB2    sing N N 111 
ALA CB    HB3    sing N N 112 
ALA OXT   HXT    sing N N 113 
ARG N     CA     sing N N 114 
ARG N     H      sing N N 115 
ARG N     H2     sing N N 116 
ARG CA    C      sing N N 117 
ARG CA    CB     sing N N 118 
ARG CA    HA     sing N N 119 
ARG C     O      doub N N 120 
ARG C     OXT    sing N N 121 
ARG CB    CG     sing N N 122 
ARG CB    HB2    sing N N 123 
ARG CB    HB3    sing N N 124 
ARG CG    CD     sing N N 125 
ARG CG    HG2    sing N N 126 
ARG CG    HG3    sing N N 127 
ARG CD    NE     sing N N 128 
ARG CD    HD2    sing N N 129 
ARG CD    HD3    sing N N 130 
ARG NE    CZ     sing N N 131 
ARG NE    HE     sing N N 132 
ARG CZ    NH1    sing N N 133 
ARG CZ    NH2    doub N N 134 
ARG NH1   HH11   sing N N 135 
ARG NH1   HH12   sing N N 136 
ARG NH2   HH21   sing N N 137 
ARG NH2   HH22   sing N N 138 
ARG OXT   HXT    sing N N 139 
ASN N     CA     sing N N 140 
ASN N     H      sing N N 141 
ASN N     H2     sing N N 142 
ASN CA    C      sing N N 143 
ASN CA    CB     sing N N 144 
ASN CA    HA     sing N N 145 
ASN C     O      doub N N 146 
ASN C     OXT    sing N N 147 
ASN CB    CG     sing N N 148 
ASN CB    HB2    sing N N 149 
ASN CB    HB3    sing N N 150 
ASN CG    OD1    doub N N 151 
ASN CG    ND2    sing N N 152 
ASN ND2   HD21   sing N N 153 
ASN ND2   HD22   sing N N 154 
ASN OXT   HXT    sing N N 155 
ASP N     CA     sing N N 156 
ASP N     H      sing N N 157 
ASP N     H2     sing N N 158 
ASP CA    C      sing N N 159 
ASP CA    CB     sing N N 160 
ASP CA    HA     sing N N 161 
ASP C     O      doub N N 162 
ASP C     OXT    sing N N 163 
ASP CB    CG     sing N N 164 
ASP CB    HB2    sing N N 165 
ASP CB    HB3    sing N N 166 
ASP CG    OD1    doub N N 167 
ASP CG    OD2    sing N N 168 
ASP OD2   HD2    sing N N 169 
ASP OXT   HXT    sing N N 170 
GLN N     CA     sing N N 171 
GLN N     H      sing N N 172 
GLN N     H2     sing N N 173 
GLN CA    C      sing N N 174 
GLN CA    CB     sing N N 175 
GLN CA    HA     sing N N 176 
GLN C     O      doub N N 177 
GLN C     OXT    sing N N 178 
GLN CB    CG     sing N N 179 
GLN CB    HB2    sing N N 180 
GLN CB    HB3    sing N N 181 
GLN CG    CD     sing N N 182 
GLN CG    HG2    sing N N 183 
GLN CG    HG3    sing N N 184 
GLN CD    OE1    doub N N 185 
GLN CD    NE2    sing N N 186 
GLN NE2   HE21   sing N N 187 
GLN NE2   HE22   sing N N 188 
GLN OXT   HXT    sing N N 189 
GLU N     CA     sing N N 190 
GLU N     H      sing N N 191 
GLU N     H2     sing N N 192 
GLU CA    C      sing N N 193 
GLU CA    CB     sing N N 194 
GLU CA    HA     sing N N 195 
GLU C     O      doub N N 196 
GLU C     OXT    sing N N 197 
GLU CB    CG     sing N N 198 
GLU CB    HB2    sing N N 199 
GLU CB    HB3    sing N N 200 
GLU CG    CD     sing N N 201 
GLU CG    HG2    sing N N 202 
GLU CG    HG3    sing N N 203 
GLU CD    OE1    doub N N 204 
GLU CD    OE2    sing N N 205 
GLU OE2   HE2    sing N N 206 
GLU OXT   HXT    sing N N 207 
GLY N     CA     sing N N 208 
GLY N     H      sing N N 209 
GLY N     H2     sing N N 210 
GLY CA    C      sing N N 211 
GLY CA    HA2    sing N N 212 
GLY CA    HA3    sing N N 213 
GLY C     O      doub N N 214 
GLY C     OXT    sing N N 215 
GLY OXT   HXT    sing N N 216 
HOH O     H1     sing N N 217 
HOH O     H2     sing N N 218 
ILE N     CA     sing N N 219 
ILE N     H      sing N N 220 
ILE N     H2     sing N N 221 
ILE CA    C      sing N N 222 
ILE CA    CB     sing N N 223 
ILE CA    HA     sing N N 224 
ILE C     O      doub N N 225 
ILE C     OXT    sing N N 226 
ILE CB    CG1    sing N N 227 
ILE CB    CG2    sing N N 228 
ILE CB    HB     sing N N 229 
ILE CG1   CD1    sing N N 230 
ILE CG1   HG12   sing N N 231 
ILE CG1   HG13   sing N N 232 
ILE CG2   HG21   sing N N 233 
ILE CG2   HG22   sing N N 234 
ILE CG2   HG23   sing N N 235 
ILE CD1   HD11   sing N N 236 
ILE CD1   HD12   sing N N 237 
ILE CD1   HD13   sing N N 238 
ILE OXT   HXT    sing N N 239 
LEU N     CA     sing N N 240 
LEU N     H      sing N N 241 
LEU N     H2     sing N N 242 
LEU CA    C      sing N N 243 
LEU CA    CB     sing N N 244 
LEU CA    HA     sing N N 245 
LEU C     O      doub N N 246 
LEU C     OXT    sing N N 247 
LEU CB    CG     sing N N 248 
LEU CB    HB2    sing N N 249 
LEU CB    HB3    sing N N 250 
LEU CG    CD1    sing N N 251 
LEU CG    CD2    sing N N 252 
LEU CG    HG     sing N N 253 
LEU CD1   HD11   sing N N 254 
LEU CD1   HD12   sing N N 255 
LEU CD1   HD13   sing N N 256 
LEU CD2   HD21   sing N N 257 
LEU CD2   HD22   sing N N 258 
LEU CD2   HD23   sing N N 259 
LEU OXT   HXT    sing N N 260 
LYS N     CA     sing N N 261 
LYS N     H      sing N N 262 
LYS N     H2     sing N N 263 
LYS CA    C      sing N N 264 
LYS CA    CB     sing N N 265 
LYS CA    HA     sing N N 266 
LYS C     O      doub N N 267 
LYS C     OXT    sing N N 268 
LYS CB    CG     sing N N 269 
LYS CB    HB2    sing N N 270 
LYS CB    HB3    sing N N 271 
LYS CG    CD     sing N N 272 
LYS CG    HG2    sing N N 273 
LYS CG    HG3    sing N N 274 
LYS CD    CE     sing N N 275 
LYS CD    HD2    sing N N 276 
LYS CD    HD3    sing N N 277 
LYS CE    NZ     sing N N 278 
LYS CE    HE2    sing N N 279 
LYS CE    HE3    sing N N 280 
LYS NZ    HZ1    sing N N 281 
LYS NZ    HZ2    sing N N 282 
LYS NZ    HZ3    sing N N 283 
LYS OXT   HXT    sing N N 284 
MET N     CA     sing N N 285 
MET N     H      sing N N 286 
MET N     H2     sing N N 287 
MET CA    C      sing N N 288 
MET CA    CB     sing N N 289 
MET CA    HA     sing N N 290 
MET C     O      doub N N 291 
MET C     OXT    sing N N 292 
MET CB    CG     sing N N 293 
MET CB    HB2    sing N N 294 
MET CB    HB3    sing N N 295 
MET CG    SD     sing N N 296 
MET CG    HG2    sing N N 297 
MET CG    HG3    sing N N 298 
MET SD    CE     sing N N 299 
MET CE    HE1    sing N N 300 
MET CE    HE2    sing N N 301 
MET CE    HE3    sing N N 302 
MET OXT   HXT    sing N N 303 
PHE N     CA     sing N N 304 
PHE N     H      sing N N 305 
PHE N     H2     sing N N 306 
PHE CA    C      sing N N 307 
PHE CA    CB     sing N N 308 
PHE CA    HA     sing N N 309 
PHE C     O      doub N N 310 
PHE C     OXT    sing N N 311 
PHE CB    CG     sing N N 312 
PHE CB    HB2    sing N N 313 
PHE CB    HB3    sing N N 314 
PHE CG    CD1    doub Y N 315 
PHE CG    CD2    sing Y N 316 
PHE CD1   CE1    sing Y N 317 
PHE CD1   HD1    sing N N 318 
PHE CD2   CE2    doub Y N 319 
PHE CD2   HD2    sing N N 320 
PHE CE1   CZ     doub Y N 321 
PHE CE1   HE1    sing N N 322 
PHE CE2   CZ     sing Y N 323 
PHE CE2   HE2    sing N N 324 
PHE CZ    HZ     sing N N 325 
PHE OXT   HXT    sing N N 326 
PRO N     CA     sing N N 327 
PRO N     CD     sing N N 328 
PRO N     H      sing N N 329 
PRO CA    C      sing N N 330 
PRO CA    CB     sing N N 331 
PRO CA    HA     sing N N 332 
PRO C     O      doub N N 333 
PRO C     OXT    sing N N 334 
PRO CB    CG     sing N N 335 
PRO CB    HB2    sing N N 336 
PRO CB    HB3    sing N N 337 
PRO CG    CD     sing N N 338 
PRO CG    HG2    sing N N 339 
PRO CG    HG3    sing N N 340 
PRO CD    HD2    sing N N 341 
PRO CD    HD3    sing N N 342 
PRO OXT   HXT    sing N N 343 
SER N     CA     sing N N 344 
SER N     H      sing N N 345 
SER N     H2     sing N N 346 
SER CA    C      sing N N 347 
SER CA    CB     sing N N 348 
SER CA    HA     sing N N 349 
SER C     O      doub N N 350 
SER C     OXT    sing N N 351 
SER CB    OG     sing N N 352 
SER CB    HB2    sing N N 353 
SER CB    HB3    sing N N 354 
SER OG    HG     sing N N 355 
SER OXT   HXT    sing N N 356 
THR N     CA     sing N N 357 
THR N     H      sing N N 358 
THR N     H2     sing N N 359 
THR CA    C      sing N N 360 
THR CA    CB     sing N N 361 
THR CA    HA     sing N N 362 
THR C     O      doub N N 363 
THR C     OXT    sing N N 364 
THR CB    OG1    sing N N 365 
THR CB    CG2    sing N N 366 
THR CB    HB     sing N N 367 
THR OG1   HG1    sing N N 368 
THR CG2   HG21   sing N N 369 
THR CG2   HG22   sing N N 370 
THR CG2   HG23   sing N N 371 
THR OXT   HXT    sing N N 372 
TRP N     CA     sing N N 373 
TRP N     H      sing N N 374 
TRP N     H2     sing N N 375 
TRP CA    C      sing N N 376 
TRP CA    CB     sing N N 377 
TRP CA    HA     sing N N 378 
TRP C     O      doub N N 379 
TRP C     OXT    sing N N 380 
TRP CB    CG     sing N N 381 
TRP CB    HB2    sing N N 382 
TRP CB    HB3    sing N N 383 
TRP CG    CD1    doub Y N 384 
TRP CG    CD2    sing Y N 385 
TRP CD1   NE1    sing Y N 386 
TRP CD1   HD1    sing N N 387 
TRP CD2   CE2    doub Y N 388 
TRP CD2   CE3    sing Y N 389 
TRP NE1   CE2    sing Y N 390 
TRP NE1   HE1    sing N N 391 
TRP CE2   CZ2    sing Y N 392 
TRP CE3   CZ3    doub Y N 393 
TRP CE3   HE3    sing N N 394 
TRP CZ2   CH2    doub Y N 395 
TRP CZ2   HZ2    sing N N 396 
TRP CZ3   CH2    sing Y N 397 
TRP CZ3   HZ3    sing N N 398 
TRP CH2   HH2    sing N N 399 
TRP OXT   HXT    sing N N 400 
TYR N     CA     sing N N 401 
TYR N     H      sing N N 402 
TYR N     H2     sing N N 403 
TYR CA    C      sing N N 404 
TYR CA    CB     sing N N 405 
TYR CA    HA     sing N N 406 
TYR C     O      doub N N 407 
TYR C     OXT    sing N N 408 
TYR CB    CG     sing N N 409 
TYR CB    HB2    sing N N 410 
TYR CB    HB3    sing N N 411 
TYR CG    CD1    doub Y N 412 
TYR CG    CD2    sing Y N 413 
TYR CD1   CE1    sing Y N 414 
TYR CD1   HD1    sing N N 415 
TYR CD2   CE2    doub Y N 416 
TYR CD2   HD2    sing N N 417 
TYR CE1   CZ     doub Y N 418 
TYR CE1   HE1    sing N N 419 
TYR CE2   CZ     sing Y N 420 
TYR CE2   HE2    sing N N 421 
TYR CZ    OH     sing N N 422 
TYR OH    HH     sing N N 423 
TYR OXT   HXT    sing N N 424 
VAL N     CA     sing N N 425 
VAL N     H      sing N N 426 
VAL N     H2     sing N N 427 
VAL CA    C      sing N N 428 
VAL CA    CB     sing N N 429 
VAL CA    HA     sing N N 430 
VAL C     O      doub N N 431 
VAL C     OXT    sing N N 432 
VAL CB    CG1    sing N N 433 
VAL CB    CG2    sing N N 434 
VAL CB    HB     sing N N 435 
VAL CG1   HG11   sing N N 436 
VAL CG1   HG12   sing N N 437 
VAL CG1   HG13   sing N N 438 
VAL CG2   HG21   sing N N 439 
VAL CG2   HG22   sing N N 440 
VAL CG2   HG23   sing N N 441 
VAL OXT   HXT    sing N N 442 
# 
_atom_sites.entry_id                    1JLD 
_atom_sites.fract_transf_matrix[1][1]   -0.00225493 
_atom_sites.fract_transf_matrix[1][2]   0.01529726 
_atom_sites.fract_transf_matrix[1][3]   -0.00400971 
_atom_sites.fract_transf_matrix[2][1]   0.01051253 
_atom_sites.fract_transf_matrix[2][2]   0.00447578 
_atom_sites.fract_transf_matrix[2][3]   0.01116345 
_atom_sites.fract_transf_matrix[3][1]   0.00640917 
_atom_sites.fract_transf_matrix[3][2]   -0.00057665 
_atom_sites.fract_transf_matrix[3][3]   -0.00580427 
_atom_sites.fract_transf_vector[1]      0.893821 
_atom_sites.fract_transf_vector[2]      0.410731 
_atom_sites.fract_transf_vector[3]      0.031233 
# 
loop_
_atom_type.symbol 
C 
N 
O 
S 
# 
loop_
_atom_site.group_PDB 
_atom_site.id 
_atom_site.type_symbol 
_atom_site.label_atom_id 
_atom_site.label_alt_id 
_atom_site.label_comp_id 
_atom_site.label_asym_id 
_atom_site.label_entity_id 
_atom_site.label_seq_id 
_atom_site.pdbx_PDB_ins_code 
_atom_site.Cartn_x 
_atom_site.Cartn_y 
_atom_site.Cartn_z 
_atom_site.occupancy 
_atom_site.B_iso_or_equiv 
_atom_site.pdbx_formal_charge 
_atom_site.auth_seq_id 
_atom_site.auth_comp_id 
_atom_site.auth_asym_id 
_atom_site.auth_atom_id 
_atom_site.pdbx_PDB_model_num 
ATOM   1    N N     . PRO A 1 1  ? 9.728   12.357  11.744  1.00 19.14 ? 1   PRO A N     1 
ATOM   2    C CA    . PRO A 1 1  ? 10.384  11.416  10.891  1.00 19.32 ? 1   PRO A CA    1 
ATOM   3    C C     . PRO A 1 1  ? 9.725   11.350  9.551   1.00 18.79 ? 1   PRO A C     1 
ATOM   4    O O     . PRO A 1 1  ? 8.552   11.144  9.427   1.00 23.31 ? 1   PRO A O     1 
ATOM   5    C CB    . PRO A 1 1  ? 10.372  10.061  11.580  1.00 18.78 ? 1   PRO A CB    1 
ATOM   6    C CG    . PRO A 1 1  ? 10.112  10.363  13.042  1.00 20.21 ? 1   PRO A CG    1 
ATOM   7    C CD    . PRO A 1 1  ? 9.581   11.785  13.108  1.00 19.95 ? 1   PRO A CD    1 
ATOM   8    N N     . GLN A 1 2  ? 10.571  11.477  8.572   1.00 21.31 ? 2   GLN A N     1 
ATOM   9    C CA    . GLN A 1 2  ? 10.274  11.536  7.176   1.00 18.01 ? 2   GLN A CA    1 
ATOM   10   C C     . GLN A 1 2  ? 10.937  10.355  6.487   1.00 15.79 ? 2   GLN A C     1 
ATOM   11   O O     . GLN A 1 2  ? 12.120  10.031  6.745   1.00 16.80 ? 2   GLN A O     1 
ATOM   12   C CB    . GLN A 1 2  ? 10.866  12.901  6.763   1.00 15.91 ? 2   GLN A CB    1 
ATOM   13   C CG    . GLN A 1 2  ? 10.982  13.215  5.268   1.00 18.42 ? 2   GLN A CG    1 
ATOM   14   C CD    . GLN A 1 2  ? 11.272  14.694  5.082   1.00 21.81 ? 2   GLN A CD    1 
ATOM   15   O OE1   . GLN A 1 2  ? 11.779  15.381  5.996   1.00 26.92 ? 2   GLN A OE1   1 
ATOM   16   N NE2   . GLN A 1 2  ? 10.901  15.219  3.932   1.00 21.93 ? 2   GLN A NE2   1 
ATOM   17   N N     . PHE A 1 3  ? 10.137  9.667   5.688   1.00 10.41 ? 3   PHE A N     1 
ATOM   18   C CA    . PHE A 1 3  ? 10.551  8.487   4.950   1.00 9.15  ? 3   PHE A CA    1 
ATOM   19   C C     . PHE A 1 3  ? 10.556  8.720   3.438   1.00 11.14 ? 3   PHE A C     1 
ATOM   20   O O     . PHE A 1 3  ? 9.552   9.120   2.846   1.00 10.94 ? 3   PHE A O     1 
ATOM   21   C CB    . PHE A 1 3  ? 9.642   7.286   5.226   1.00 11.66 ? 3   PHE A CB    1 
ATOM   22   C CG    . PHE A 1 3  ? 9.439   6.966   6.698   1.00 16.42 ? 3   PHE A CG    1 
ATOM   23   C CD1   . PHE A 1 3  ? 8.774   7.848   7.561   1.00 12.94 ? 3   PHE A CD1   1 
ATOM   24   C CD2   . PHE A 1 3  ? 9.908   5.749   7.203   1.00 16.19 ? 3   PHE A CD2   1 
ATOM   25   C CE1   . PHE A 1 3  ? 8.592   7.554   8.912   1.00 11.00 ? 3   PHE A CE1   1 
ATOM   26   C CE2   . PHE A 1 3  ? 9.689   5.412   8.541   1.00 15.37 ? 3   PHE A CE2   1 
ATOM   27   C CZ    . PHE A 1 3  ? 9.085   6.339   9.390   1.00 12.66 ? 3   PHE A CZ    1 
ATOM   28   N N     . SER A 1 4  ? 11.721  8.531   2.821   1.00 10.39 ? 4   SER A N     1 
ATOM   29   C CA    . SER A 1 4  ? 11.847  8.582   1.382   1.00 9.67  ? 4   SER A CA    1 
ATOM   30   C C     . SER A 1 4  ? 11.444  7.169   0.919   1.00 11.46 ? 4   SER A C     1 
ATOM   31   O O     . SER A 1 4  ? 11.398  6.197   1.686   1.00 17.32 ? 4   SER A O     1 
ATOM   32   C CB    . SER A 1 4  ? 13.258  8.953   0.974   1.00 11.33 ? 4   SER A CB    1 
ATOM   33   O OG    . SER A 1 4  ? 13.819  7.933   0.178   1.00 17.59 ? 4   SER A OG    1 
ATOM   34   N N     . LEU A 1 5  ? 11.003  6.979   -0.269  1.00 8.56  ? 5   LEU A N     1 
ATOM   35   C CA    . LEU A 1 5  ? 10.473  5.649   -0.481  1.00 8.81  ? 5   LEU A CA    1 
ATOM   36   C C     . LEU A 1 5  ? 11.420  4.708   -1.214  1.00 10.65 ? 5   LEU A C     1 
ATOM   37   O O     . LEU A 1 5  ? 11.039  3.670   -1.738  1.00 16.35 ? 5   LEU A O     1 
ATOM   38   C CB    . LEU A 1 5  ? 9.055   5.782   -1.101  1.00 4.18  ? 5   LEU A CB    1 
ATOM   39   C CG    . LEU A 1 5  ? 8.208   6.778   -0.287  1.00 5.11  ? 5   LEU A CG    1 
ATOM   40   C CD1   . LEU A 1 5  ? 6.976   7.253   -1.062  1.00 6.79  ? 5   LEU A CD1   1 
ATOM   41   C CD2   . LEU A 1 5  ? 7.797   6.142   1.060   1.00 2.00  ? 5   LEU A CD2   1 
ATOM   42   N N     . TRP A 1 6  ? 12.683  5.080   -1.217  1.00 7.19  ? 6   TRP A N     1 
ATOM   43   C CA    . TRP A 1 6  ? 13.699  4.353   -1.892  1.00 3.45  ? 6   TRP A CA    1 
ATOM   44   C C     . TRP A 1 6  ? 13.714  2.919   -1.443  1.00 5.56  ? 6   TRP A C     1 
ATOM   45   O O     . TRP A 1 6  ? 13.845  2.012   -2.261  1.00 9.24  ? 6   TRP A O     1 
ATOM   46   C CB    . TRP A 1 6  ? 15.033  5.121   -1.935  1.00 2.00  ? 6   TRP A CB    1 
ATOM   47   C CG    . TRP A 1 6  ? 16.089  4.405   -2.700  1.00 8.42  ? 6   TRP A CG    1 
ATOM   48   C CD1   . TRP A 1 6  ? 17.111  3.677   -2.134  1.00 12.82 ? 6   TRP A CD1   1 
ATOM   49   C CD2   . TRP A 1 6  ? 16.204  4.231   -4.130  1.00 10.04 ? 6   TRP A CD2   1 
ATOM   50   N NE1   . TRP A 1 6  ? 17.879  3.080   -3.101  1.00 13.45 ? 6   TRP A NE1   1 
ATOM   51   C CE2   . TRP A 1 6  ? 17.339  3.380   -4.329  1.00 13.92 ? 6   TRP A CE2   1 
ATOM   52   C CE3   . TRP A 1 6  ? 15.498  4.693   -5.258  1.00 9.08  ? 6   TRP A CE3   1 
ATOM   53   C CZ2   . TRP A 1 6  ? 17.765  3.052   -5.610  1.00 8.81  ? 6   TRP A CZ2   1 
ATOM   54   C CZ3   . TRP A 1 6  ? 15.924  4.347   -6.523  1.00 3.67  ? 6   TRP A CZ3   1 
ATOM   55   C CH2   . TRP A 1 6  ? 17.035  3.532   -6.691  1.00 7.77  ? 6   TRP A CH2   1 
ATOM   56   N N     . LYS A 1 7  ? 13.524  2.729   -0.146  1.00 8.93  ? 7   LYS A N     1 
ATOM   57   C CA    . LYS A 1 7  ? 13.375  1.427   0.503   1.00 11.38 ? 7   LYS A CA    1 
ATOM   58   C C     . LYS A 1 7  ? 11.951  1.349   1.105   1.00 10.43 ? 7   LYS A C     1 
ATOM   59   O O     . LYS A 1 7  ? 11.281  2.374   1.284   1.00 16.05 ? 7   LYS A O     1 
ATOM   60   C CB    . LYS A 1 7  ? 14.431  1.070   1.573   1.00 11.64 ? 7   LYS A CB    1 
ATOM   61   C CG    . LYS A 1 7  ? 15.757  1.796   1.555   1.00 13.72 ? 7   LYS A CG    1 
ATOM   62   C CD    . LYS A 1 7  ? 15.815  2.851   2.683   1.00 21.55 ? 7   LYS A CD    1 
ATOM   63   C CE    . LYS A 1 7  ? 17.162  3.597   2.910   1.00 25.44 ? 7   LYS A CE    1 
ATOM   64   N NZ    . LYS A 1 7  ? 17.394  4.786   2.034   1.00 23.83 ? 7   LYS A NZ    1 
ATOM   65   N N     . ARG A 1 8  ? 11.456  0.144   1.412   1.00 6.84  ? 8   ARG A N     1 
ATOM   66   C CA    . ARG A 1 8  ? 10.143  0.039   1.992   1.00 4.40  ? 8   ARG A CA    1 
ATOM   67   C C     . ARG A 1 8  ? 10.094  0.732   3.325   1.00 11.94 ? 8   ARG A C     1 
ATOM   68   O O     . ARG A 1 8  ? 10.985  0.526   4.170   1.00 16.50 ? 8   ARG A O     1 
ATOM   69   C CB    . ARG A 1 8  ? 9.867   -1.371  2.353   1.00 2.00  ? 8   ARG A CB    1 
ATOM   70   C CG    . ARG A 1 8  ? 10.126  -2.291  1.203   1.00 2.00  ? 8   ARG A CG    1 
ATOM   71   C CD    . ARG A 1 8  ? 9.144   -3.446  1.227   1.00 8.53  ? 8   ARG A CD    1 
ATOM   72   N NE    . ARG A 1 8  ? 9.306   -4.297  0.076   1.00 9.75  ? 8   ARG A NE    1 
ATOM   73   C CZ    . ARG A 1 8  ? 9.628   -5.547  0.230   1.00 11.18 ? 8   ARG A CZ    1 
ATOM   74   N NH1   . ARG A 1 8  ? 9.783   -6.065  1.454   1.00 15.54 ? 8   ARG A NH1   1 
ATOM   75   N NH2   . ARG A 1 8  ? 9.794   -6.272  -0.855  1.00 6.98  ? 8   ARG A NH2   1 
ATOM   76   N N     . PRO A 1 9  ? 9.012   1.470   3.586   1.00 13.02 ? 9   PRO A N     1 
ATOM   77   C CA    . PRO A 1 9  ? 8.865   2.121   4.901   1.00 12.48 ? 9   PRO A CA    1 
ATOM   78   C C     . PRO A 1 9  ? 8.421   1.118   5.999   1.00 11.04 ? 9   PRO A C     1 
ATOM   79   O O     . PRO A 1 9  ? 7.245   0.958   6.295   1.00 13.85 ? 9   PRO A O     1 
ATOM   80   C CB    . PRO A 1 9  ? 7.850   3.248   4.691   1.00 8.71  ? 9   PRO A CB    1 
ATOM   81   C CG    . PRO A 1 9  ? 7.042   2.832   3.453   1.00 5.92  ? 9   PRO A CG    1 
ATOM   82   C CD    . PRO A 1 9  ? 7.893   1.864   2.666   1.00 7.63  ? 9   PRO A CD    1 
ATOM   83   N N     . VAL A 1 10 ? 9.418   0.459   6.586   1.00 11.15 ? 10  VAL A N     1 
ATOM   84   C CA    . VAL A 1 10 ? 9.319   -0.550  7.623   1.00 11.41 ? 10  VAL A CA    1 
ATOM   85   C C     . VAL A 1 10 ? 9.845   -0.096  9.001   1.00 13.45 ? 10  VAL A C     1 
ATOM   86   O O     . VAL A 1 10 ? 10.931  0.457   9.124   1.00 12.03 ? 10  VAL A O     1 
ATOM   87   C CB    . VAL A 1 10 ? 10.070  -1.789  7.190   1.00 10.77 ? 10  VAL A CB    1 
ATOM   88   C CG1   . VAL A 1 10 ? 10.197  -2.715  8.380   1.00 18.68 ? 10  VAL A CG1   1 
ATOM   89   C CG2   . VAL A 1 10 ? 9.315   -2.496  6.081   1.00 12.60 ? 10  VAL A CG2   1 
ATOM   90   N N     . VAL A 1 11 ? 9.045   -0.351  10.041  1.00 12.10 ? 11  VAL A N     1 
ATOM   91   C CA    . VAL A 1 11 ? 9.365   -0.004  11.433  1.00 13.13 ? 11  VAL A CA    1 
ATOM   92   C C     . VAL A 1 11 ? 9.032   -1.153  12.380  1.00 9.47  ? 11  VAL A C     1 
ATOM   93   O O     . VAL A 1 11 ? 8.339   -2.129  12.021  1.00 9.46  ? 11  VAL A O     1 
ATOM   94   C CB    . VAL A 1 11 ? 8.676   1.276   12.013  1.00 13.77 ? 11  VAL A CB    1 
ATOM   95   C CG1   . VAL A 1 11 ? 8.944   2.578   11.280  1.00 11.70 ? 11  VAL A CG1   1 
ATOM   96   C CG2   . VAL A 1 11 ? 7.177   1.130   12.243  1.00 12.08 ? 11  VAL A CG2   1 
ATOM   97   N N     . THR A 1 12 ? 9.504   -0.952  13.589  1.00 8.64  ? 12  THR A N     1 
ATOM   98   C CA    . THR A 1 12 ? 9.281   -1.815  14.721  1.00 12.71 ? 12  THR A CA    1 
ATOM   99   C C     . THR A 1 12 ? 8.170   -1.217  15.589  1.00 13.48 ? 12  THR A C     1 
ATOM   100  O O     . THR A 1 12 ? 8.336   -0.127  16.127  1.00 16.64 ? 12  THR A O     1 
ATOM   101  C CB    . THR A 1 12 ? 10.548  -1.964  15.619  1.00 13.01 ? 12  THR A CB    1 
ATOM   102  O OG1   . THR A 1 12 ? 11.645  -2.447  14.867  1.00 17.27 ? 12  THR A OG1   1 
ATOM   103  C CG2   . THR A 1 12 ? 10.276  -2.940  16.778  1.00 15.67 ? 12  THR A CG2   1 
ATOM   104  N N     . ALA A 1 13 ? 7.076   -1.963  15.776  1.00 12.75 ? 13  ALA A N     1 
ATOM   105  C CA    . ALA A 1 13 ? 6.037   -1.613  16.700  1.00 10.49 ? 13  ALA A CA    1 
ATOM   106  C C     . ALA A 1 13 ? 5.818   -2.763  17.662  1.00 15.18 ? 13  ALA A C     1 
ATOM   107  O O     . ALA A 1 13 ? 6.070   -3.932  17.336  1.00 16.09 ? 13  ALA A O     1 
ATOM   108  C CB    . ALA A 1 13 ? 4.746   -1.310  16.000  1.00 12.46 ? 13  ALA A CB    1 
ATOM   109  N N     . TYR A 1 14 ? 5.310   -2.446  18.846  1.00 13.26 ? 14  TYR A N     1 
ATOM   110  C CA    . TYR A 1 14 ? 4.930   -3.452  19.796  1.00 11.27 ? 14  TYR A CA    1 
ATOM   111  C C     . TYR A 1 14 ? 3.409   -3.634  19.792  1.00 11.85 ? 14  TYR A C     1 
ATOM   112  O O     . TYR A 1 14 ? 2.695   -2.714  20.166  1.00 6.59  ? 14  TYR A O     1 
ATOM   113  C CB    . TYR A 1 14 ? 5.410   -3.089  21.222  1.00 12.53 ? 14  TYR A CB    1 
ATOM   114  C CG    . TYR A 1 14 ? 6.920   -3.037  21.343  1.00 18.13 ? 14  TYR A CG    1 
ATOM   115  C CD1   . TYR A 1 14 ? 7.654   -1.972  20.824  1.00 17.19 ? 14  TYR A CD1   1 
ATOM   116  C CD2   . TYR A 1 14 ? 7.626   -4.090  21.940  1.00 20.13 ? 14  TYR A CD2   1 
ATOM   117  C CE1   . TYR A 1 14 ? 9.045   -1.922  20.937  1.00 18.98 ? 14  TYR A CE1   1 
ATOM   118  C CE2   . TYR A 1 14 ? 9.016   -4.079  22.029  1.00 19.33 ? 14  TYR A CE2   1 
ATOM   119  C CZ    . TYR A 1 14 ? 9.723   -2.988  21.525  1.00 22.32 ? 14  TYR A CZ    1 
ATOM   120  O OH    . TYR A 1 14 ? 11.090  -2.928  21.650  1.00 27.49 ? 14  TYR A OH    1 
ATOM   121  N N     . ILE A 1 15 ? 2.884   -4.796  19.381  1.00 12.02 ? 15  ILE A N     1 
ATOM   122  C CA    . ILE A 1 15 ? 1.444   -4.999  19.491  1.00 15.29 ? 15  ILE A CA    1 
ATOM   123  C C     . ILE A 1 15 ? 1.179   -5.736  20.799  1.00 20.22 ? 15  ILE A C     1 
ATOM   124  O O     . ILE A 1 15 ? 1.698   -6.836  21.023  1.00 22.42 ? 15  ILE A O     1 
ATOM   125  C CB    . ILE A 1 15 ? 0.762   -5.646  18.300  1.00 14.98 ? 15  ILE A CB    1 
ATOM   126  C CG1   . ILE A 1 15 ? 0.713   -4.661  17.139  1.00 13.79 ? 15  ILE A CG1   1 
ATOM   127  C CG2   . ILE A 1 15 ? -0.668  -5.988  18.705  1.00 18.52 ? 15  ILE A CG2   1 
ATOM   128  C CD1   . ILE A 1 15 ? 1.859   -4.830  16.142  1.00 10.62 ? 15  ILE A CD1   1 
ATOM   129  N N     . GLU A 1 16 ? 0.461   -5.078  21.722  1.00 20.96 ? 16  GLU A N     1 
ATOM   130  C CA    . GLU A 1 16 ? 0.260   -5.655  23.049  1.00 22.00 ? 16  GLU A CA    1 
ATOM   131  C C     . GLU A 1 16 ? 1.578   -6.177  23.663  1.00 25.34 ? 16  GLU A C     1 
ATOM   132  O O     . GLU A 1 16 ? 1.571   -7.181  24.395  1.00 30.44 ? 16  GLU A O     1 
ATOM   133  C CB    . GLU A 1 16 ? -0.867  -6.717  23.182  1.00 20.87 ? 16  GLU A CB    1 
ATOM   134  C CG    . GLU A 1 16 ? -2.279  -6.320  22.697  1.00 20.58 ? 16  GLU A CG    1 
ATOM   135  C CD    . GLU A 1 16 ? -3.025  -5.322  23.572  1.00 24.19 ? 16  GLU A CD    1 
ATOM   136  O OE1   . GLU A 1 16 ? -2.680  -4.954  24.682  1.00 24.70 ? 16  GLU A OE1   1 
ATOM   137  O OE2   . GLU A 1 16 ? -4.137  -4.933  23.018  1.00 18.24 ? 16  GLU A OE2   1 
ATOM   138  N N     . GLY A 1 17 ? 2.700   -5.474  23.376  1.00 25.53 ? 17  GLY A N     1 
ATOM   139  C CA    . GLY A 1 17 ? 4.043   -5.727  23.925  1.00 21.74 ? 17  GLY A CA    1 
ATOM   140  C C     . GLY A 1 17 ? 4.957   -6.595  23.072  1.00 24.96 ? 17  GLY A C     1 
ATOM   141  O O     . GLY A 1 17 ? 6.181   -6.636  23.263  1.00 27.04 ? 17  GLY A O     1 
ATOM   142  N N     . GLN A 1 18 ? 4.360   -7.303  22.133  1.00 24.53 ? 18  GLN A N     1 
ATOM   143  C CA    . GLN A 1 18 ? 5.136   -8.152  21.261  1.00 23.31 ? 18  GLN A CA    1 
ATOM   144  C C     . GLN A 1 18 ? 5.744   -7.337  20.137  1.00 23.05 ? 18  GLN A C     1 
ATOM   145  O O     . GLN A 1 18 ? 5.010   -6.674  19.419  1.00 25.33 ? 18  GLN A O     1 
ATOM   146  C CB    . GLN A 1 18 ? 4.234   -9.290  20.743  1.00 25.37 ? 18  GLN A CB    1 
ATOM   147  C CG    . GLN A 1 18 ? 3.070   -9.531  21.752  1.00 29.98 ? 18  GLN A CG    1 
ATOM   148  C CD    . GLN A 1 18 ? 2.034   -10.600 21.378  1.00 33.89 ? 18  GLN A CD    1 
ATOM   149  O OE1   . GLN A 1 18 ? 2.345   -11.660 20.761  1.00 35.69 ? 18  GLN A OE1   1 
ATOM   150  N NE2   . GLN A 1 18 ? 0.791   -10.349 21.825  1.00 31.13 ? 18  GLN A NE2   1 
ATOM   151  N N     . PRO A 1 19 ? 7.070   -7.366  19.956  1.00 23.52 ? 19  PRO A N     1 
ATOM   152  C CA    . PRO A 1 19 ? 7.645   -6.563  18.871  1.00 22.08 ? 19  PRO A CA    1 
ATOM   153  C C     . PRO A 1 19 ? 7.525   -7.166  17.454  1.00 19.85 ? 19  PRO A C     1 
ATOM   154  O O     . PRO A 1 19 ? 7.758   -8.360  17.225  1.00 17.66 ? 19  PRO A O     1 
ATOM   155  C CB    . PRO A 1 19 ? 9.113   -6.307  19.252  1.00 17.68 ? 19  PRO A CB    1 
ATOM   156  C CG    . PRO A 1 19 ? 9.447   -7.275  20.380  1.00 18.50 ? 19  PRO A CG    1 
ATOM   157  C CD    . PRO A 1 19 ? 8.180   -8.041  20.723  1.00 18.86 ? 19  PRO A CD    1 
ATOM   158  N N     . VAL A 1 20 ? 7.217   -6.297  16.481  1.00 17.78 ? 20  VAL A N     1 
ATOM   159  C CA    . VAL A 1 20 ? 7.122   -6.751  15.101  1.00 17.79 ? 20  VAL A CA    1 
ATOM   160  C C     . VAL A 1 20 ? 7.546   -5.703  14.075  1.00 15.07 ? 20  VAL A C     1 
ATOM   161  O O     . VAL A 1 20 ? 7.519   -4.523  14.366  1.00 15.67 ? 20  VAL A O     1 
ATOM   162  C CB    . VAL A 1 20 ? 5.713   -7.262  14.801  1.00 15.75 ? 20  VAL A CB    1 
ATOM   163  C CG1   . VAL A 1 20 ? 5.588   -8.755  15.075  1.00 15.22 ? 20  VAL A CG1   1 
ATOM   164  C CG2   . VAL A 1 20 ? 4.812   -6.562  15.775  1.00 16.92 ? 20  VAL A CG2   1 
ATOM   165  N N     . GLU A 1 21 ? 7.920   -6.151  12.871  1.00 12.03 ? 21  GLU A N     1 
ATOM   166  C CA    . GLU A 1 21 ? 8.206   -5.290  11.731  1.00 11.27 ? 21  GLU A CA    1 
ATOM   167  C C     . GLU A 1 21 ? 6.956   -5.133  10.895  1.00 12.42 ? 21  GLU A C     1 
ATOM   168  O O     . GLU A 1 21 ? 6.246   -6.094  10.600  1.00 11.31 ? 21  GLU A O     1 
ATOM   169  C CB    . GLU A 1 21 ? 9.334   -5.788  10.833  1.00 11.25 ? 21  GLU A CB    1 
ATOM   170  C CG    . GLU A 1 21 ? 10.627  -5.884  11.636  1.00 18.71 ? 21  GLU A CG    1 
ATOM   171  C CD    . GLU A 1 21 ? 11.622  -4.849  11.269  1.00 24.11 ? 21  GLU A CD    1 
ATOM   172  O OE1   . GLU A 1 21 ? 12.365  -5.276  10.259  1.00 31.12 ? 21  GLU A OE1   1 
ATOM   173  O OE2   . GLU A 1 21 ? 11.789  -3.798  11.891  1.00 23.36 ? 21  GLU A OE2   1 
ATOM   174  N N     . VAL A 1 22 ? 6.662   -3.889  10.553  1.00 16.76 ? 22  VAL A N     1 
ATOM   175  C CA    . VAL A 1 22 ? 5.469   -3.569  9.814   1.00 9.58  ? 22  VAL A CA    1 
ATOM   176  C C     . VAL A 1 22 ? 5.816   -2.574  8.774   1.00 10.90 ? 22  VAL A C     1 
ATOM   177  O O     . VAL A 1 22 ? 6.692   -1.735  8.990   1.00 16.14 ? 22  VAL A O     1 
ATOM   178  C CB    . VAL A 1 22 ? 4.424   -2.968  10.733  1.00 7.11  ? 22  VAL A CB    1 
ATOM   179  C CG1   . VAL A 1 22 ? 4.027   -4.002  11.789  1.00 11.59 ? 22  VAL A CG1   1 
ATOM   180  C CG2   . VAL A 1 22 ? 5.022   -1.762  11.428  1.00 7.15  ? 22  VAL A CG2   1 
ATOM   181  N N     . LEU A 1 23 ? 5.125   -2.707  7.660   1.00 11.99 ? 23  LEU A N     1 
ATOM   182  C CA    . LEU A 1 23 ? 5.211   -1.823  6.545   1.00 8.54  ? 23  LEU A CA    1 
ATOM   183  C C     . LEU A 1 23 ? 4.133   -0.774  6.728   1.00 8.78  ? 23  LEU A C     1 
ATOM   184  O O     . LEU A 1 23 ? 2.986   -1.146  6.905   1.00 9.51  ? 23  LEU A O     1 
ATOM   185  C CB    . LEU A 1 23 ? 4.834   -2.683  5.362   1.00 11.95 ? 23  LEU A CB    1 
ATOM   186  C CG    . LEU A 1 23 ? 4.742   -1.984  4.028   1.00 13.74 ? 23  LEU A CG    1 
ATOM   187  C CD1   . LEU A 1 23 ? 5.994   -1.174  3.752   1.00 13.31 ? 23  LEU A CD1   1 
ATOM   188  C CD2   . LEU A 1 23 ? 4.573   -3.069  2.975   1.00 17.50 ? 23  LEU A CD2   1 
ATOM   189  N N     . LEU A 1 24 ? 4.496   0.509   6.752   1.00 5.09  ? 24  LEU A N     1 
ATOM   190  C CA    . LEU A 1 24 ? 3.551   1.591   6.821   1.00 3.94  ? 24  LEU A CA    1 
ATOM   191  C C     . LEU A 1 24 ? 2.930   1.770   5.431   1.00 3.18  ? 24  LEU A C     1 
ATOM   192  O O     . LEU A 1 24 ? 3.581   2.211   4.493   1.00 7.09  ? 24  LEU A O     1 
ATOM   193  C CB    . LEU A 1 24 ? 4.262   2.855   7.358   1.00 4.75  ? 24  LEU A CB    1 
ATOM   194  C CG    . LEU A 1 24 ? 5.148   2.605   8.584   1.00 5.63  ? 24  LEU A CG    1 
ATOM   195  C CD1   . LEU A 1 24 ? 6.012   3.848   8.803   1.00 11.58 ? 24  LEU A CD1   1 
ATOM   196  C CD2   . LEU A 1 24 ? 4.318   2.347   9.832   1.00 5.18  ? 24  LEU A CD2   1 
ATOM   197  N N     . ASP A 1 25 ? 1.673   1.361   5.281   1.00 6.52  ? 25  ASP A N     1 
ATOM   198  C CA    . ASP A 1 25 ? 0.969   1.275   3.991   1.00 6.25  ? 25  ASP A CA    1 
ATOM   199  C C     . ASP A 1 25 ? -0.164  2.259   3.704   1.00 5.62  ? 25  ASP A C     1 
ATOM   200  O O     . ASP A 1 25 ? -1.292  1.965   4.037   1.00 5.48  ? 25  ASP A O     1 
ATOM   201  C CB    . ASP A 1 25 ? 0.398   -0.169  3.847   1.00 8.68  ? 25  ASP A CB    1 
ATOM   202  C CG    . ASP A 1 25 ? 0.134   -0.670  2.445   1.00 13.63 ? 25  ASP A CG    1 
ATOM   203  O OD1   . ASP A 1 25 ? 0.088   0.269   1.538   1.00 17.39 ? 25  ASP A OD1   1 
ATOM   204  O OD2   . ASP A 1 25 ? -0.156  -1.817  2.184   1.00 16.84 ? 25  ASP A OD2   1 
ATOM   205  N N     . THR A 1 26 ? 0.072   3.344   2.965   1.00 5.67  ? 26  THR A N     1 
ATOM   206  C CA    . THR A 1 26 ? -0.983  4.300   2.626   1.00 8.00  ? 26  THR A CA    1 
ATOM   207  C C     . THR A 1 26 ? -1.962  3.690   1.608   1.00 11.29 ? 26  THR A C     1 
ATOM   208  O O     . THR A 1 26 ? -2.936  4.312   1.144   1.00 11.85 ? 26  THR A O     1 
ATOM   209  C CB    . THR A 1 26 ? -0.369  5.580   2.014   1.00 13.58 ? 26  THR A CB    1 
ATOM   210  O OG1   . THR A 1 26 ? 0.383   5.261   0.849   1.00 16.92 ? 26  THR A OG1   1 
ATOM   211  C CG2   . THR A 1 26 ? 0.565   6.228   3.020   1.00 13.18 ? 26  THR A CG2   1 
ATOM   212  N N     . GLY A 1 27 ? -1.698  2.434   1.242   1.00 12.58 ? 27  GLY A N     1 
ATOM   213  C CA    . GLY A 1 27 ? -2.516  1.740   0.255   1.00 9.20  ? 27  GLY A CA    1 
ATOM   214  C C     . GLY A 1 27 ? -3.356  0.609   0.829   1.00 9.85  ? 27  GLY A C     1 
ATOM   215  O O     . GLY A 1 27 ? -3.913  -0.218  0.089   1.00 7.83  ? 27  GLY A O     1 
ATOM   216  N N     . ALA A 1 28 ? -3.462  0.615   2.160   1.00 8.64  ? 28  ALA A N     1 
ATOM   217  C CA    . ALA A 1 28 ? -4.233  -0.354  2.894   1.00 3.61  ? 28  ALA A CA    1 
ATOM   218  C C     . ALA A 1 28 ? -5.237  0.382   3.787   1.00 7.59  ? 28  ALA A C     1 
ATOM   219  O O     . ALA A 1 28 ? -4.900  1.262   4.620   1.00 3.04  ? 28  ALA A O     1 
ATOM   220  C CB    . ALA A 1 28 ? -3.272  -1.195  3.694   1.00 2.06  ? 28  ALA A CB    1 
ATOM   221  N N     . ASP A 1 29 ? -6.497  0.034   3.597   1.00 3.45  ? 29  ASP A N     1 
ATOM   222  C CA    . ASP A 1 29 ? -7.519  0.636   4.378   1.00 7.56  ? 29  ASP A CA    1 
ATOM   223  C C     . ASP A 1 29 ? -7.491  0.077   5.755   1.00 12.96 ? 29  ASP A C     1 
ATOM   224  O O     . ASP A 1 29 ? -8.021  0.718   6.662   1.00 12.26 ? 29  ASP A O     1 
ATOM   225  C CB    . ASP A 1 29 ? -8.897  0.239   3.900   1.00 8.74  ? 29  ASP A CB    1 
ATOM   226  C CG    . ASP A 1 29 ? -9.153  0.445   2.458   1.00 10.17 ? 29  ASP A CG    1 
ATOM   227  O OD1   . ASP A 1 29 ? -8.572  1.239   1.764   1.00 12.80 ? 29  ASP A OD1   1 
ATOM   228  O OD2   . ASP A 1 29 ? -10.186 -0.269  2.072   1.00 15.52 ? 29  ASP A OD2   1 
ATOM   229  N N     . ASP A 1 30 ? -6.986  -1.179  5.846   1.00 18.34 ? 30  ASP A N     1 
ATOM   230  C CA    . ASP A 1 30 ? -6.913  -1.941  7.096   1.00 20.98 ? 30  ASP A CA    1 
ATOM   231  C C     . ASP A 1 30 ? -5.484  -2.473  7.452   1.00 18.80 ? 30  ASP A C     1 
ATOM   232  O O     . ASP A 1 30 ? -4.582  -2.539  6.601   1.00 12.42 ? 30  ASP A O     1 
ATOM   233  C CB    . ASP A 1 30 ? -8.018  -3.025  7.118   1.00 23.92 ? 30  ASP A CB    1 
ATOM   234  C CG    . ASP A 1 30 ? -9.423  -2.480  6.853   1.00 28.75 ? 30  ASP A CG    1 
ATOM   235  O OD1   . ASP A 1 30 ? -9.912  -1.468  7.402   1.00 27.25 ? 30  ASP A OD1   1 
ATOM   236  O OD2   . ASP A 1 30 ? -10.070 -3.204  5.953   1.00 26.19 ? 30  ASP A OD2   1 
ATOM   237  N N     . SER A 1 31 ? -5.268  -2.813  8.750   1.00 15.89 ? 31  SER A N     1 
ATOM   238  C CA    . SER A 1 31 ? -3.989  -3.329  9.234   1.00 12.07 ? 31  SER A CA    1 
ATOM   239  C C     . SER A 1 31 ? -4.117  -4.805  9.485   1.00 12.19 ? 31  SER A C     1 
ATOM   240  O O     . SER A 1 31 ? -5.094  -5.256  10.056  1.00 12.14 ? 31  SER A O     1 
ATOM   241  C CB    . SER A 1 31 ? -3.494  -2.672  10.524  1.00 13.06 ? 31  SER A CB    1 
ATOM   242  O OG    . SER A 1 31 ? -2.914  -1.372  10.358  1.00 12.06 ? 31  SER A OG    1 
ATOM   243  N N     . ILE A 1 32 ? -3.148  -5.553  9.009   1.00 15.75 ? 32  ILE A N     1 
ATOM   244  C CA    . ILE A 1 32 ? -3.106  -6.985  9.158   1.00 16.10 ? 32  ILE A CA    1 
ATOM   245  C C     . ILE A 1 32 ? -1.699  -7.464  9.530   1.00 18.63 ? 32  ILE A C     1 
ATOM   246  O O     . ILE A 1 32 ? -0.698  -7.094  8.934   1.00 16.40 ? 32  ILE A O     1 
ATOM   247  C CB    . ILE A 1 32 ? -3.607  -7.733  7.939   1.00 15.69 ? 32  ILE A CB    1 
ATOM   248  C CG1   . ILE A 1 32 ? -3.258  -9.197  8.132   1.00 14.51 ? 32  ILE A CG1   1 
ATOM   249  C CG2   . ILE A 1 32 ? -2.852  -7.215  6.740   1.00 22.76 ? 32  ILE A CG2   1 
ATOM   250  C CD1   . ILE A 1 32 ? -4.037  -10.088 7.205   1.00 20.87 ? 32  ILE A CD1   1 
ATOM   251  N N     . VAL A 1 33 ? -1.680  -8.292  10.564  1.00 22.05 ? 33  VAL A N     1 
ATOM   252  C CA    . VAL A 1 33 ? -0.498  -8.864  11.127  1.00 21.71 ? 33  VAL A CA    1 
ATOM   253  C C     . VAL A 1 33 ? -0.636  -10.367 11.160  1.00 21.77 ? 33  VAL A C     1 
ATOM   254  O O     . VAL A 1 33 ? -1.743  -10.927 11.222  1.00 21.37 ? 33  VAL A O     1 
ATOM   255  C CB    . VAL A 1 33 ? -0.278  -8.278  12.519  1.00 24.47 ? 33  VAL A CB    1 
ATOM   256  C CG1   . VAL A 1 33 ? -0.812  -9.202  13.610  1.00 22.05 ? 33  VAL A CG1   1 
ATOM   257  C CG2   . VAL A 1 33 ? 1.195   -7.982  12.725  1.00 28.05 ? 33  VAL A CG2   1 
ATOM   258  N N     . ALA A 1 34 ? 0.513   -11.000 11.095  1.00 20.46 ? 34  ALA A N     1 
ATOM   259  C CA    . ALA A 1 34 ? 0.619   -12.437 11.137  1.00 16.40 ? 34  ALA A CA    1 
ATOM   260  C C     . ALA A 1 34 ? 1.504   -12.891 12.297  1.00 15.98 ? 34  ALA A C     1 
ATOM   261  O O     . ALA A 1 34 ? 2.309   -12.139 12.859  1.00 14.35 ? 34  ALA A O     1 
ATOM   262  C CB    . ALA A 1 34 ? 1.163   -12.913 9.813   1.00 13.59 ? 34  ALA A CB    1 
ATOM   263  N N     . GLY A 1 35 ? 1.331   -14.136 12.706  1.00 19.49 ? 35  GLY A N     1 
ATOM   264  C CA    . GLY A 1 35 ? 2.141   -14.711 13.775  1.00 18.89 ? 35  GLY A CA    1 
ATOM   265  C C     . GLY A 1 35 ? 2.256   -13.956 15.096  1.00 20.16 ? 35  GLY A C     1 
ATOM   266  O O     . GLY A 1 35 ? 3.371   -13.720 15.590  1.00 24.63 ? 35  GLY A O     1 
ATOM   267  N N     . ILE A 1 36 ? 1.121   -13.627 15.702  1.00 19.72 ? 36  ILE A N     1 
ATOM   268  C CA    . ILE A 1 36 ? 1.122   -13.038 17.035  1.00 24.24 ? 36  ILE A CA    1 
ATOM   269  C C     . ILE A 1 36 ? -0.131  -13.480 17.708  1.00 24.97 ? 36  ILE A C     1 
ATOM   270  O O     . ILE A 1 36 ? -1.160  -13.550 17.065  1.00 25.54 ? 36  ILE A O     1 
ATOM   271  C CB    . ILE A 1 36 ? 1.299   -11.520 17.175  1.00 26.23 ? 36  ILE A CB    1 
ATOM   272  C CG1   . ILE A 1 36 ? 0.154   -10.700 16.607  1.00 26.05 ? 36  ILE A CG1   1 
ATOM   273  C CG2   . ILE A 1 36 ? 2.629   -11.055 16.584  1.00 28.80 ? 36  ILE A CG2   1 
ATOM   274  C CD1   . ILE A 1 36 ? 0.216   -9.296  17.210  1.00 25.87 ? 36  ILE A CD1   1 
ATOM   275  N N     . GLU A 1 37 ? -0.093  -13.838 18.972  1.00 25.31 ? 37  GLU A N     1 
ATOM   276  C CA    . GLU A 1 37 ? -1.377  -14.231 19.464  1.00 25.97 ? 37  GLU A CA    1 
ATOM   277  C C     . GLU A 1 37 ? -2.053  -13.048 20.026  1.00 24.42 ? 37  GLU A C     1 
ATOM   278  O O     . GLU A 1 37 ? -1.445  -12.402 20.868  1.00 29.48 ? 37  GLU A O     1 
ATOM   279  C CB    . GLU A 1 37 ? -1.348  -15.317 20.533  1.00 30.18 ? 37  GLU A CB    1 
ATOM   280  C CG    . GLU A 1 37 ? -2.770  -15.873 20.761  1.00 32.85 ? 37  GLU A CG    1 
ATOM   281  C CD    . GLU A 1 37 ? -3.379  -16.407 19.488  1.00 36.20 ? 37  GLU A CD    1 
ATOM   282  O OE1   . GLU A 1 37 ? -2.625  -17.327 18.897  1.00 35.41 ? 37  GLU A OE1   1 
ATOM   283  O OE2   . GLU A 1 37 ? -4.461  -15.996 19.042  1.00 37.55 ? 37  GLU A OE2   1 
ATOM   284  N N     . LEU A 1 38 ? -3.299  -12.803 19.635  1.00 20.41 ? 38  LEU A N     1 
ATOM   285  C CA    . LEU A 1 38 ? -4.002  -11.663 20.200  1.00 20.48 ? 38  LEU A CA    1 
ATOM   286  C C     . LEU A 1 38 ? -5.103  -12.017 21.184  1.00 20.34 ? 38  LEU A C     1 
ATOM   287  O O     . LEU A 1 38 ? -5.683  -11.108 21.820  1.00 19.72 ? 38  LEU A O     1 
ATOM   288  C CB    . LEU A 1 38 ? -4.559  -10.737 19.122  1.00 20.74 ? 38  LEU A CB    1 
ATOM   289  C CG    . LEU A 1 38 ? -3.512  -9.724  18.720  1.00 22.79 ? 38  LEU A CG    1 
ATOM   290  C CD1   . LEU A 1 38 ? -4.069  -8.706  17.720  1.00 23.41 ? 38  LEU A CD1   1 
ATOM   291  C CD2   . LEU A 1 38 ? -2.964  -9.076  19.984  1.00 19.66 ? 38  LEU A CD2   1 
ATOM   292  N N     . GLY A 1 39 ? -5.430  -13.321 21.272  1.00 18.01 ? 39  GLY A N     1 
ATOM   293  C CA    . GLY A 1 39 ? -6.504  -13.781 22.134  1.00 17.37 ? 39  GLY A CA    1 
ATOM   294  C C     . GLY A 1 39 ? -7.697  -14.443 21.419  1.00 20.25 ? 39  GLY A C     1 
ATOM   295  O O     . GLY A 1 39 ? -7.689  -14.749 20.209  1.00 21.28 ? 39  GLY A O     1 
ATOM   296  N N     . ASN A 1 40 ? -8.745  -14.668 22.213  1.00 23.48 ? 40  ASN A N     1 
ATOM   297  C CA    . ASN A 1 40 ? -9.939  -15.392 21.798  1.00 23.55 ? 40  ASN A CA    1 
ATOM   298  C C     . ASN A 1 40 ? -11.047 -14.532 21.333  1.00 23.09 ? 40  ASN A C     1 
ATOM   299  O O     . ASN A 1 40 ? -11.979 -15.033 20.684  1.00 20.38 ? 40  ASN A O     1 
ATOM   300  C CB    . ASN A 1 40 ? -10.523 -16.229 22.948  1.00 26.21 ? 40  ASN A CB    1 
ATOM   301  C CG    . ASN A 1 40 ? -9.618  -17.397 23.276  1.00 28.33 ? 40  ASN A CG    1 
ATOM   302  O OD1   . ASN A 1 40 ? -9.039  -18.053 22.377  1.00 26.30 ? 40  ASN A OD1   1 
ATOM   303  N ND2   . ASN A 1 40 ? -9.346  -17.532 24.560  1.00 32.32 ? 40  ASN A ND2   1 
ATOM   304  N N     . ASN A 1 41 ? -10.943 -13.264 21.704  1.00 23.42 ? 41  ASN A N     1 
ATOM   305  C CA    . ASN A 1 41 ? -11.997 -12.309 21.427  1.00 25.34 ? 41  ASN A CA    1 
ATOM   306  C C     . ASN A 1 41 ? -12.004 -11.673 20.026  1.00 23.52 ? 41  ASN A C     1 
ATOM   307  O O     . ASN A 1 41 ? -11.744 -10.491 19.897  1.00 21.52 ? 41  ASN A O     1 
ATOM   308  C CB    . ASN A 1 41 ? -11.987 -11.256 22.534  1.00 29.07 ? 41  ASN A CB    1 
ATOM   309  C CG    . ASN A 1 41 ? -13.187 -10.346 22.456  1.00 34.76 ? 41  ASN A CG    1 
ATOM   310  O OD1   . ASN A 1 41 ? -14.160 -10.570 21.678  1.00 33.65 ? 41  ASN A OD1   1 
ATOM   311  N ND2   . ASN A 1 41 ? -13.073 -9.243  23.202  1.00 42.67 ? 41  ASN A ND2   1 
ATOM   312  N N     . TYR A 1 42 ? -12.358 -12.425 18.977  1.00 21.00 ? 42  TYR A N     1 
ATOM   313  C CA    . TYR A 1 42 ? -12.329 -11.827 17.673  1.00 19.45 ? 42  TYR A CA    1 
ATOM   314  C C     . TYR A 1 42 ? -13.518 -12.124 16.803  1.00 24.50 ? 42  TYR A C     1 
ATOM   315  O O     . TYR A 1 42 ? -14.438 -12.860 17.165  1.00 24.06 ? 42  TYR A O     1 
ATOM   316  C CB    . TYR A 1 42 ? -11.076 -12.267 16.914  1.00 16.36 ? 42  TYR A CB    1 
ATOM   317  C CG    . TYR A 1 42 ? -11.101 -13.744 16.788  1.00 16.20 ? 42  TYR A CG    1 
ATOM   318  C CD1   . TYR A 1 42 ? -10.708 -14.519 17.877  1.00 14.85 ? 42  TYR A CD1   1 
ATOM   319  C CD2   . TYR A 1 42 ? -11.640 -14.356 15.652  1.00 18.81 ? 42  TYR A CD2   1 
ATOM   320  C CE1   . TYR A 1 42 ? -10.837 -15.910 17.831  1.00 14.43 ? 42  TYR A CE1   1 
ATOM   321  C CE2   . TYR A 1 42 ? -11.754 -15.748 15.589  1.00 18.77 ? 42  TYR A CE2   1 
ATOM   322  C CZ    . TYR A 1 42 ? -11.370 -16.512 16.691  1.00 15.31 ? 42  TYR A CZ    1 
ATOM   323  O OH    . TYR A 1 42 ? -11.462 -17.863 16.632  1.00 19.28 ? 42  TYR A OH    1 
ATOM   324  N N     . SER A 1 43 ? -13.435 -11.562 15.588  1.00 26.16 ? 43  SER A N     1 
ATOM   325  C CA    . SER A 1 43 ? -14.431 -11.784 14.571  1.00 22.42 ? 43  SER A CA    1 
ATOM   326  C C     . SER A 1 43 ? -13.817 -12.139 13.245  1.00 21.89 ? 43  SER A C     1 
ATOM   327  O O     . SER A 1 43 ? -12.834 -11.568 12.748  1.00 17.38 ? 43  SER A O     1 
ATOM   328  C CB    . SER A 1 43 ? -15.498 -10.722 14.465  1.00 19.55 ? 43  SER A CB    1 
ATOM   329  O OG    . SER A 1 43 ? -16.054 -10.592 15.758  1.00 22.95 ? 43  SER A OG    1 
ATOM   330  N N     . PRO A 1 44 ? -14.377 -13.183 12.726  1.00 22.37 ? 44  PRO A N     1 
ATOM   331  C CA    . PRO A 1 44 ? -13.990 -13.560 11.443  1.00 21.43 ? 44  PRO A CA    1 
ATOM   332  C C     . PRO A 1 44 ? -14.386 -12.442 10.462  1.00 23.56 ? 44  PRO A C     1 
ATOM   333  O O     . PRO A 1 44 ? -15.488 -11.897 10.464  1.00 22.62 ? 44  PRO A O     1 
ATOM   334  C CB    . PRO A 1 44 ? -14.740 -14.876 11.248  1.00 21.37 ? 44  PRO A CB    1 
ATOM   335  C CG    . PRO A 1 44 ? -14.929 -15.490 12.626  1.00 16.92 ? 44  PRO A CG    1 
ATOM   336  C CD    . PRO A 1 44 ? -14.592 -14.388 13.591  1.00 23.24 ? 44  PRO A CD    1 
ATOM   337  N N     . LYS A 1 45 ? -13.409 -12.055 9.671   1.00 25.11 ? 45  LYS A N     1 
ATOM   338  C CA    . LYS A 1 45 ? -13.569 -11.107 8.608   1.00 23.66 ? 45  LYS A CA    1 
ATOM   339  C C     . LYS A 1 45 ? -12.884 -11.692 7.387   1.00 22.46 ? 45  LYS A C     1 
ATOM   340  O O     . LYS A 1 45 ? -11.995 -12.534 7.547   1.00 20.17 ? 45  LYS A O     1 
ATOM   341  C CB    . LYS A 1 45 ? -13.056 -9.726  8.964   1.00 24.82 ? 45  LYS A CB    1 
ATOM   342  C CG    . LYS A 1 45 ? -14.099 -8.941  9.725   1.00 28.44 ? 45  LYS A CG    1 
ATOM   343  C CD    . LYS A 1 45 ? -15.500 -9.006  9.109   1.00 30.53 ? 45  LYS A CD    1 
ATOM   344  C CE    . LYS A 1 45 ? -15.732 -8.062  7.915   1.00 32.39 ? 45  LYS A CE    1 
ATOM   345  N NZ    . LYS A 1 45 ? -15.995 -8.805  6.663   1.00 29.28 ? 45  LYS A NZ    1 
ATOM   346  N N     . ILE A 1 46 ? -13.403 -11.336 6.193   1.00 23.00 ? 46  ILE A N     1 
ATOM   347  C CA    . ILE A 1 46 ? -12.896 -11.751 4.891   1.00 21.86 ? 46  ILE A CA    1 
ATOM   348  C C     . ILE A 1 46 ? -12.402 -10.545 4.121   1.00 22.73 ? 46  ILE A C     1 
ATOM   349  O O     . ILE A 1 46 ? -13.084 -9.518  3.996   1.00 20.72 ? 46  ILE A O     1 
ATOM   350  C CB    . ILE A 1 46 ? -13.856 -12.636 4.136   1.00 22.69 ? 46  ILE A CB    1 
ATOM   351  C CG1   . ILE A 1 46 ? -13.806 -14.010 4.799   1.00 22.87 ? 46  ILE A CG1   1 
ATOM   352  C CG2   . ILE A 1 46 ? -13.481 -12.736 2.653   1.00 24.72 ? 46  ILE A CG2   1 
ATOM   353  C CD1   . ILE A 1 46 ? -14.932 -14.936 4.342   1.00 22.22 ? 46  ILE A CD1   1 
ATOM   354  N N     . VAL A 1 47 ? -11.155 -10.672 3.693   1.00 22.71 ? 47  VAL A N     1 
ATOM   355  C CA    . VAL A 1 47 ? -10.393 -9.586  3.168   1.00 18.66 ? 47  VAL A CA    1 
ATOM   356  C C     . VAL A 1 47 ? -9.834  -9.813  1.794   1.00 15.56 ? 47  VAL A C     1 
ATOM   357  O O     . VAL A 1 47 ? -9.491  -10.947 1.464   1.00 13.17 ? 47  VAL A O     1 
ATOM   358  C CB    . VAL A 1 47 ? -9.318  -9.460  4.227   1.00 21.33 ? 47  VAL A CB    1 
ATOM   359  C CG1   . VAL A 1 47 ? -7.863  -9.547  3.764   1.00 20.79 ? 47  VAL A CG1   1 
ATOM   360  C CG2   . VAL A 1 47 ? -9.646  -8.362  5.225   1.00 23.78 ? 47  VAL A CG2   1 
ATOM   361  N N     . GLY A 1 48 ? -9.708  -8.697  1.048   1.00 18.92 ? 48  GLY A N     1 
ATOM   362  C CA    . GLY A 1 48 ? -9.195  -8.629  -0.329  1.00 15.84 ? 48  GLY A CA    1 
ATOM   363  C C     . GLY A 1 48 ? -7.866  -7.865  -0.567  1.00 15.98 ? 48  GLY A C     1 
ATOM   364  O O     . GLY A 1 48 ? -7.517  -6.862  0.090   1.00 12.60 ? 48  GLY A O     1 
ATOM   365  N N     . GLY A 1 49 ? -7.131  -8.406  -1.561  1.00 14.17 ? 49  GLY A N     1 
ATOM   366  C CA    . GLY A 1 49 ? -5.879  -7.908  -2.027  1.00 12.70 ? 49  GLY A CA    1 
ATOM   367  C C     . GLY A 1 49 ? -5.895  -8.013  -3.532  1.00 17.95 ? 49  GLY A C     1 
ATOM   368  O O     . GLY A 1 49 ? -6.920  -8.382  -4.104  1.00 19.01 ? 49  GLY A O     1 
ATOM   369  N N     . ILE A 1 50 ? -4.770  -7.666  -4.168  1.00 22.72 ? 50  ILE A N     1 
ATOM   370  C CA    . ILE A 1 50 ? -4.603  -7.791  -5.618  1.00 23.11 ? 50  ILE A CA    1 
ATOM   371  C C     . ILE A 1 50 ? -4.905  -9.246  -5.961  1.00 27.01 ? 50  ILE A C     1 
ATOM   372  O O     . ILE A 1 50 ? -5.729  -9.546  -6.835  1.00 30.82 ? 50  ILE A O     1 
ATOM   373  C CB    . ILE A 1 50 ? -3.147  -7.501  -6.034  1.00 20.10 ? 50  ILE A CB    1 
ATOM   374  C CG1   . ILE A 1 50 ? -2.696  -6.135  -5.573  1.00 22.76 ? 50  ILE A CG1   1 
ATOM   375  C CG2   . ILE A 1 50 ? -2.926  -7.620  -7.529  1.00 20.95 ? 50  ILE A CG2   1 
ATOM   376  C CD1   . ILE A 1 50 ? -3.295  -4.972  -6.373  1.00 25.10 ? 50  ILE A CD1   1 
ATOM   377  N N     . GLY A 1 51 ? -4.209  -10.124 -5.208  1.00 23.52 ? 51  GLY A N     1 
ATOM   378  C CA    . GLY A 1 51 ? -4.268  -11.546 -5.380  1.00 19.16 ? 51  GLY A CA    1 
ATOM   379  C C     . GLY A 1 51 ? -5.665  -12.086 -5.230  1.00 14.95 ? 51  GLY A C     1 
ATOM   380  O O     . GLY A 1 51 ? -6.188  -12.735 -6.096  1.00 14.33 ? 51  GLY A O     1 
ATOM   381  N N     . GLY A 1 52 ? -6.241  -11.907 -4.084  1.00 13.84 ? 52  GLY A N     1 
ATOM   382  C CA    . GLY A 1 52 ? -7.557  -12.448 -3.859  1.00 11.12 ? 52  GLY A CA    1 
ATOM   383  C C     . GLY A 1 52 ? -7.931  -12.313 -2.422  1.00 11.08 ? 52  GLY A C     1 
ATOM   384  O O     . GLY A 1 52 ? -7.348  -11.507 -1.698  1.00 10.25 ? 52  GLY A O     1 
ATOM   385  N N     . PHE A 1 53 ? -8.903  -13.117 -2.008  1.00 16.46 ? 53  PHE A N     1 
ATOM   386  C CA    . PHE A 1 53 ? -9.417  -13.049 -0.651  1.00 13.63 ? 53  PHE A CA    1 
ATOM   387  C C     . PHE A 1 53 ? -8.647  -13.796 0.361   1.00 14.84 ? 53  PHE A C     1 
ATOM   388  O O     . PHE A 1 53 ? -7.945  -14.755 0.036   1.00 16.60 ? 53  PHE A O     1 
ATOM   389  C CB    . PHE A 1 53 ? -10.847 -13.516 -0.614  1.00 12.13 ? 53  PHE A CB    1 
ATOM   390  C CG    . PHE A 1 53 ? -11.640 -12.533 -1.380  1.00 18.58 ? 53  PHE A CG    1 
ATOM   391  C CD1   . PHE A 1 53 ? -11.708 -12.613 -2.771  1.00 22.93 ? 53  PHE A CD1   1 
ATOM   392  C CD2   . PHE A 1 53 ? -12.195 -11.435 -0.727  1.00 18.63 ? 53  PHE A CD2   1 
ATOM   393  C CE1   . PHE A 1 53 ? -12.424 -11.664 -3.500  1.00 24.87 ? 53  PHE A CE1   1 
ATOM   394  C CE2   . PHE A 1 53 ? -12.877 -10.456 -1.446  1.00 22.68 ? 53  PHE A CE2   1 
ATOM   395  C CZ    . PHE A 1 53 ? -13.022 -10.598 -2.828  1.00 26.08 ? 53  PHE A CZ    1 
ATOM   396  N N     . ILE A 1 54 ? -8.868  -13.381 1.598   1.00 16.67 ? 54  ILE A N     1 
ATOM   397  C CA    . ILE A 1 54 ? -8.285  -14.072 2.734   1.00 18.60 ? 54  ILE A CA    1 
ATOM   398  C C     . ILE A 1 54 ? -9.162  -13.913 3.934   1.00 19.86 ? 54  ILE A C     1 
ATOM   399  O O     . ILE A 1 54 ? -9.840  -12.890 4.101   1.00 19.26 ? 54  ILE A O     1 
ATOM   400  C CB    . ILE A 1 54 ? -6.830  -13.689 3.063   1.00 19.21 ? 54  ILE A CB    1 
ATOM   401  C CG1   . ILE A 1 54 ? -6.728  -12.414 3.923   1.00 10.97 ? 54  ILE A CG1   1 
ATOM   402  C CG2   . ILE A 1 54 ? -5.943  -13.602 1.807   1.00 20.03 ? 54  ILE A CG2   1 
ATOM   403  C CD1   . ILE A 1 54 ? -5.476  -12.471 4.785   1.00 10.06 ? 54  ILE A CD1   1 
ATOM   404  N N     . ASN A 1 55 ? -9.191  -14.932 4.757   1.00 21.27 ? 55  ASN A N     1 
ATOM   405  C CA    . ASN A 1 55 ? -9.954  -14.777 5.964   1.00 25.17 ? 55  ASN A CA    1 
ATOM   406  C C     . ASN A 1 55 ? -8.992  -14.467 7.100   1.00 22.84 ? 55  ASN A C     1 
ATOM   407  O O     . ASN A 1 55 ? -7.855  -15.006 7.201   1.00 19.54 ? 55  ASN A O     1 
ATOM   408  C CB    . ASN A 1 55 ? -10.909 -15.952 6.232   1.00 29.96 ? 55  ASN A CB    1 
ATOM   409  C CG    . ASN A 1 55 ? -10.174 -17.248 5.978   1.00 31.35 ? 55  ASN A CG    1 
ATOM   410  O OD1   . ASN A 1 55 ? -10.432 -17.932 4.975   1.00 34.70 ? 55  ASN A OD1   1 
ATOM   411  N ND2   . ASN A 1 55 ? -9.140  -17.498 6.785   1.00 27.24 ? 55  ASN A ND2   1 
ATOM   412  N N     . THR A 1 56 ? -9.459  -13.529 7.910   1.00 21.10 ? 56  THR A N     1 
ATOM   413  C CA    . THR A 1 56 ? -8.727  -13.018 9.047   1.00 16.44 ? 56  THR A CA    1 
ATOM   414  C C     . THR A 1 56 ? -9.553  -13.159 10.340  1.00 19.87 ? 56  THR A C     1 
ATOM   415  O O     . THR A 1 56 ? -10.739 -13.538 10.320  1.00 17.97 ? 56  THR A O     1 
ATOM   416  C CB    . THR A 1 56 ? -8.387  -11.546 8.730   1.00 10.15 ? 56  THR A CB    1 
ATOM   417  O OG1   . THR A 1 56 ? -9.587  -10.846 8.428   1.00 9.91  ? 56  THR A OG1   1 
ATOM   418  C CG2   . THR A 1 56 ? -7.502  -11.471 7.501   1.00 8.81  ? 56  THR A CG2   1 
ATOM   419  N N     . LYS A 1 57 ? -8.878  -12.910 11.476  1.00 19.60 ? 57  LYS A N     1 
ATOM   420  C CA    . LYS A 1 57 ? -9.483  -12.878 12.801  1.00 16.87 ? 57  LYS A CA    1 
ATOM   421  C C     . LYS A 1 57 ? -9.368  -11.426 13.191  1.00 17.19 ? 57  LYS A C     1 
ATOM   422  O O     . LYS A 1 57 ? -8.284  -10.844 13.106  1.00 21.08 ? 57  LYS A O     1 
ATOM   423  C CB    . LYS A 1 57 ? -8.754  -13.723 13.836  1.00 13.27 ? 57  LYS A CB    1 
ATOM   424  C CG    . LYS A 1 57 ? -9.004  -15.215 13.808  1.00 13.57 ? 57  LYS A CG    1 
ATOM   425  C CD    . LYS A 1 57 ? -7.682  -15.970 13.897  1.00 18.75 ? 57  LYS A CD    1 
ATOM   426  C CE    . LYS A 1 57 ? -7.542  -16.887 15.107  1.00 21.11 ? 57  LYS A CE    1 
ATOM   427  N NZ    . LYS A 1 57 ? -8.471  -18.024 15.057  1.00 24.87 ? 57  LYS A NZ    1 
ATOM   428  N N     . GLU A 1 58 ? -10.472 -10.816 13.539  1.00 18.39 ? 58  GLU A N     1 
ATOM   429  C CA    . GLU A 1 58 ? -10.464 -9.384  13.766  1.00 20.19 ? 58  GLU A CA    1 
ATOM   430  C C     . GLU A 1 58 ? -10.477 -8.831  15.214  1.00 20.20 ? 58  GLU A C     1 
ATOM   431  O O     . GLU A 1 58 ? -11.506 -8.866  15.909  1.00 23.17 ? 58  GLU A O     1 
ATOM   432  C CB    . GLU A 1 58 ? -11.508 -8.749  12.862  1.00 16.29 ? 58  GLU A CB    1 
ATOM   433  C CG    . GLU A 1 58 ? -11.258 -7.276  12.705  1.00 20.64 ? 58  GLU A CG    1 
ATOM   434  C CD    . GLU A 1 58 ? -12.512 -6.486  12.640  1.00 23.61 ? 58  GLU A CD    1 
ATOM   435  O OE1   . GLU A 1 58 ? -13.503 -6.723  13.334  1.00 28.24 ? 58  GLU A OE1   1 
ATOM   436  O OE2   . GLU A 1 58 ? -12.432 -5.553  11.725  1.00 22.54 ? 58  GLU A OE2   1 
ATOM   437  N N     . TYR A 1 59 ? -9.339  -8.257  15.643  1.00 18.03 ? 59  TYR A N     1 
ATOM   438  C CA    . TYR A 1 59 ? -9.188  -7.699  16.980  1.00 17.42 ? 59  TYR A CA    1 
ATOM   439  C C     . TYR A 1 59 ? -9.420  -6.191  17.043  1.00 19.24 ? 59  TYR A C     1 
ATOM   440  O O     . TYR A 1 59 ? -8.988  -5.418  16.191  1.00 23.21 ? 59  TYR A O     1 
ATOM   441  C CB    . TYR A 1 59 ? -7.839  -8.099  17.589  1.00 14.48 ? 59  TYR A CB    1 
ATOM   442  C CG    . TYR A 1 59 ? -7.693  -9.596  17.626  1.00 16.49 ? 59  TYR A CG    1 
ATOM   443  C CD1   . TYR A 1 59 ? -7.160  -10.293 16.545  1.00 15.30 ? 59  TYR A CD1   1 
ATOM   444  C CD2   . TYR A 1 59 ? -8.131  -10.325 18.731  1.00 15.42 ? 59  TYR A CD2   1 
ATOM   445  C CE1   . TYR A 1 59 ? -7.049  -11.681 16.610  1.00 17.22 ? 59  TYR A CE1   1 
ATOM   446  C CE2   . TYR A 1 59 ? -8.038  -11.713 18.797  1.00 12.94 ? 59  TYR A CE2   1 
ATOM   447  C CZ    . TYR A 1 59 ? -7.484  -12.408 17.721  1.00 15.73 ? 59  TYR A CZ    1 
ATOM   448  O OH    . TYR A 1 59 ? -7.409  -13.807 17.732  1.00 11.52 ? 59  TYR A OH    1 
ATOM   449  N N     . LYS A 1 60 ? -10.142 -5.768  18.072  1.00 16.82 ? 60  LYS A N     1 
ATOM   450  C CA    . LYS A 1 60 ? -10.467 -4.376  18.284  1.00 14.04 ? 60  LYS A CA    1 
ATOM   451  C C     . LYS A 1 60 ? -9.815  -3.839  19.516  1.00 14.52 ? 60  LYS A C     1 
ATOM   452  O O     . LYS A 1 60 ? -9.590  -4.576  20.450  1.00 17.01 ? 60  LYS A O     1 
ATOM   453  C CB    . LYS A 1 60 ? -11.936 -4.283  18.567  1.00 15.49 ? 60  LYS A CB    1 
ATOM   454  C CG    . LYS A 1 60 ? -12.623 -3.352  17.612  1.00 18.99 ? 60  LYS A CG    1 
ATOM   455  C CD    . LYS A 1 60 ? -13.963 -3.899  17.220  1.00 16.45 ? 60  LYS A CD    1 
ATOM   456  C CE    . LYS A 1 60 ? -13.898 -4.485  15.841  1.00 19.29 ? 60  LYS A CE    1 
ATOM   457  N NZ    . LYS A 1 60 ? -14.967 -5.465  15.645  1.00 25.43 ? 60  LYS A NZ    1 
ATOM   458  N N     . ASN A 1 61 ? -9.589  -2.529  19.564  1.00 19.57 ? 61  ASN A N     1 
ATOM   459  C CA    . ASN A 1 61 ? -9.045  -1.882  20.754  1.00 17.52 ? 61  ASN A CA    1 
ATOM   460  C C     . ASN A 1 61 ? -7.720  -2.442  21.189  1.00 18.11 ? 61  ASN A C     1 
ATOM   461  O O     . ASN A 1 61 ? -7.419  -2.504  22.367  1.00 22.59 ? 61  ASN A O     1 
ATOM   462  C CB    . ASN A 1 61 ? -10.090 -1.763  21.880  1.00 17.73 ? 61  ASN A CB    1 
ATOM   463  C CG    . ASN A 1 61 ? -11.367 -1.084  21.341  1.00 23.62 ? 61  ASN A CG    1 
ATOM   464  O OD1   . ASN A 1 61 ? -11.278 -0.036  20.665  1.00 20.40 ? 61  ASN A OD1   1 
ATOM   465  N ND2   . ASN A 1 61 ? -12.535 -1.749  21.472  1.00 23.47 ? 61  ASN A ND2   1 
ATOM   466  N N     . VAL A 1 62 ? -6.878  -2.763  20.195  1.00 18.48 ? 62  VAL A N     1 
ATOM   467  C CA    . VAL A 1 62 ? -5.527  -3.292  20.404  1.00 14.20 ? 62  VAL A CA    1 
ATOM   468  C C     . VAL A 1 62 ? -4.482  -2.212  20.752  1.00 11.32 ? 62  VAL A C     1 
ATOM   469  O O     . VAL A 1 62 ? -4.323  -1.230  20.050  1.00 14.32 ? 62  VAL A O     1 
ATOM   470  C CB    . VAL A 1 62 ? -5.142  -4.182  19.202  1.00 11.59 ? 62  VAL A CB    1 
ATOM   471  C CG1   . VAL A 1 62 ? -3.997  -5.170  19.457  1.00 7.81  ? 62  VAL A CG1   1 
ATOM   472  C CG2   . VAL A 1 62 ? -6.380  -4.970  18.781  1.00 11.72 ? 62  VAL A CG2   1 
ATOM   473  N N     . GLU A 1 63 ? -3.776  -2.374  21.858  1.00 10.55 ? 63  GLU A N     1 
ATOM   474  C CA    . GLU A 1 63 ? -2.711  -1.468  22.243  1.00 11.99 ? 63  GLU A CA    1 
ATOM   475  C C     . GLU A 1 63 ? -1.486  -1.593  21.348  1.00 12.94 ? 63  GLU A C     1 
ATOM   476  O O     . GLU A 1 63 ? -0.806  -2.653  21.299  1.00 10.82 ? 63  GLU A O     1 
ATOM   477  C CB    . GLU A 1 63 ? -2.235  -1.802  23.653  1.00 22.84 ? 63  GLU A CB    1 
ATOM   478  C CG    . GLU A 1 63 ? -2.894  -0.969  24.753  1.00 31.00 ? 63  GLU A CG    1 
ATOM   479  C CD    . GLU A 1 63 ? -3.899  -1.695  25.621  1.00 33.36 ? 63  GLU A CD    1 
ATOM   480  O OE1   . GLU A 1 63 ? -4.377  -2.841  25.114  1.00 33.55 ? 63  GLU A OE1   1 
ATOM   481  O OE2   . GLU A 1 63 ? -4.280  -1.213  26.669  1.00 34.34 ? 63  GLU A OE2   1 
ATOM   482  N N     . ILE A 1 64 ? -1.195  -0.487  20.670  1.00 9.42  ? 64  ILE A N     1 
ATOM   483  C CA    . ILE A 1 64 ? -0.078  -0.370  19.772  1.00 11.26 ? 64  ILE A CA    1 
ATOM   484  C C     . ILE A 1 64 ? 0.863   0.718   20.229  1.00 14.55 ? 64  ILE A C     1 
ATOM   485  O O     . ILE A 1 64 ? 0.441   1.770   20.655  1.00 17.33 ? 64  ILE A O     1 
ATOM   486  C CB    . ILE A 1 64 ? -0.463  -0.037  18.327  1.00 7.03  ? 64  ILE A CB    1 
ATOM   487  C CG1   . ILE A 1 64 ? -1.424  -1.044  17.762  1.00 9.64  ? 64  ILE A CG1   1 
ATOM   488  C CG2   . ILE A 1 64 ? 0.771   -0.050  17.432  1.00 7.44  ? 64  ILE A CG2   1 
ATOM   489  C CD1   . ILE A 1 64 ? -2.029  -0.479  16.496  1.00 13.27 ? 64  ILE A CD1   1 
ATOM   490  N N     . GLU A 1 65 ? 2.154   0.464   20.067  1.00 17.40 ? 65  GLU A N     1 
ATOM   491  C CA    . GLU A 1 65 ? 3.195   1.410   20.333  1.00 16.90 ? 65  GLU A CA    1 
ATOM   492  C C     . GLU A 1 65 ? 4.063   1.401   19.091  1.00 14.59 ? 65  GLU A C     1 
ATOM   493  O O     . GLU A 1 65 ? 4.600   0.376   18.682  1.00 10.11 ? 65  GLU A O     1 
ATOM   494  C CB    . GLU A 1 65 ? 3.987   1.049   21.609  1.00 19.00 ? 65  GLU A CB    1 
ATOM   495  C CG    . GLU A 1 65 ? 3.039   0.548   22.716  1.00 27.52 ? 65  GLU A CG    1 
ATOM   496  C CD    . GLU A 1 65 ? 3.419   -0.779  23.343  1.00 33.10 ? 65  GLU A CD    1 
ATOM   497  O OE1   . GLU A 1 65 ? 4.493   -0.662  24.129  1.00 32.58 ? 65  GLU A OE1   1 
ATOM   498  O OE2   . GLU A 1 65 ? 2.770   -1.825  23.223  1.00 32.47 ? 65  GLU A OE2   1 
ATOM   499  N N     . VAL A 1 66 ? 4.098   2.542   18.411  1.00 16.88 ? 66  VAL A N     1 
ATOM   500  C CA    . VAL A 1 66 ? 4.879   2.668   17.200  1.00 16.99 ? 66  VAL A CA    1 
ATOM   501  C C     . VAL A 1 66 ? 5.415   4.075   17.024  1.00 16.69 ? 66  VAL A C     1 
ATOM   502  O O     . VAL A 1 66 ? 4.766   5.059   17.357  1.00 16.54 ? 66  VAL A O     1 
ATOM   503  C CB    . VAL A 1 66 ? 4.119   2.147   15.979  1.00 15.53 ? 66  VAL A CB    1 
ATOM   504  C CG1   . VAL A 1 66 ? 2.829   2.934   15.781  1.00 15.00 ? 66  VAL A CG1   1 
ATOM   505  C CG2   . VAL A 1 66 ? 5.001   2.176   14.724  1.00 12.25 ? 66  VAL A CG2   1 
ATOM   506  N N     . LEU A 1 67 ? 6.648   4.177   16.563  1.00 20.97 ? 67  LEU A N     1 
ATOM   507  C CA    . LEU A 1 67 ? 7.222   5.495   16.373  1.00 20.87 ? 67  LEU A CA    1 
ATOM   508  C C     . LEU A 1 67 ? 7.068   6.410   17.625  1.00 26.44 ? 67  LEU A C     1 
ATOM   509  O O     . LEU A 1 67 ? 6.614   7.551   17.461  1.00 31.24 ? 67  LEU A O     1 
ATOM   510  C CB    . LEU A 1 67 ? 6.423   6.140   15.231  1.00 19.16 ? 67  LEU A CB    1 
ATOM   511  C CG    . LEU A 1 67 ? 7.039   6.304   13.838  1.00 14.40 ? 67  LEU A CG    1 
ATOM   512  C CD1   . LEU A 1 67 ? 8.561   6.326   13.871  1.00 16.70 ? 67  LEU A CD1   1 
ATOM   513  C CD2   . LEU A 1 67 ? 6.450   5.295   12.892  1.00 8.49  ? 67  LEU A CD2   1 
ATOM   514  N N     . ASN A 1 68 ? 7.463   5.963   18.861  1.00 25.90 ? 68  ASN A N     1 
ATOM   515  C CA    . ASN A 1 68 ? 7.372   6.784   20.092  1.00 22.08 ? 68  ASN A CA    1 
ATOM   516  C C     . ASN A 1 68 ? 5.954   7.289   20.315  1.00 19.31 ? 68  ASN A C     1 
ATOM   517  O O     . ASN A 1 68 ? 5.695   8.311   20.941  1.00 20.44 ? 68  ASN A O     1 
ATOM   518  C CB    . ASN A 1 68 ? 8.412   7.946   20.109  1.00 25.35 ? 68  ASN A CB    1 
ATOM   519  C CG    . ASN A 1 68 ? 8.585   8.728   21.451  1.00 33.05 ? 68  ASN A CG    1 
ATOM   520  O OD1   . ASN A 1 68 ? 9.712   8.879   22.004  1.00 35.49 ? 68  ASN A OD1   1 
ATOM   521  N ND2   . ASN A 1 68 ? 7.497   9.339   21.957  1.00 33.13 ? 68  ASN A ND2   1 
ATOM   522  N N     . LYS A 1 69 ? 5.003   6.543   19.806  1.00 18.85 ? 69  LYS A N     1 
ATOM   523  C CA    . LYS A 1 69 ? 3.619   6.929   19.921  1.00 17.89 ? 69  LYS A CA    1 
ATOM   524  C C     . LYS A 1 69 ? 2.671   5.765   20.247  1.00 19.70 ? 69  LYS A C     1 
ATOM   525  O O     . LYS A 1 69 ? 2.826   4.639   19.738  1.00 20.26 ? 69  LYS A O     1 
ATOM   526  C CB    . LYS A 1 69 ? 3.259   7.579   18.633  1.00 18.18 ? 69  LYS A CB    1 
ATOM   527  C CG    . LYS A 1 69 ? 2.084   8.503   18.743  1.00 17.60 ? 69  LYS A CG    1 
ATOM   528  C CD    . LYS A 1 69 ? 1.888   9.160   17.410  1.00 16.39 ? 69  LYS A CD    1 
ATOM   529  C CE    . LYS A 1 69 ? 2.766   10.376  17.253  1.00 14.04 ? 69  LYS A CE    1 
ATOM   530  N NZ    . LYS A 1 69 ? 2.031   11.505  16.623  1.00 16.03 ? 69  LYS A NZ    1 
ATOM   531  N N     . LYS A 1 70 ? 1.682   6.062   21.111  1.00 20.02 ? 70  LYS A N     1 
ATOM   532  C CA    . LYS A 1 70 ? 0.672   5.131   21.637  1.00 19.92 ? 70  LYS A CA    1 
ATOM   533  C C     . LYS A 1 70 ? -0.701  5.241   20.955  1.00 17.27 ? 70  LYS A C     1 
ATOM   534  O O     . LYS A 1 70 ? -1.343  6.285   21.005  1.00 16.17 ? 70  LYS A O     1 
ATOM   535  C CB    . LYS A 1 70 ? 0.480   5.455   23.103  1.00 22.06 ? 70  LYS A CB    1 
ATOM   536  C CG    . LYS A 1 70 ? 0.325   4.247   23.976  1.00 21.51 ? 70  LYS A CG    1 
ATOM   537  C CD    . LYS A 1 70 ? 1.652   3.589   24.218  1.00 26.36 ? 70  LYS A CD    1 
ATOM   538  C CE    . LYS A 1 70 ? 1.465   2.393   25.145  1.00 35.52 ? 70  LYS A CE    1 
ATOM   539  N NZ    . LYS A 1 70 ? 2.642   1.513   25.277  1.00 40.42 ? 70  LYS A NZ    1 
ATOM   540  N N     . VAL A 1 71 ? -1.186  4.174   20.338  1.00 12.08 ? 71  VAL A N     1 
ATOM   541  C CA    . VAL A 1 71 ? -2.490  4.243   19.687  1.00 11.01 ? 71  VAL A CA    1 
ATOM   542  C C     . VAL A 1 71 ? -3.227  2.985   20.054  1.00 11.22 ? 71  VAL A C     1 
ATOM   543  O O     . VAL A 1 71 ? -2.618  2.145   20.696  1.00 8.65  ? 71  VAL A O     1 
ATOM   544  C CB    . VAL A 1 71 ? -2.460  4.476   18.148  1.00 6.92  ? 71  VAL A CB    1 
ATOM   545  C CG1   . VAL A 1 71 ? -2.334  5.951   17.861  1.00 4.63  ? 71  VAL A CG1   1 
ATOM   546  C CG2   . VAL A 1 71 ? -1.219  3.836   17.529  1.00 9.47  ? 71  VAL A CG2   1 
ATOM   547  N N     . ARG A 1 72 ? -4.526  2.918   19.716  1.00 12.32 ? 72  ARG A N     1 
ATOM   548  C CA    . ARG A 1 72 ? -5.365  1.729   19.859  1.00 16.33 ? 72  ARG A CA    1 
ATOM   549  C C     . ARG A 1 72 ? -6.193  1.572   18.619  1.00 17.37 ? 72  ARG A C     1 
ATOM   550  O O     . ARG A 1 72 ? -6.886  2.508   18.199  1.00 16.77 ? 72  ARG A O     1 
ATOM   551  C CB    . ARG A 1 72 ? -6.380  1.722   20.973  1.00 18.29 ? 72  ARG A CB    1 
ATOM   552  C CG    . ARG A 1 72 ? -5.914  2.294   22.280  1.00 21.61 ? 72  ARG A CG    1 
ATOM   553  C CD    . ARG A 1 72 ? -6.989  2.028   23.308  1.00 23.44 ? 72  ARG A CD    1 
ATOM   554  N NE    . ARG A 1 72 ? -7.091  0.597   23.567  1.00 25.69 ? 72  ARG A NE    1 
ATOM   555  C CZ    . ARG A 1 72 ? -6.305  -0.044  24.449  1.00 26.58 ? 72  ARG A CZ    1 
ATOM   556  N NH1   . ARG A 1 72 ? -5.415  0.592   25.202  1.00 24.83 ? 72  ARG A NH1   1 
ATOM   557  N NH2   . ARG A 1 72 ? -6.470  -1.356  24.614  1.00 23.82 ? 72  ARG A NH2   1 
ATOM   558  N N     . ALA A 1 73 ? -6.143  0.398   18.032  1.00 15.66 ? 73  ALA A N     1 
ATOM   559  C CA    . ALA A 1 73 ? -6.964  0.275   16.864  1.00 17.57 ? 73  ALA A CA    1 
ATOM   560  C C     . ALA A 1 73 ? -7.349  -1.176  16.567  1.00 18.54 ? 73  ALA A C     1 
ATOM   561  O O     . ALA A 1 73 ? -7.092  -2.082  17.376  1.00 16.60 ? 73  ALA A O     1 
ATOM   562  C CB    . ALA A 1 73 ? -6.292  1.026   15.731  1.00 16.12 ? 73  ALA A CB    1 
ATOM   563  N N     . THR A 1 74 ? -7.991  -1.374  15.409  1.00 13.50 ? 74  THR A N     1 
ATOM   564  C CA    . THR A 1 74 ? -8.337  -2.694  14.960  1.00 11.76 ? 74  THR A CA    1 
ATOM   565  C C     . THR A 1 74 ? -7.159  -3.333  14.224  1.00 13.61 ? 74  THR A C     1 
ATOM   566  O O     . THR A 1 74 ? -6.569  -2.810  13.282  1.00 12.07 ? 74  THR A O     1 
ATOM   567  C CB    . THR A 1 74 ? -9.574  -2.667  14.065  1.00 10.04 ? 74  THR A CB    1 
ATOM   568  O OG1   . THR A 1 74 ? -10.623 -1.972  14.701  1.00 9.42  ? 74  THR A OG1   1 
ATOM   569  C CG2   . THR A 1 74 ? -10.022 -4.064  13.685  1.00 11.88 ? 74  THR A CG2   1 
ATOM   570  N N     . ILE A 1 75 ? -6.788  -4.485  14.709  1.00 17.19 ? 75  ILE A N     1 
ATOM   571  C CA    . ILE A 1 75 ? -5.746  -5.261  14.096  1.00 16.46 ? 75  ILE A CA    1 
ATOM   572  C C     . ILE A 1 75 ? -6.432  -6.506  13.506  1.00 14.84 ? 75  ILE A C     1 
ATOM   573  O O     . ILE A 1 75 ? -7.334  -7.084  14.096  1.00 15.26 ? 75  ILE A O     1 
ATOM   574  C CB    . ILE A 1 75 ? -4.703  -5.627  15.175  1.00 18.14 ? 75  ILE A CB    1 
ATOM   575  C CG1   . ILE A 1 75 ? -3.757  -4.460  15.340  1.00 17.81 ? 75  ILE A CG1   1 
ATOM   576  C CG2   . ILE A 1 75 ? -3.858  -6.837  14.791  1.00 24.33 ? 75  ILE A CG2   1 
ATOM   577  C CD1   . ILE A 1 75 ? -3.170  -4.087  13.997  1.00 21.46 ? 75  ILE A CD1   1 
ATOM   578  N N     . MET A 1 76 ? -6.109  -6.908  12.311  1.00 14.93 ? 76  MET A N     1 
ATOM   579  C CA    . MET A 1 76 ? -6.681  -8.144  11.857  1.00 17.56 ? 76  MET A CA    1 
ATOM   580  C C     . MET A 1 76 ? -5.555  -9.158  11.884  1.00 16.83 ? 76  MET A C     1 
ATOM   581  O O     . MET A 1 76 ? -4.382  -8.804  11.824  1.00 16.10 ? 76  MET A O     1 
ATOM   582  C CB    . MET A 1 76 ? -7.291  -8.069  10.468  1.00 15.61 ? 76  MET A CB    1 
ATOM   583  C CG    . MET A 1 76 ? -8.282  -6.965  10.338  1.00 16.65 ? 76  MET A CG    1 
ATOM   584  S SD    . MET A 1 76 ? -8.817  -6.911  8.625   1.00 24.43 ? 76  MET A SD    1 
ATOM   585  C CE    . MET A 1 76 ? -10.363 -7.823  8.793   1.00 25.19 ? 76  MET A CE    1 
ATOM   586  N N     . THR A 1 77 ? -5.861  -10.417 11.949  1.00 19.76 ? 77  THR A N     1 
ATOM   587  C CA    . THR A 1 77 ? -4.752  -11.347 12.003  1.00 21.55 ? 77  THR A CA    1 
ATOM   588  C C     . THR A 1 77 ? -4.835  -12.381 10.862  1.00 19.50 ? 77  THR A C     1 
ATOM   589  O O     . THR A 1 77 ? -5.937  -12.768 10.454  1.00 19.59 ? 77  THR A O     1 
ATOM   590  C CB    . THR A 1 77 ? -4.715  -11.860 13.466  1.00 22.80 ? 77  THR A CB    1 
ATOM   591  O OG1   . THR A 1 77 ? -3.596  -11.373 14.216  1.00 19.16 ? 77  THR A OG1   1 
ATOM   592  C CG2   . THR A 1 77 ? -5.054  -13.346 13.626  1.00 20.54 ? 77  THR A CG2   1 
ATOM   593  N N     . GLY A 1 78 ? -3.707  -12.702 10.214  1.00 14.47 ? 78  GLY A N     1 
ATOM   594  C CA    . GLY A 1 78 ? -3.781  -13.635 9.095   1.00 17.70 ? 78  GLY A CA    1 
ATOM   595  C C     . GLY A 1 78 ? -2.498  -13.985 8.286   1.00 17.86 ? 78  GLY A C     1 
ATOM   596  O O     . GLY A 1 78 ? -1.376  -13.552 8.560   1.00 15.81 ? 78  GLY A O     1 
ATOM   597  N N     . ASP A 1 79 ? -2.683  -14.818 7.262   1.00 17.94 ? 79  ASP A N     1 
ATOM   598  C CA    . ASP A 1 79 ? -1.577  -15.236 6.427   1.00 22.06 ? 79  ASP A CA    1 
ATOM   599  C C     . ASP A 1 79 ? -1.166  -14.107 5.571   1.00 20.96 ? 79  ASP A C     1 
ATOM   600  O O     . ASP A 1 79 ? -1.702  -13.983 4.480   1.00 25.00 ? 79  ASP A O     1 
ATOM   601  C CB    . ASP A 1 79 ? -1.963  -16.329 5.410   1.00 27.36 ? 79  ASP A CB    1 
ATOM   602  C CG    . ASP A 1 79 ? -2.215  -17.690 6.002   1.00 32.95 ? 79  ASP A CG    1 
ATOM   603  O OD1   . ASP A 1 79 ? -3.313  -18.009 6.455   1.00 34.88 ? 79  ASP A OD1   1 
ATOM   604  O OD2   . ASP A 1 79 ? -1.156  -18.503 5.940   1.00 32.87 ? 79  ASP A OD2   1 
ATOM   605  N N     . THR A 1 80 ? -0.228  -13.306 6.047   1.00 22.06 ? 80  THR A N     1 
ATOM   606  C CA    . THR A 1 80 ? 0.289   -12.190 5.281   1.00 16.85 ? 80  THR A CA    1 
ATOM   607  C C     . THR A 1 80 ? 1.798   -12.270 5.277   1.00 16.11 ? 80  THR A C     1 
ATOM   608  O O     . THR A 1 80 ? 2.396   -12.455 6.324   1.00 16.96 ? 80  THR A O     1 
ATOM   609  C CB    . THR A 1 80 ? -0.242  -10.838 5.793   1.00 16.36 ? 80  THR A CB    1 
ATOM   610  O OG1   . THR A 1 80 ? 0.186   -9.852  4.908   1.00 20.50 ? 80  THR A OG1   1 
ATOM   611  C CG2   . THR A 1 80 ? 0.249   -10.507 7.188   1.00 17.78 ? 80  THR A CG2   1 
ATOM   612  N N     . PRO A 1 81 ? 2.408   -12.213 4.085   1.00 17.47 ? 81  PRO A N     1 
ATOM   613  C CA    . PRO A 1 81 ? 3.838   -12.315 3.934   1.00 16.67 ? 81  PRO A CA    1 
ATOM   614  C C     . PRO A 1 81 ? 4.594   -11.209 4.659   1.00 19.42 ? 81  PRO A C     1 
ATOM   615  O O     . PRO A 1 81 ? 5.633   -11.471 5.269   1.00 21.49 ? 81  PRO A O     1 
ATOM   616  C CB    . PRO A 1 81 ? 4.130   -12.295 2.442   1.00 16.39 ? 81  PRO A CB    1 
ATOM   617  C CG    . PRO A 1 81 ? 2.829   -11.966 1.730   1.00 16.06 ? 81  PRO A CG    1 
ATOM   618  C CD    . PRO A 1 81 ? 1.743   -11.923 2.776   1.00 17.05 ? 81  PRO A CD    1 
ATOM   619  N N     . ILE A 1 82 ? 4.088   -9.973  4.566   1.00 15.34 ? 82  ILE A N     1 
ATOM   620  C CA    . ILE A 1 82 ? 4.655   -8.833  5.267   1.00 13.74 ? 82  ILE A CA    1 
ATOM   621  C C     . ILE A 1 82 ? 3.550   -8.305  6.143   1.00 13.84 ? 82  ILE A C     1 
ATOM   622  O O     . ILE A 1 82 ? 2.406   -8.474  5.759   1.00 17.08 ? 82  ILE A O     1 
ATOM   623  C CB    . ILE A 1 82 ? 5.205   -7.796  4.281   1.00 14.05 ? 82  ILE A CB    1 
ATOM   624  C CG1   . ILE A 1 82 ? 6.370   -8.419  3.519   1.00 16.79 ? 82  ILE A CG1   1 
ATOM   625  C CG2   . ILE A 1 82 ? 5.656   -6.479  4.930   1.00 12.10 ? 82  ILE A CG2   1 
ATOM   626  C CD1   . ILE A 1 82 ? 5.864   -9.285  2.381   1.00 19.13 ? 82  ILE A CD1   1 
ATOM   627  N N     . ASN A 1 83 ? 3.844   -7.755  7.331   1.00 11.01 ? 83  ASN A N     1 
ATOM   628  C CA    . ASN A 1 83 ? 2.779   -7.231  8.206   1.00 10.51 ? 83  ASN A CA    1 
ATOM   629  C C     . ASN A 1 83 ? 2.479   -5.800  7.847   1.00 8.83  ? 83  ASN A C     1 
ATOM   630  O O     . ASN A 1 83 ? 3.384   -5.000  7.665   1.00 7.86  ? 83  ASN A O     1 
ATOM   631  C CB    . ASN A 1 83 ? 3.209   -7.145  9.668   1.00 14.65 ? 83  ASN A CB    1 
ATOM   632  C CG    . ASN A 1 83 ? 3.438   -8.465  10.288  1.00 12.97 ? 83  ASN A CG    1 
ATOM   633  O OD1   . ASN A 1 83 ? 2.874   -9.472  9.864   1.00 13.77 ? 83  ASN A OD1   1 
ATOM   634  N ND2   . ASN A 1 83 ? 4.256   -8.424  11.306  1.00 18.42 ? 83  ASN A ND2   1 
ATOM   635  N N     . ILE A 1 84 ? 1.226   -5.423  7.835   1.00 10.23 ? 84  ILE A N     1 
ATOM   636  C CA    . ILE A 1 84 ? 0.952   -4.105  7.340   1.00 14.51 ? 84  ILE A CA    1 
ATOM   637  C C     . ILE A 1 84 ? 0.136   -3.183  8.224   1.00 16.31 ? 84  ILE A C     1 
ATOM   638  O O     . ILE A 1 84 ? -0.912  -3.536  8.749   1.00 15.42 ? 84  ILE A O     1 
ATOM   639  C CB    . ILE A 1 84 ? 0.439   -4.140  5.882   1.00 15.10 ? 84  ILE A CB    1 
ATOM   640  C CG1   . ILE A 1 84 ? -0.996  -4.585  5.861   1.00 18.30 ? 84  ILE A CG1   1 
ATOM   641  C CG2   . ILE A 1 84 ? 1.227   -5.106  4.989   1.00 17.13 ? 84  ILE A CG2   1 
ATOM   642  C CD1   . ILE A 1 84 ? -1.908  -3.503  5.299   1.00 22.81 ? 84  ILE A CD1   1 
ATOM   643  N N     . PHE A 1 85 ? 0.624   -1.951  8.320   1.00 16.01 ? 85  PHE A N     1 
ATOM   644  C CA    . PHE A 1 85 ? -0.049  -0.892  9.006   1.00 13.78 ? 85  PHE A CA    1 
ATOM   645  C C     . PHE A 1 85 ? -0.726  0.005   7.974   1.00 13.57 ? 85  PHE A C     1 
ATOM   646  O O     . PHE A 1 85 ? -0.076  0.734   7.233   1.00 12.78 ? 85  PHE A O     1 
ATOM   647  C CB    . PHE A 1 85 ? 0.898   -0.104  9.916   1.00 11.43 ? 85  PHE A CB    1 
ATOM   648  C CG    . PHE A 1 85 ? 1.005   -0.690  11.302  1.00 8.53  ? 85  PHE A CG    1 
ATOM   649  C CD1   . PHE A 1 85 ? 0.508   -1.951  11.608  1.00 6.70  ? 85  PHE A CD1   1 
ATOM   650  C CD2   . PHE A 1 85 ? 1.623   0.022   12.326  1.00 9.00  ? 85  PHE A CD2   1 
ATOM   651  C CE1   . PHE A 1 85 ? 0.613   -2.484  12.897  1.00 10.84 ? 85  PHE A CE1   1 
ATOM   652  C CE2   . PHE A 1 85 ? 1.767   -0.512  13.607  1.00 8.54  ? 85  PHE A CE2   1 
ATOM   653  C CZ    . PHE A 1 85 ? 1.247   -1.769  13.914  1.00 8.14  ? 85  PHE A CZ    1 
ATOM   654  N N     . GLY A 1 86 ? -2.040  -0.141  7.896   1.00 13.76 ? 86  GLY A N     1 
ATOM   655  C CA    . GLY A 1 86 ? -2.880  0.592   6.978   1.00 13.70 ? 86  GLY A CA    1 
ATOM   656  C C     . GLY A 1 86 ? -3.321  1.956   7.521   1.00 13.58 ? 86  GLY A C     1 
ATOM   657  O O     . GLY A 1 86 ? -2.882  2.427   8.569   1.00 13.54 ? 86  GLY A O     1 
ATOM   658  N N     . ARG A 1 87 ? -4.195  2.565   6.746   1.00 13.82 ? 87  ARG A N     1 
ATOM   659  C CA    . ARG A 1 87 ? -4.670  3.922   6.901   1.00 14.98 ? 87  ARG A CA    1 
ATOM   660  C C     . ARG A 1 87 ? -5.453  4.209   8.180   1.00 13.63 ? 87  ARG A C     1 
ATOM   661  O O     . ARG A 1 87 ? -5.647  5.367   8.589   1.00 10.51 ? 87  ARG A O     1 
ATOM   662  C CB    . ARG A 1 87 ? -5.506  4.232   5.678   1.00 14.68 ? 87  ARG A CB    1 
ATOM   663  C CG    . ARG A 1 87 ? -4.699  4.814   4.541   1.00 6.36  ? 87  ARG A CG    1 
ATOM   664  C CD    . ARG A 1 87 ? -5.638  5.460   3.549   1.00 7.83  ? 87  ARG A CD    1 
ATOM   665  N NE    . ARG A 1 87 ? -6.768  4.586   3.217   1.00 11.15 ? 87  ARG A NE    1 
ATOM   666  C CZ    . ARG A 1 87 ? -8.039  4.853   3.518   1.00 7.46  ? 87  ARG A CZ    1 
ATOM   667  N NH1   . ARG A 1 87 ? -8.358  5.950   4.198   1.00 13.34 ? 87  ARG A NH1   1 
ATOM   668  N NH2   . ARG A 1 87 ? -9.003  4.014   3.143   1.00 4.11  ? 87  ARG A NH2   1 
ATOM   669  N N     . ASN A 1 88 ? -5.915  3.142   8.807   1.00 14.23 ? 88  ASN A N     1 
ATOM   670  C CA    . ASN A 1 88 ? -6.613  3.320   10.038  1.00 13.60 ? 88  ASN A CA    1 
ATOM   671  C C     . ASN A 1 88 ? -5.607  3.675   11.131  1.00 13.91 ? 88  ASN A C     1 
ATOM   672  O O     . ASN A 1 88 ? -5.815  4.615   11.884  1.00 16.59 ? 88  ASN A O     1 
ATOM   673  C CB    . ASN A 1 88 ? -7.529  2.121   10.351  1.00 16.30 ? 88  ASN A CB    1 
ATOM   674  C CG    . ASN A 1 88 ? -6.742  0.896   10.740  1.00 18.78 ? 88  ASN A CG    1 
ATOM   675  O OD1   . ASN A 1 88 ? -5.706  0.576   10.124  1.00 13.31 ? 88  ASN A OD1   1 
ATOM   676  N ND2   . ASN A 1 88 ? -7.220  0.260   11.816  1.00 20.82 ? 88  ASN A ND2   1 
ATOM   677  N N     . ILE A 1 89 ? -4.466  2.979   11.166  1.00 12.10 ? 89  ILE A N     1 
ATOM   678  C CA    . ILE A 1 89 ? -3.434  3.288   12.146  1.00 10.41 ? 89  ILE A CA    1 
ATOM   679  C C     . ILE A 1 89 ? -2.679  4.571   11.779  1.00 10.51 ? 89  ILE A C     1 
ATOM   680  O O     . ILE A 1 89 ? -2.456  5.452   12.588  1.00 10.32 ? 89  ILE A O     1 
ATOM   681  C CB    . ILE A 1 89 ? -2.523  2.067   12.368  1.00 8.58  ? 89  ILE A CB    1 
ATOM   682  C CG1   . ILE A 1 89 ? -3.310  0.981   13.101  1.00 10.53 ? 89  ILE A CG1   1 
ATOM   683  C CG2   . ILE A 1 89 ? -1.300  2.410   13.208  1.00 4.28  ? 89  ILE A CG2   1 
ATOM   684  C CD1   . ILE A 1 89 ? -2.643  -0.385  13.110  1.00 7.99  ? 89  ILE A CD1   1 
ATOM   685  N N     . LEU A 1 90 ? -2.276  4.667   10.524  1.00 13.89 ? 90  LEU A N     1 
ATOM   686  C CA    . LEU A 1 90 ? -1.551  5.820   9.990   1.00 17.09 ? 90  LEU A CA    1 
ATOM   687  C C     . LEU A 1 90 ? -2.261  7.151   10.344  1.00 17.91 ? 90  LEU A C     1 
ATOM   688  O O     . LEU A 1 90 ? -1.646  8.084   10.843  1.00 15.76 ? 90  LEU A O     1 
ATOM   689  C CB    . LEU A 1 90 ? -1.393  5.633   8.461   1.00 19.30 ? 90  LEU A CB    1 
ATOM   690  C CG    . LEU A 1 90 ? -0.067  5.097   7.899   1.00 20.29 ? 90  LEU A CG    1 
ATOM   691  C CD1   . LEU A 1 90 ? 0.490   3.895   8.660   1.00 16.98 ? 90  LEU A CD1   1 
ATOM   692  C CD2   . LEU A 1 90 ? -0.207  4.798   6.398   1.00 15.35 ? 90  LEU A CD2   1 
ATOM   693  N N     . THR A 1 91 ? -3.593  7.221   10.122  1.00 18.68 ? 91  THR A N     1 
ATOM   694  C CA    . THR A 1 91 ? -4.428  8.380   10.494  1.00 13.44 ? 91  THR A CA    1 
ATOM   695  C C     . THR A 1 91 ? -4.341  8.718   12.006  1.00 10.24 ? 91  THR A C     1 
ATOM   696  O O     . THR A 1 91 ? -4.145  9.850   12.412  1.00 10.93 ? 91  THR A O     1 
ATOM   697  C CB    . THR A 1 91 ? -5.884  8.082   10.056  1.00 12.77 ? 91  THR A CB    1 
ATOM   698  O OG1   . THR A 1 91 ? -5.947  8.017   8.635   1.00 8.68  ? 91  THR A OG1   1 
ATOM   699  C CG2   . THR A 1 91 ? -6.913  9.076   10.623  1.00 13.39 ? 91  THR A CG2   1 
ATOM   700  N N     . ALA A 1 92 ? -4.466  7.703   12.839  1.00 5.23  ? 92  ALA A N     1 
ATOM   701  C CA    . ALA A 1 92 ? -4.418  7.836   14.269  1.00 5.76  ? 92  ALA A CA    1 
ATOM   702  C C     . ALA A 1 92 ? -3.094  8.369   14.760  1.00 10.93 ? 92  ALA A C     1 
ATOM   703  O O     . ALA A 1 92 ? -3.011  8.939   15.848  1.00 17.70 ? 92  ALA A O     1 
ATOM   704  C CB    . ALA A 1 92 ? -4.720  6.505   14.976  1.00 2.00  ? 92  ALA A CB    1 
ATOM   705  N N     . LEU A 1 93 ? -2.065  8.159   13.968  1.00 11.81 ? 93  LEU A N     1 
ATOM   706  C CA    . LEU A 1 93 ? -0.695  8.519   14.322  1.00 11.53 ? 93  LEU A CA    1 
ATOM   707  C C     . LEU A 1 93 ? -0.321  9.917   13.874  1.00 13.89 ? 93  LEU A C     1 
ATOM   708  O O     . LEU A 1 93 ? 0.701   10.477  14.273  1.00 15.72 ? 93  LEU A O     1 
ATOM   709  C CB    . LEU A 1 93 ? 0.206   7.575   13.509  1.00 17.73 ? 93  LEU A CB    1 
ATOM   710  C CG    . LEU A 1 93 ? 1.196   6.731   14.280  1.00 18.54 ? 93  LEU A CG    1 
ATOM   711  C CD1   . LEU A 1 93 ? 0.676   6.433   15.671  1.00 16.76 ? 93  LEU A CD1   1 
ATOM   712  C CD2   . LEU A 1 93 ? 1.411   5.452   13.476  1.00 15.06 ? 93  LEU A CD2   1 
ATOM   713  N N     . GLY A 1 94 ? -1.093  10.437  12.936  1.00 11.70 ? 94  GLY A N     1 
ATOM   714  C CA    . GLY A 1 94 ? -0.820  11.727  12.371  1.00 12.26 ? 94  GLY A CA    1 
ATOM   715  C C     . GLY A 1 94 ? 0.072   11.726  11.115  1.00 15.24 ? 94  GLY A C     1 
ATOM   716  O O     . GLY A 1 94 ? 0.469   12.827  10.690  1.00 16.27 ? 94  GLY A O     1 
ATOM   717  N N     . MET A 1 95 ? 0.388   10.544  10.498  1.00 10.67 ? 95  MET A N     1 
ATOM   718  C CA    . MET A 1 95 ? 1.253   10.565  9.329   1.00 6.95  ? 95  MET A CA    1 
ATOM   719  C C     . MET A 1 95 ? 0.533   11.133  8.127   1.00 10.31 ? 95  MET A C     1 
ATOM   720  O O     . MET A 1 95 ? -0.689  11.134  8.091   1.00 10.50 ? 95  MET A O     1 
ATOM   721  C CB    . MET A 1 95 ? 1.888   9.228   8.911   1.00 9.75  ? 95  MET A CB    1 
ATOM   722  C CG    . MET A 1 95 ? 2.560   8.397   9.971   1.00 10.00 ? 95  MET A CG    1 
ATOM   723  S SD    . MET A 1 95 ? 3.823   7.313   9.230   1.00 16.25 ? 95  MET A SD    1 
ATOM   724  C CE    . MET A 1 95 ? 5.124   8.516   8.824   1.00 18.53 ? 95  MET A CE    1 
ATOM   725  N N     . SER A 1 96 ? 1.328   11.546  7.130   1.00 8.92  ? 96  SER A N     1 
ATOM   726  C CA    . SER A 1 96 ? 0.833   12.140  5.928   1.00 5.03  ? 96  SER A CA    1 
ATOM   727  C C     . SER A 1 96 ? 1.737   11.925  4.736   1.00 4.12  ? 96  SER A C     1 
ATOM   728  O O     . SER A 1 96 ? 2.913   11.772  4.897   1.00 3.72  ? 96  SER A O     1 
ATOM   729  C CB    . SER A 1 96 ? 0.522   13.616  6.139   1.00 9.21  ? 96  SER A CB    1 
ATOM   730  O OG    . SER A 1 96 ? 1.667   14.410  5.935   1.00 14.26 ? 96  SER A OG    1 
ATOM   731  N N     . LEU A 1 97 ? 1.162   11.876  3.540   1.00 2.72  ? 97  LEU A N     1 
ATOM   732  C CA    . LEU A 1 97 ? 1.904   11.703  2.307   1.00 9.24  ? 97  LEU A CA    1 
ATOM   733  C C     . LEU A 1 97 ? 2.276   13.103  1.770   1.00 14.57 ? 97  LEU A C     1 
ATOM   734  O O     . LEU A 1 97 ? 1.418   13.989  1.620   1.00 16.82 ? 97  LEU A O     1 
ATOM   735  C CB    . LEU A 1 97 ? 1.012   10.953  1.294   1.00 11.12 ? 97  LEU A CB    1 
ATOM   736  C CG    . LEU A 1 97 ? 1.524   9.661   0.676   1.00 8.00  ? 97  LEU A CG    1 
ATOM   737  C CD1   . LEU A 1 97 ? 1.128   9.674   -0.796  1.00 6.00  ? 97  LEU A CD1   1 
ATOM   738  C CD2   . LEU A 1 97 ? 3.039   9.547   0.787   1.00 6.87  ? 97  LEU A CD2   1 
ATOM   739  N N     . ASN A 1 98 ? 3.573   13.358  1.480   1.00 14.10 ? 98  ASN A N     1 
ATOM   740  C CA    . ASN A 1 98 ? 3.905   14.691  1.034   1.00 12.02 ? 98  ASN A CA    1 
ATOM   741  C C     . ASN A 1 98 ? 4.535   14.760  -0.313  1.00 8.02  ? 98  ASN A C     1 
ATOM   742  O O     . ASN A 1 98 ? 5.197   13.838  -0.731  1.00 11.03 ? 98  ASN A O     1 
ATOM   743  C CB    . ASN A 1 98 ? 4.742   15.429  2.091   1.00 16.73 ? 98  ASN A CB    1 
ATOM   744  C CG    . ASN A 1 98 ? 3.849   15.928  3.207   1.00 20.16 ? 98  ASN A CG    1 
ATOM   745  O OD1   . ASN A 1 98 ? 3.285   15.148  3.995   1.00 16.95 ? 98  ASN A OD1   1 
ATOM   746  N ND2   . ASN A 1 98 ? 3.614   17.229  3.182   1.00 24.91 ? 98  ASN A ND2   1 
ATOM   747  N N     . LEU A 1 99 ? 4.357   15.885  -0.941  1.00 6.30  ? 99  LEU A N     1 
ATOM   748  C CA    . LEU A 1 99 ? 4.962   16.193  -2.199  1.00 10.19 ? 99  LEU A CA    1 
ATOM   749  C C     . LEU A 1 99 ? 5.423   17.653  -2.163  1.00 14.73 ? 99  LEU A C     1 
ATOM   750  O O     . LEU A 1 99 ? 6.631   17.872  -2.240  1.00 19.17 ? 99  LEU A O     1 
ATOM   751  C CB    . LEU A 1 99 ? 4.030   15.886  -3.381  1.00 11.49 ? 99  LEU A CB    1 
ATOM   752  C CG    . LEU A 1 99 ? 4.509   16.417  -4.733  1.00 14.20 ? 99  LEU A CG    1 
ATOM   753  C CD1   . LEU A 1 99 ? 5.623   15.569  -5.314  1.00 8.27  ? 99  LEU A CD1   1 
ATOM   754  C CD2   . LEU A 1 99 ? 3.341   16.438  -5.723  1.00 16.70 ? 99  LEU A CD2   1 
ATOM   755  O OXT   . LEU A 1 99 ? 4.658   18.633  -1.913  1.00 19.57 ? 99  LEU A OXT   1 
ATOM   756  N N     . PRO B 1 1  ? 1.586   19.353  -2.350  1.00 16.34 ? 1   PRO B N     1 
ATOM   757  C CA    . PRO B 1 1  ? 0.439   18.638  -1.818  1.00 16.09 ? 1   PRO B CA    1 
ATOM   758  C C     . PRO B 1 1  ? 0.769   17.680  -0.690  1.00 14.46 ? 1   PRO B C     1 
ATOM   759  O O     . PRO B 1 1  ? 1.756   16.984  -0.686  1.00 14.52 ? 1   PRO B O     1 
ATOM   760  C CB    . PRO B 1 1  ? -0.248  17.895  -2.992  1.00 16.90 ? 1   PRO B CB    1 
ATOM   761  C CG    . PRO B 1 1  ? 0.394   18.420  -4.267  1.00 14.27 ? 1   PRO B CG    1 
ATOM   762  C CD    . PRO B 1 1  ? 1.651   19.200  -3.844  1.00 18.02 ? 1   PRO B CD    1 
ATOM   763  N N     . GLN B 1 2  ? -0.135  17.630  0.267   1.00 18.99 ? 2   GLN B N     1 
ATOM   764  C CA    . GLN B 1 2  ? -0.086  16.785  1.438   1.00 17.52 ? 2   GLN B CA    1 
ATOM   765  C C     . GLN B 1 2  ? -1.390  16.010  1.443   1.00 15.72 ? 2   GLN B C     1 
ATOM   766  O O     . GLN B 1 2  ? -2.401  16.540  1.003   1.00 20.00 ? 2   GLN B O     1 
ATOM   767  C CB    . GLN B 1 2  ? -0.002  17.690  2.673   1.00 17.42 ? 2   GLN B CB    1 
ATOM   768  C CG    . GLN B 1 2  ? 0.468   17.008  3.981   1.00 23.46 ? 2   GLN B CG    1 
ATOM   769  C CD    . GLN B 1 2  ? 0.731   18.048  5.094   1.00 24.63 ? 2   GLN B CD    1 
ATOM   770  O OE1   . GLN B 1 2  ? 1.113   19.208  4.844   1.00 21.35 ? 2   GLN B OE1   1 
ATOM   771  N NE2   . GLN B 1 2  ? 0.522   17.646  6.339   1.00 25.97 ? 2   GLN B NE2   1 
ATOM   772  N N     . PHE B 1 3  ? -1.352  14.735  1.827   1.00 12.91 ? 3   PHE B N     1 
ATOM   773  C CA    . PHE B 1 3  ? -2.512  13.883  1.849   1.00 10.49 ? 3   PHE B CA    1 
ATOM   774  C C     . PHE B 1 3  ? -2.654  13.387  3.246   1.00 13.04 ? 3   PHE B C     1 
ATOM   775  O O     . PHE B 1 3  ? -1.767  12.746  3.775   1.00 14.23 ? 3   PHE B O     1 
ATOM   776  C CB    . PHE B 1 3  ? -2.454  12.692  0.860   1.00 11.97 ? 3   PHE B CB    1 
ATOM   777  C CG    . PHE B 1 3  ? -2.331  13.108  -0.604  1.00 15.48 ? 3   PHE B CG    1 
ATOM   778  C CD1   . PHE B 1 3  ? -1.154  13.672  -1.110  1.00 16.60 ? 3   PHE B CD1   1 
ATOM   779  C CD2   . PHE B 1 3  ? -3.398  12.938  -1.494  1.00 16.16 ? 3   PHE B CD2   1 
ATOM   780  C CE1   . PHE B 1 3  ? -1.037  14.091  -2.438  1.00 15.79 ? 3   PHE B CE1   1 
ATOM   781  C CE2   . PHE B 1 3  ? -3.301  13.326  -2.836  1.00 14.36 ? 3   PHE B CE2   1 
ATOM   782  C CZ    . PHE B 1 3  ? -2.119  13.905  -3.304  1.00 16.53 ? 3   PHE B CZ    1 
ATOM   783  N N     . SER B 1 4  ? -3.724  13.798  3.881   1.00 14.31 ? 4   SER B N     1 
ATOM   784  C CA    . SER B 1 4  ? -4.013  13.303  5.186   1.00 16.77 ? 4   SER B CA    1 
ATOM   785  C C     . SER B 1 4  ? -4.440  11.877  4.899   1.00 17.31 ? 4   SER B C     1 
ATOM   786  O O     . SER B 1 4  ? -4.811  11.573  3.765   1.00 22.63 ? 4   SER B O     1 
ATOM   787  C CB    . SER B 1 4  ? -5.162  14.094  5.777   1.00 22.14 ? 4   SER B CB    1 
ATOM   788  O OG    . SER B 1 4  ? -6.005  13.243  6.536   1.00 29.28 ? 4   SER B OG    1 
ATOM   789  N N     . LEU B 1 5  ? -4.410  10.958  5.815   1.00 12.12 ? 5   LEU B N     1 
ATOM   790  C CA    . LEU B 1 5  ? -4.768  9.656   5.260   1.00 13.03 ? 5   LEU B CA    1 
ATOM   791  C C     . LEU B 1 5  ? -6.182  9.160   5.554   1.00 14.83 ? 5   LEU B C     1 
ATOM   792  O O     . LEU B 1 5  ? -6.456  7.955   5.537   1.00 16.74 ? 5   LEU B O     1 
ATOM   793  C CB    . LEU B 1 5  ? -3.665  8.632   5.576   1.00 10.72 ? 5   LEU B CB    1 
ATOM   794  C CG    . LEU B 1 5  ? -2.383  8.931   4.806   1.00 11.25 ? 5   LEU B CG    1 
ATOM   795  C CD1   . LEU B 1 5  ? -1.156  8.524   5.591   1.00 7.93  ? 5   LEU B CD1   1 
ATOM   796  C CD2   . LEU B 1 5  ? -2.418  8.168   3.497   1.00 8.19  ? 5   LEU B CD2   1 
ATOM   797  N N     . TRP B 1 6  ? -7.063  10.105  5.847   1.00 11.40 ? 6   TRP B N     1 
ATOM   798  C CA    . TRP B 1 6  ? -8.418  9.784   6.210   1.00 13.28 ? 6   TRP B CA    1 
ATOM   799  C C     . TRP B 1 6  ? -9.183  8.990   5.163   1.00 11.67 ? 6   TRP B C     1 
ATOM   800  O O     . TRP B 1 6  ? -9.867  8.025   5.479   1.00 12.11 ? 6   TRP B O     1 
ATOM   801  C CB    . TRP B 1 6  ? -9.160  11.006  6.719   1.00 10.93 ? 6   TRP B CB    1 
ATOM   802  C CG    . TRP B 1 6  ? -10.591 10.695  7.009   1.00 13.45 ? 6   TRP B CG    1 
ATOM   803  C CD1   . TRP B 1 6  ? -11.658 11.170  6.315   1.00 10.87 ? 6   TRP B CD1   1 
ATOM   804  C CD2   . TRP B 1 6  ? -11.107 9.962   8.120   1.00 16.20 ? 6   TRP B CD2   1 
ATOM   805  N NE1   . TRP B 1 6  ? -12.806 10.739  6.892   1.00 9.71  ? 6   TRP B NE1   1 
ATOM   806  C CE2   . TRP B 1 6  ? -12.507 9.983   7.986   1.00 12.85 ? 6   TRP B CE2   1 
ATOM   807  C CE3   . TRP B 1 6  ? -10.537 9.272   9.199   1.00 16.68 ? 6   TRP B CE3   1 
ATOM   808  C CZ2   . TRP B 1 6  ? -13.331 9.344   8.908   1.00 13.44 ? 6   TRP B CZ2   1 
ATOM   809  C CZ3   . TRP B 1 6  ? -11.368 8.594   10.073  1.00 12.44 ? 6   TRP B CZ3   1 
ATOM   810  C CH2   . TRP B 1 6  ? -12.745 8.636   9.940   1.00 12.39 ? 6   TRP B CH2   1 
ATOM   811  N N     . LYS B 1 7  ? -8.986  9.375   3.915   1.00 15.34 ? 7   LYS B N     1 
ATOM   812  C CA    . LYS B 1 7  ? -9.567  8.742   2.750   1.00 15.64 ? 7   LYS B CA    1 
ATOM   813  C C     . LYS B 1 7  ? -8.434  8.195   1.901   1.00 13.86 ? 7   LYS B C     1 
ATOM   814  O O     . LYS B 1 7  ? -7.279  8.553   2.110   1.00 16.59 ? 7   LYS B O     1 
ATOM   815  C CB    . LYS B 1 7  ? -10.343 9.807   1.997   1.00 18.96 ? 7   LYS B CB    1 
ATOM   816  C CG    . LYS B 1 7  ? -11.588 9.312   1.281   1.00 24.10 ? 7   LYS B CG    1 
ATOM   817  C CD    . LYS B 1 7  ? -11.262 8.456   0.027   1.00 23.72 ? 7   LYS B CD    1 
ATOM   818  C CE    . LYS B 1 7  ? -12.000 7.127   -0.040  1.00 16.29 ? 7   LYS B CE    1 
ATOM   819  N NZ    . LYS B 1 7  ? -11.663 6.239   1.063   1.00 6.78  ? 7   LYS B NZ    1 
ATOM   820  N N     . ARG B 1 8  ? -8.727  7.315   0.962   1.00 11.49 ? 8   ARG B N     1 
ATOM   821  C CA    . ARG B 1 8  ? -7.671  6.785   0.090   1.00 8.92  ? 8   ARG B CA    1 
ATOM   822  C C     . ARG B 1 8  ? -7.013  7.872   -0.680  1.00 8.83  ? 8   ARG B C     1 
ATOM   823  O O     . ARG B 1 8  ? -7.734  8.630   -1.322  1.00 15.62 ? 8   ARG B O     1 
ATOM   824  C CB    . ARG B 1 8  ? -8.242  5.848   -0.961  1.00 8.10  ? 8   ARG B CB    1 
ATOM   825  C CG    . ARG B 1 8  ? -8.801  4.603   -0.311  1.00 7.97  ? 8   ARG B CG    1 
ATOM   826  C CD    . ARG B 1 8  ? -9.237  3.649   -1.345  1.00 7.63  ? 8   ARG B CD    1 
ATOM   827  N NE    . ARG B 1 8  ? -9.594  2.338   -0.849  1.00 17.30 ? 8   ARG B NE    1 
ATOM   828  C CZ    . ARG B 1 8  ? -10.073 1.422   -1.723  1.00 21.05 ? 8   ARG B CZ    1 
ATOM   829  N NH1   . ARG B 1 8  ? -10.241 1.734   -3.028  1.00 18.19 ? 8   ARG B NH1   1 
ATOM   830  N NH2   . ARG B 1 8  ? -10.389 0.190   -1.284  1.00 18.84 ? 8   ARG B NH2   1 
ATOM   831  N N     . PRO B 1 9  ? -5.681  7.919   -0.705  1.00 12.00 ? 9   PRO B N     1 
ATOM   832  C CA    . PRO B 1 9  ? -4.956  8.954   -1.475  1.00 11.75 ? 9   PRO B CA    1 
ATOM   833  C C     . PRO B 1 9  ? -4.964  8.649   -2.985  1.00 13.25 ? 9   PRO B C     1 
ATOM   834  O O     . PRO B 1 9  ? -4.067  7.962   -3.499  1.00 13.63 ? 9   PRO B O     1 
ATOM   835  C CB    . PRO B 1 9  ? -3.522  8.975   -0.932  1.00 11.52 ? 9   PRO B CB    1 
ATOM   836  C CG    . PRO B 1 9  ? -3.406  7.818   0.051   1.00 13.75 ? 9   PRO B CG    1 
ATOM   837  C CD    . PRO B 1 9  ? -4.773  7.158   0.192   1.00 12.22 ? 9   PRO B CD    1 
ATOM   838  N N     . VAL B 1 10 ? -6.032  9.107   -3.661  1.00 8.76  ? 10  VAL B N     1 
ATOM   839  C CA    . VAL B 1 10 ? -6.263  8.810   -5.050  1.00 11.54 ? 10  VAL B CA    1 
ATOM   840  C C     . VAL B 1 10 ? -6.141  10.032  -5.915  1.00 15.64 ? 10  VAL B C     1 
ATOM   841  O O     . VAL B 1 10 ? -6.465  11.121  -5.519  1.00 22.25 ? 10  VAL B O     1 
ATOM   842  C CB    . VAL B 1 10 ? -7.595  8.087   -5.238  1.00 9.64  ? 10  VAL B CB    1 
ATOM   843  C CG1   . VAL B 1 10 ? -7.961  8.019   -6.704  1.00 9.48  ? 10  VAL B CG1   1 
ATOM   844  C CG2   . VAL B 1 10 ? -7.494  6.653   -4.762  1.00 10.25 ? 10  VAL B CG2   1 
ATOM   845  N N     . VAL B 1 11 ? -5.631  9.847   -7.097  1.00 19.34 ? 11  VAL B N     1 
ATOM   846  C CA    . VAL B 1 11 ? -5.417  11.010  -7.910  1.00 17.64 ? 11  VAL B CA    1 
ATOM   847  C C     . VAL B 1 11 ? -5.556  10.662  -9.374  1.00 17.45 ? 11  VAL B C     1 
ATOM   848  O O     . VAL B 1 11 ? -5.541  9.498   -9.726  1.00 18.01 ? 11  VAL B O     1 
ATOM   849  C CB    . VAL B 1 11 ? -4.066  11.700  -7.585  1.00 17.76 ? 11  VAL B CB    1 
ATOM   850  C CG1   . VAL B 1 11 ? -3.948  12.141  -6.118  1.00 15.76 ? 11  VAL B CG1   1 
ATOM   851  C CG2   . VAL B 1 11 ? -2.874  10.821  -7.989  1.00 18.79 ? 11  VAL B CG2   1 
ATOM   852  N N     . THR B 1 12 ? -5.716  11.702  -10.176 1.00 17.64 ? 12  THR B N     1 
ATOM   853  C CA    . THR B 1 12 ? -5.789  11.616  -11.608 1.00 15.80 ? 12  THR B CA    1 
ATOM   854  C C     . THR B 1 12 ? -4.427  11.766  -12.183 1.00 15.54 ? 12  THR B C     1 
ATOM   855  O O     . THR B 1 12 ? -3.823  12.840  -12.046 1.00 20.84 ? 12  THR B O     1 
ATOM   856  C CB    . THR B 1 12 ? -6.704  12.718  -12.237 1.00 13.29 ? 12  THR B CB    1 
ATOM   857  O OG1   . THR B 1 12 ? -8.043  12.280  -12.171 1.00 18.03 ? 12  THR B OG1   1 
ATOM   858  C CG2   . THR B 1 12 ? -6.362  13.068  -13.698 1.00 8.83  ? 12  THR B CG2   1 
ATOM   859  N N     . ALA B 1 13 ? -4.042  10.698  -12.900 1.00 17.42 ? 13  ALA B N     1 
ATOM   860  C CA    . ALA B 1 13 ? -2.853  10.607  -13.738 1.00 15.41 ? 13  ALA B CA    1 
ATOM   861  C C     . ALA B 1 13 ? -3.224  10.373  -15.212 1.00 14.89 ? 13  ALA B C     1 
ATOM   862  O O     . ALA B 1 13 ? -4.288  9.849   -15.513 1.00 12.36 ? 13  ALA B O     1 
ATOM   863  C CB    . ALA B 1 13 ? -1.980  9.478   -13.258 1.00 19.13 ? 13  ALA B CB    1 
ATOM   864  N N     . TYR B 1 14 ? -2.326  10.779  -16.130 1.00 15.96 ? 14  TYR B N     1 
ATOM   865  C CA    . TYR B 1 14 ? -2.454  10.573  -17.583 1.00 12.06 ? 14  TYR B CA    1 
ATOM   866  C C     . TYR B 1 14 ? -1.345  9.633   -17.959 1.00 11.68 ? 14  TYR B C     1 
ATOM   867  O O     . TYR B 1 14 ? -0.190  9.880   -17.695 1.00 16.55 ? 14  TYR B O     1 
ATOM   868  C CB    . TYR B 1 14 ? -2.442  11.870  -18.479 1.00 10.43 ? 14  TYR B CB    1 
ATOM   869  C CG    . TYR B 1 14 ? -3.328  12.956  -17.909 1.00 11.16 ? 14  TYR B CG    1 
ATOM   870  C CD1   . TYR B 1 14 ? -2.877  13.701  -16.812 1.00 9.66  ? 14  TYR B CD1   1 
ATOM   871  C CD2   . TYR B 1 14 ? -4.649  13.149  -18.332 1.00 15.25 ? 14  TYR B CD2   1 
ATOM   872  C CE1   . TYR B 1 14 ? -3.695  14.623  -16.169 1.00 14.50 ? 14  TYR B CE1   1 
ATOM   873  C CE2   . TYR B 1 14 ? -5.483  14.109  -17.734 1.00 14.16 ? 14  TYR B CE2   1 
ATOM   874  C CZ    . TYR B 1 14 ? -5.002  14.836  -16.636 1.00 14.73 ? 14  TYR B CZ    1 
ATOM   875  O OH    . TYR B 1 14 ? -5.781  15.743  -15.950 1.00 14.59 ? 14  TYR B OH    1 
ATOM   876  N N     . ILE B 1 15 ? -1.701  8.484   -18.446 1.00 12.08 ? 15  ILE B N     1 
ATOM   877  C CA    . ILE B 1 15 ? -0.725  7.506   -18.817 1.00 12.93 ? 15  ILE B CA    1 
ATOM   878  C C     . ILE B 1 15 ? -0.781  7.402   -20.314 1.00 12.31 ? 15  ILE B C     1 
ATOM   879  O O     . ILE B 1 15 ? -1.726  6.868   -20.902 1.00 9.56  ? 15  ILE B O     1 
ATOM   880  C CB    . ILE B 1 15 ? -1.044  6.194   -18.156 1.00 15.31 ? 15  ILE B CB    1 
ATOM   881  C CG1   . ILE B 1 15 ? -0.979  6.377   -16.648 1.00 15.19 ? 15  ILE B CG1   1 
ATOM   882  C CG2   . ILE B 1 15 ? -0.083  5.114   -18.650 1.00 12.16 ? 15  ILE B CG2   1 
ATOM   883  C CD1   . ILE B 1 15 ? -1.311  5.100   -15.897 1.00 17.18 ? 15  ILE B CD1   1 
ATOM   884  N N     . GLU B 1 16 ? 0.235   7.996   -20.892 1.00 14.17 ? 16  GLU B N     1 
ATOM   885  C CA    . GLU B 1 16 ? 0.360   8.130   -22.319 1.00 14.71 ? 16  GLU B CA    1 
ATOM   886  C C     . GLU B 1 16 ? -0.890  8.814   -22.797 1.00 12.70 ? 16  GLU B C     1 
ATOM   887  O O     . GLU B 1 16 ? -1.619  8.266   -23.606 1.00 19.72 ? 16  GLU B O     1 
ATOM   888  C CB    . GLU B 1 16 ? 0.591   6.796   -23.083 1.00 16.47 ? 16  GLU B CB    1 
ATOM   889  C CG    . GLU B 1 16 ? 1.890   6.021   -22.731 1.00 15.50 ? 16  GLU B CG    1 
ATOM   890  C CD    . GLU B 1 16 ? 3.159   6.573   -23.354 1.00 14.51 ? 16  GLU B CD    1 
ATOM   891  O OE1   . GLU B 1 16 ? 2.945   7.582   -24.148 1.00 14.42 ? 16  GLU B OE1   1 
ATOM   892  O OE2   . GLU B 1 16 ? 4.279   6.154   -23.124 1.00 13.07 ? 16  GLU B OE2   1 
ATOM   893  N N     . GLY B 1 17 ? -1.161  9.981   -22.240 1.00 13.22 ? 17  GLY B N     1 
ATOM   894  C CA    . GLY B 1 17 ? -2.341  10.760  -22.594 1.00 9.91  ? 17  GLY B CA    1 
ATOM   895  C C     . GLY B 1 17 ? -3.697  10.224  -22.117 1.00 16.08 ? 17  GLY B C     1 
ATOM   896  O O     . GLY B 1 17 ? -4.674  10.967  -22.138 1.00 20.84 ? 17  GLY B O     1 
ATOM   897  N N     . GLN B 1 18 ? -3.806  8.937   -21.713 1.00 16.71 ? 18  GLN B N     1 
ATOM   898  C CA    . GLN B 1 18 ? -5.080  8.416   -21.209 1.00 15.15 ? 18  GLN B CA    1 
ATOM   899  C C     . GLN B 1 18 ? -5.249  8.764   -19.752 1.00 14.26 ? 18  GLN B C     1 
ATOM   900  O O     . GLN B 1 18 ? -4.437  8.313   -18.995 1.00 19.21 ? 18  GLN B O     1 
ATOM   901  C CB    . GLN B 1 18 ? -5.090  6.896   -21.218 1.00 13.58 ? 18  GLN B CB    1 
ATOM   902  C CG    . GLN B 1 18 ? -5.519  6.346   -22.562 1.00 19.62 ? 18  GLN B CG    1 
ATOM   903  C CD    . GLN B 1 18 ? -4.658  5.173   -22.942 1.00 23.52 ? 18  GLN B CD    1 
ATOM   904  O OE1   . GLN B 1 18 ? -5.184  4.066   -23.227 1.00 26.77 ? 18  GLN B OE1   1 
ATOM   905  N NE2   . GLN B 1 18 ? -3.340  5.380   -22.805 1.00 23.89 ? 18  GLN B NE2   1 
ATOM   906  N N     . PRO B 1 19 ? -6.301  9.450   -19.324 1.00 17.63 ? 19  PRO B N     1 
ATOM   907  C CA    . PRO B 1 19 ? -6.535  9.715   -17.889 1.00 16.94 ? 19  PRO B CA    1 
ATOM   908  C C     . PRO B 1 19 ? -6.901  8.452   -17.081 1.00 16.45 ? 19  PRO B C     1 
ATOM   909  O O     . PRO B 1 19 ? -7.594  7.541   -17.554 1.00 12.79 ? 19  PRO B O     1 
ATOM   910  C CB    . PRO B 1 19 ? -7.726  10.651  -17.881 1.00 17.88 ? 19  PRO B CB    1 
ATOM   911  C CG    . PRO B 1 19 ? -8.472  10.379  -19.183 1.00 15.97 ? 19  PRO B CG    1 
ATOM   912  C CD    . PRO B 1 19 ? -7.431  9.896   -20.179 1.00 16.30 ? 19  PRO B CD    1 
ATOM   913  N N     . VAL B 1 20 ? -6.436  8.423   -15.825 1.00 16.28 ? 20  VAL B N     1 
ATOM   914  C CA    . VAL B 1 20 ? -6.598  7.274   -14.931 1.00 13.62 ? 20  VAL B CA    1 
ATOM   915  C C     . VAL B 1 20 ? -6.607  7.748   -13.482 1.00 14.63 ? 20  VAL B C     1 
ATOM   916  O O     . VAL B 1 20 ? -5.977  8.719   -13.130 1.00 12.96 ? 20  VAL B O     1 
ATOM   917  C CB    . VAL B 1 20 ? -5.486  6.200   -15.167 1.00 11.34 ? 20  VAL B CB    1 
ATOM   918  C CG1   . VAL B 1 20 ? -5.073  5.493   -13.903 1.00 9.13  ? 20  VAL B CG1   1 
ATOM   919  C CG2   . VAL B 1 20 ? -5.929  5.100   -16.089 1.00 13.75 ? 20  VAL B CG2   1 
ATOM   920  N N     . GLU B 1 21 ? -7.377  7.065   -12.650 1.00 15.71 ? 21  GLU B N     1 
ATOM   921  C CA    . GLU B 1 21 ? -7.446  7.323   -11.232 1.00 16.95 ? 21  GLU B CA    1 
ATOM   922  C C     . GLU B 1 21 ? -6.541  6.271   -10.602 1.00 13.77 ? 21  GLU B C     1 
ATOM   923  O O     . GLU B 1 21 ? -6.686  5.092   -10.903 1.00 10.18 ? 21  GLU B O     1 
ATOM   924  C CB    . GLU B 1 21 ? -8.889  7.199   -10.690 1.00 19.40 ? 21  GLU B CB    1 
ATOM   925  C CG    . GLU B 1 21 ? -9.522  8.550   -10.272 1.00 25.21 ? 21  GLU B CG    1 
ATOM   926  C CD    . GLU B 1 21 ? -10.737 8.388   -9.359  1.00 31.77 ? 21  GLU B CD    1 
ATOM   927  O OE1   . GLU B 1 21 ? -11.089 7.329   -8.838  1.00 33.28 ? 21  GLU B OE1   1 
ATOM   928  O OE2   . GLU B 1 21 ? -11.357 9.525   -9.133  1.00 32.89 ? 21  GLU B OE2   1 
ATOM   929  N N     . VAL B 1 22 ? -5.589  6.716   -9.780  1.00 12.59 ? 22  VAL B N     1 
ATOM   930  C CA    . VAL B 1 22 ? -4.626  5.829   -9.171  1.00 11.53 ? 22  VAL B CA    1 
ATOM   931  C C     . VAL B 1 22 ? -4.465  6.020   -7.675  1.00 13.63 ? 22  VAL B C     1 
ATOM   932  O O     . VAL B 1 22 ? -4.713  7.114   -7.139  1.00 11.13 ? 22  VAL B O     1 
ATOM   933  C CB    . VAL B 1 22 ? -3.297  5.928   -9.918  1.00 11.52 ? 22  VAL B CB    1 
ATOM   934  C CG1   . VAL B 1 22 ? -3.496  5.426   -11.342 1.00 13.44 ? 22  VAL B CG1   1 
ATOM   935  C CG2   . VAL B 1 22 ? -2.779  7.375   -9.968  1.00 12.09 ? 22  VAL B CG2   1 
ATOM   936  N N     . LEU B 1 23 ? -4.052  4.920   -7.035  1.00 12.74 ? 23  LEU B N     1 
ATOM   937  C CA    . LEU B 1 23 ? -3.744  4.797   -5.604  1.00 10.65 ? 23  LEU B CA    1 
ATOM   938  C C     . LEU B 1 23 ? -2.273  5.147   -5.357  1.00 9.23  ? 23  LEU B C     1 
ATOM   939  O O     . LEU B 1 23 ? -1.441  4.563   -6.016  1.00 3.91  ? 23  LEU B O     1 
ATOM   940  C CB    . LEU B 1 23 ? -3.887  3.307   -5.250  1.00 12.33 ? 23  LEU B CB    1 
ATOM   941  C CG    . LEU B 1 23 ? -4.649  2.900   -3.994  1.00 14.89 ? 23  LEU B CG    1 
ATOM   942  C CD1   . LEU B 1 23 ? -4.088  1.570   -3.509  1.00 14.89 ? 23  LEU B CD1   1 
ATOM   943  C CD2   . LEU B 1 23 ? -4.567  3.954   -2.896  1.00 10.65 ? 23  LEU B CD2   1 
ATOM   944  N N     . LEU B 1 24 ? -1.920  6.069   -4.442  1.00 10.23 ? 24  LEU B N     1 
ATOM   945  C CA    . LEU B 1 24 ? -0.521  6.328   -4.126  1.00 10.38 ? 24  LEU B CA    1 
ATOM   946  C C     . LEU B 1 24 ? -0.201  5.401   -2.984  1.00 9.69  ? 24  LEU B C     1 
ATOM   947  O O     . LEU B 1 24 ? -0.794  5.474   -1.934  1.00 11.14 ? 24  LEU B O     1 
ATOM   948  C CB    . LEU B 1 24 ? -0.202  7.761   -3.708  1.00 11.14 ? 24  LEU B CB    1 
ATOM   949  C CG    . LEU B 1 24 ? -0.612  8.828   -4.720  1.00 14.70 ? 24  LEU B CG    1 
ATOM   950  C CD1   . LEU B 1 24 ? -0.463  10.187  -4.030  1.00 15.43 ? 24  LEU B CD1   1 
ATOM   951  C CD2   . LEU B 1 24 ? 0.232   8.765   -5.994  1.00 5.59  ? 24  LEU B CD2   1 
ATOM   952  N N     . ASP B 1 25 ? 0.698   4.473   -3.188  1.00 11.28 ? 25  ASP B N     1 
ATOM   953  C CA    . ASP B 1 25 ? 0.863   3.414   -2.221  1.00 12.69 ? 25  ASP B CA    1 
ATOM   954  C C     . ASP B 1 25 ? 2.294   3.124   -1.764  1.00 9.98  ? 25  ASP B C     1 
ATOM   955  O O     . ASP B 1 25 ? 3.091   2.538   -2.471  1.00 14.32 ? 25  ASP B O     1 
ATOM   956  C CB    . ASP B 1 25 ? 0.165   2.177   -2.882  1.00 15.26 ? 25  ASP B CB    1 
ATOM   957  C CG    . ASP B 1 25 ? 0.132   0.889   -2.136  1.00 10.73 ? 25  ASP B CG    1 
ATOM   958  O OD1   . ASP B 1 25 ? 0.313   0.811   -0.956  1.00 11.99 ? 25  ASP B OD1   1 
ATOM   959  O OD2   . ASP B 1 25 ? -0.238  -0.118  -2.880  1.00 10.16 ? 25  ASP B OD2   1 
ATOM   960  N N     . THR B 1 26 ? 2.595   3.469   -0.520  1.00 9.76  ? 26  THR B N     1 
ATOM   961  C CA    . THR B 1 26 ? 3.898   3.242   0.113   1.00 6.44  ? 26  THR B CA    1 
ATOM   962  C C     . THR B 1 26 ? 4.213   1.783   0.394   1.00 2.00  ? 26  THR B C     1 
ATOM   963  O O     . THR B 1 26 ? 5.337   1.446   0.690   1.00 9.76  ? 26  THR B O     1 
ATOM   964  C CB    . THR B 1 26 ? 4.031   4.050   1.402   1.00 4.10  ? 26  THR B CB    1 
ATOM   965  O OG1   . THR B 1 26 ? 3.013   3.699   2.318   1.00 3.99  ? 26  THR B OG1   1 
ATOM   966  C CG2   . THR B 1 26 ? 3.983   5.563   1.112   1.00 2.00  ? 26  THR B CG2   1 
ATOM   967  N N     . GLY B 1 27 ? 3.239   0.906   0.235   1.00 3.10  ? 27  GLY B N     1 
ATOM   968  C CA    . GLY B 1 27 ? 3.407   -0.531  0.480   1.00 5.59  ? 27  GLY B CA    1 
ATOM   969  C C     . GLY B 1 27 ? 3.358   -1.315  -0.824  1.00 8.30  ? 27  GLY B C     1 
ATOM   970  O O     . GLY B 1 27 ? 3.209   -2.509  -0.828  1.00 9.05  ? 27  GLY B O     1 
ATOM   971  N N     . ALA B 1 28 ? 3.508   -0.616  -1.955  1.00 12.86 ? 28  ALA B N     1 
ATOM   972  C CA    . ALA B 1 28 ? 3.551   -1.228  -3.271  1.00 11.90 ? 28  ALA B CA    1 
ATOM   973  C C     . ALA B 1 28 ? 4.910   -0.992  -3.896  1.00 14.49 ? 28  ALA B C     1 
ATOM   974  O O     . ALA B 1 28 ? 5.287   0.165   -4.165  1.00 16.84 ? 28  ALA B O     1 
ATOM   975  C CB    . ALA B 1 28 ? 2.489   -0.619  -4.173  1.00 12.19 ? 28  ALA B CB    1 
ATOM   976  N N     . ASP B 1 29 ? 5.644   -2.081  -4.145  1.00 15.07 ? 29  ASP B N     1 
ATOM   977  C CA    . ASP B 1 29 ? 6.943   -2.000  -4.764  1.00 12.89 ? 29  ASP B CA    1 
ATOM   978  C C     . ASP B 1 29 ? 6.811   -1.746  -6.248  1.00 13.86 ? 29  ASP B C     1 
ATOM   979  O O     . ASP B 1 29 ? 7.628   -1.062  -6.834  1.00 15.65 ? 29  ASP B O     1 
ATOM   980  C CB    . ASP B 1 29 ? 7.714   -3.315  -4.596  1.00 14.68 ? 29  ASP B CB    1 
ATOM   981  C CG    . ASP B 1 29 ? 8.212   -3.680  -3.214  1.00 15.90 ? 29  ASP B CG    1 
ATOM   982  O OD1   . ASP B 1 29 ? 7.989   -2.791  -2.279  1.00 13.91 ? 29  ASP B OD1   1 
ATOM   983  O OD2   . ASP B 1 29 ? 8.792   -4.726  -3.014  1.00 13.83 ? 29  ASP B OD2   1 
ATOM   984  N N     . ASP B 1 30 ? 5.739   -2.296  -6.850  1.00 14.57 ? 30  ASP B N     1 
ATOM   985  C CA    . ASP B 1 30 ? 5.469   -2.166  -8.294  1.00 13.06 ? 30  ASP B CA    1 
ATOM   986  C C     . ASP B 1 30 ? 4.277   -1.229  -8.567  1.00 11.83 ? 30  ASP B C     1 
ATOM   987  O O     . ASP B 1 30 ? 3.459   -0.998  -7.684  1.00 16.20 ? 30  ASP B O     1 
ATOM   988  C CB    . ASP B 1 30 ? 5.240   -3.552  -9.011  1.00 13.36 ? 30  ASP B CB    1 
ATOM   989  C CG    . ASP B 1 30 ? 6.098   -4.768  -8.631  1.00 18.93 ? 30  ASP B CG    1 
ATOM   990  O OD1   . ASP B 1 30 ? 7.201   -4.852  -9.305  1.00 17.85 ? 30  ASP B OD1   1 
ATOM   991  O OD2   . ASP B 1 30 ? 5.724   -5.689  -7.901  1.00 23.47 ? 30  ASP B OD2   1 
ATOM   992  N N     . SER B 1 31 ? 4.153   -0.710  -9.794  1.00 10.71 ? 31  SER B N     1 
ATOM   993  C CA    . SER B 1 31 ? 3.024   0.131   -10.226 1.00 9.48  ? 31  SER B CA    1 
ATOM   994  C C     . SER B 1 31 ? 2.139   -0.662  -11.176 1.00 9.22  ? 31  SER B C     1 
ATOM   995  O O     . SER B 1 31 ? 2.612   -1.250  -12.129 1.00 12.42 ? 31  SER B O     1 
ATOM   996  C CB    . SER B 1 31 ? 3.538   1.367   -10.898 1.00 7.22  ? 31  SER B CB    1 
ATOM   997  O OG    . SER B 1 31 ? 3.977   2.220   -9.873  1.00 11.82 ? 31  SER B OG    1 
ATOM   998  N N     . ILE B 1 32 ? 0.874   -0.764  -10.909 1.00 11.54 ? 32  ILE B N     1 
ATOM   999  C CA    . ILE B 1 32 ? 0.056   -1.651  -11.712 1.00 16.77 ? 32  ILE B CA    1 
ATOM   1000 C C     . ILE B 1 32 ? -1.284  -1.017  -12.070 1.00 18.81 ? 32  ILE B C     1 
ATOM   1001 O O     . ILE B 1 32 ? -1.908  -0.366  -11.230 1.00 21.87 ? 32  ILE B O     1 
ATOM   1002 C CB    . ILE B 1 32 ? -0.052  -2.971  -10.933 1.00 15.70 ? 32  ILE B CB    1 
ATOM   1003 C CG1   . ILE B 1 32 ? -0.505  -4.145  -11.809 1.00 13.67 ? 32  ILE B CG1   1 
ATOM   1004 C CG2   . ILE B 1 32 ? -0.944  -2.786  -9.698  1.00 16.75 ? 32  ILE B CG2   1 
ATOM   1005 C CD1   . ILE B 1 32 ? -1.868  -3.922  -12.420 1.00 12.35 ? 32  ILE B CD1   1 
ATOM   1006 N N     . VAL B 1 33 ? -1.674  -1.143  -13.343 1.00 18.15 ? 33  VAL B N     1 
ATOM   1007 C CA    . VAL B 1 33 ? -2.838  -0.446  -13.891 1.00 17.81 ? 33  VAL B CA    1 
ATOM   1008 C C     . VAL B 1 33 ? -3.764  -1.343  -14.728 1.00 20.30 ? 33  VAL B C     1 
ATOM   1009 O O     . VAL B 1 33 ? -3.329  -2.228  -15.463 1.00 19.32 ? 33  VAL B O     1 
ATOM   1010 C CB    . VAL B 1 33 ? -2.350  0.741   -14.764 1.00 17.83 ? 33  VAL B CB    1 
ATOM   1011 C CG1   . VAL B 1 33 ? -3.456  1.317   -15.639 1.00 16.04 ? 33  VAL B CG1   1 
ATOM   1012 C CG2   . VAL B 1 33 ? -1.824  1.865   -13.900 1.00 17.25 ? 33  VAL B CG2   1 
ATOM   1013 N N     . ALA B 1 34 ? -5.067  -1.088  -14.657 1.00 21.25 ? 34  ALA B N     1 
ATOM   1014 C CA    . ALA B 1 34 ? -5.978  -1.861  -15.485 1.00 22.35 ? 34  ALA B CA    1 
ATOM   1015 C C     . ALA B 1 34 ? -6.663  -0.994  -16.546 1.00 21.93 ? 34  ALA B C     1 
ATOM   1016 O O     . ALA B 1 34 ? -6.807  0.237   -16.382 1.00 22.72 ? 34  ALA B O     1 
ATOM   1017 C CB    . ALA B 1 34 ? -6.977  -2.655  -14.661 1.00 20.07 ? 34  ALA B CB    1 
ATOM   1018 N N     . GLY B 1 35 ? -7.017  -1.617  -17.671 1.00 18.44 ? 35  GLY B N     1 
ATOM   1019 C CA    . GLY B 1 35 ? -7.787  -0.962  -18.706 1.00 16.99 ? 35  GLY B CA    1 
ATOM   1020 C C     . GLY B 1 35 ? -7.125  0.072   -19.574 1.00 20.18 ? 35  GLY B C     1 
ATOM   1021 O O     . GLY B 1 35 ? -7.793  0.999   -20.013 1.00 24.80 ? 35  GLY B O     1 
ATOM   1022 N N     . ILE B 1 36 ? -5.837  -0.070  -19.845 1.00 18.75 ? 36  ILE B N     1 
ATOM   1023 C CA    . ILE B 1 36 ? -5.170  0.835   -20.770 1.00 22.29 ? 36  ILE B CA    1 
ATOM   1024 C C     . ILE B 1 36 ? -4.380  -0.042  -21.727 1.00 27.96 ? 36  ILE B C     1 
ATOM   1025 O O     . ILE B 1 36 ? -3.735  -1.021  -21.321 1.00 29.05 ? 36  ILE B O     1 
ATOM   1026 C CB    . ILE B 1 36 ? -4.254  1.956   -20.214 1.00 21.56 ? 36  ILE B CB    1 
ATOM   1027 C CG1   . ILE B 1 36 ? -2.931  1.389   -19.704 1.00 22.01 ? 36  ILE B CG1   1 
ATOM   1028 C CG2   . ILE B 1 36 ? -4.905  2.850   -19.163 1.00 16.53 ? 36  ILE B CG2   1 
ATOM   1029 C CD1   . ILE B 1 36 ? -3.142  0.342   -18.611 1.00 23.39 ? 36  ILE B CD1   1 
ATOM   1030 N N     . GLU B 1 37 ? -4.453  0.233   -23.021 1.00 28.92 ? 37  GLU B N     1 
ATOM   1031 C CA    . GLU B 1 37 ? -3.662  -0.615  -23.827 1.00 28.31 ? 37  GLU B CA    1 
ATOM   1032 C C     . GLU B 1 37 ? -2.364  0.102   -23.963 1.00 26.46 ? 37  GLU B C     1 
ATOM   1033 O O     . GLU B 1 37 ? -2.386  1.226   -24.447 1.00 29.78 ? 37  GLU B O     1 
ATOM   1034 C CB    . GLU B 1 37 ? -4.266  -0.951  -25.185 1.00 30.01 ? 37  GLU B CB    1 
ATOM   1035 C CG    . GLU B 1 37 ? -3.152  -1.482  -26.121 1.00 32.89 ? 37  GLU B CG    1 
ATOM   1036 C CD    . GLU B 1 37 ? -2.795  -2.934  -25.882 1.00 37.01 ? 37  GLU B CD    1 
ATOM   1037 O OE1   . GLU B 1 37 ? -1.969  -3.307  -25.041 1.00 36.66 ? 37  GLU B OE1   1 
ATOM   1038 O OE2   . GLU B 1 37 ? -3.465  -3.737  -26.700 1.00 39.72 ? 37  GLU B OE2   1 
ATOM   1039 N N     . LEU B 1 38 ? -1.298  -0.466  -23.401 1.00 21.48 ? 38  LEU B N     1 
ATOM   1040 C CA    . LEU B 1 38 ? -0.010  0.187   -23.508 1.00 19.49 ? 38  LEU B CA    1 
ATOM   1041 C C     . LEU B 1 38 ? 0.727   -0.380  -24.689 1.00 20.58 ? 38  LEU B C     1 
ATOM   1042 O O     . LEU B 1 38 ? 1.791   0.083   -25.079 1.00 24.07 ? 38  LEU B O     1 
ATOM   1043 C CB    . LEU B 1 38 ? 0.833   0.250   -22.229 1.00 16.88 ? 38  LEU B CB    1 
ATOM   1044 C CG    . LEU B 1 38 ? 0.097   0.859   -21.046 1.00 16.96 ? 38  LEU B CG    1 
ATOM   1045 C CD1   . LEU B 1 38 ? 0.936   0.669   -19.786 1.00 19.57 ? 38  LEU B CD1   1 
ATOM   1046 C CD2   . LEU B 1 38 ? -0.135  2.338   -21.278 1.00 17.67 ? 38  LEU B CD2   1 
ATOM   1047 N N     . GLY B 1 39 ? 0.103   -1.367  -25.305 1.00 21.90 ? 39  GLY B N     1 
ATOM   1048 C CA    . GLY B 1 39 ? 0.657   -1.909  -26.515 1.00 19.99 ? 39  GLY B CA    1 
ATOM   1049 C C     . GLY B 1 39 ? 1.405   -3.213  -26.396 1.00 21.49 ? 39  GLY B C     1 
ATOM   1050 O O     . GLY B 1 39 ? 1.327   -3.909  -25.378 1.00 24.13 ? 39  GLY B O     1 
ATOM   1051 N N     . ASN B 1 40 ? 2.153   -3.410  -27.500 1.00 22.93 ? 40  ASN B N     1 
ATOM   1052 C CA    . ASN B 1 40 ? 2.929   -4.526  -28.020 1.00 25.33 ? 40  ASN B CA    1 
ATOM   1053 C C     . ASN B 1 40 ? 4.165   -4.965  -27.256 1.00 25.67 ? 40  ASN B C     1 
ATOM   1054 O O     . ASN B 1 40 ? 4.311   -6.130  -26.910 1.00 26.15 ? 40  ASN B O     1 
ATOM   1055 C CB    . ASN B 1 40 ? 3.391   -4.123  -29.425 1.00 27.92 ? 40  ASN B CB    1 
ATOM   1056 C CG    . ASN B 1 40 ? 4.014   -2.721  -29.373 1.00 32.32 ? 40  ASN B CG    1 
ATOM   1057 O OD1   . ASN B 1 40 ? 3.379   -1.730  -28.935 1.00 29.25 ? 40  ASN B OD1   1 
ATOM   1058 N ND2   . ASN B 1 40 ? 5.312   -2.657  -29.703 1.00 36.42 ? 40  ASN B ND2   1 
ATOM   1059 N N     . ASN B 1 41 ? 5.158   -4.122  -27.114 1.00 23.46 ? 41  ASN B N     1 
ATOM   1060 C CA    . ASN B 1 41 ? 6.281   -4.730  -26.471 1.00 25.00 ? 41  ASN B CA    1 
ATOM   1061 C C     . ASN B 1 41 ? 6.302   -4.601  -24.981 1.00 22.67 ? 41  ASN B C     1 
ATOM   1062 O O     . ASN B 1 41 ? 6.488   -3.496  -24.421 1.00 18.54 ? 41  ASN B O     1 
ATOM   1063 C CB    . ASN B 1 41 ? 7.639   -4.745  -27.196 1.00 26.03 ? 41  ASN B CB    1 
ATOM   1064 C CG    . ASN B 1 41 ? 8.093   -3.350  -27.535 1.00 28.46 ? 41  ASN B CG    1 
ATOM   1065 O OD1   . ASN B 1 41 ? 8.019   -2.927  -28.708 1.00 29.44 ? 41  ASN B OD1   1 
ATOM   1066 N ND2   . ASN B 1 41 ? 8.490   -2.599  -26.513 1.00 23.45 ? 41  ASN B ND2   1 
ATOM   1067 N N     . TYR B 1 42 ? 6.083   -5.772  -24.378 1.00 17.80 ? 42  TYR B N     1 
ATOM   1068 C CA    . TYR B 1 42 ? 6.053   -5.863  -22.960 1.00 16.30 ? 42  TYR B CA    1 
ATOM   1069 C C     . TYR B 1 42 ? 6.787   -7.106  -22.562 1.00 18.17 ? 42  TYR B C     1 
ATOM   1070 O O     . TYR B 1 42 ? 7.280   -7.826  -23.433 1.00 19.65 ? 42  TYR B O     1 
ATOM   1071 C CB    . TYR B 1 42 ? 4.602   -5.901  -22.503 1.00 15.73 ? 42  TYR B CB    1 
ATOM   1072 C CG    . TYR B 1 42 ? 3.873   -7.060  -23.103 1.00 15.59 ? 42  TYR B CG    1 
ATOM   1073 C CD1   . TYR B 1 42 ? 3.944   -8.337  -22.554 1.00 17.20 ? 42  TYR B CD1   1 
ATOM   1074 C CD2   . TYR B 1 42 ? 3.094   -6.893  -24.238 1.00 16.34 ? 42  TYR B CD2   1 
ATOM   1075 C CE1   . TYR B 1 42 ? 3.257   -9.406  -23.123 1.00 16.75 ? 42  TYR B CE1   1 
ATOM   1076 C CE2   . TYR B 1 42 ? 2.423   -7.959  -24.837 1.00 15.47 ? 42  TYR B CE2   1 
ATOM   1077 C CZ    . TYR B 1 42 ? 2.517   -9.225  -24.281 1.00 15.94 ? 42  TYR B CZ    1 
ATOM   1078 O OH    . TYR B 1 42 ? 1.866   -10.283 -24.835 1.00 21.29 ? 42  TYR B OH    1 
ATOM   1079 N N     . SER B 1 43 ? 6.882   -7.337  -21.261 1.00 18.25 ? 43  SER B N     1 
ATOM   1080 C CA    . SER B 1 43 ? 7.498   -8.525  -20.731 1.00 17.40 ? 43  SER B CA    1 
ATOM   1081 C C     . SER B 1 43 ? 6.567   -9.219  -19.777 1.00 17.02 ? 43  SER B C     1 
ATOM   1082 O O     . SER B 1 43 ? 6.027   -8.560  -18.866 1.00 11.54 ? 43  SER B O     1 
ATOM   1083 C CB    . SER B 1 43 ? 8.809   -8.272  -20.063 1.00 18.98 ? 43  SER B CB    1 
ATOM   1084 O OG    . SER B 1 43 ? 9.767   -8.975  -20.827 1.00 24.85 ? 43  SER B OG    1 
ATOM   1085 N N     . PRO B 1 44 ? 6.371   -10.527 -20.042 1.00 17.08 ? 44  PRO B N     1 
ATOM   1086 C CA    . PRO B 1 44 ? 5.506   -11.366 -19.243 1.00 20.11 ? 44  PRO B CA    1 
ATOM   1087 C C     . PRO B 1 44 ? 5.972   -11.427 -17.790 1.00 20.78 ? 44  PRO B C     1 
ATOM   1088 O O     . PRO B 1 44 ? 7.103   -11.795 -17.499 1.00 24.54 ? 44  PRO B O     1 
ATOM   1089 C CB    . PRO B 1 44 ? 5.538   -12.751 -19.883 1.00 18.38 ? 44  PRO B CB    1 
ATOM   1090 C CG    . PRO B 1 44 ? 6.225   -12.618 -21.235 1.00 20.54 ? 44  PRO B CG    1 
ATOM   1091 C CD    . PRO B 1 44 ? 6.808   -11.218 -21.286 1.00 17.94 ? 44  PRO B CD    1 
ATOM   1092 N N     . LYS B 1 45 ? 5.077   -11.073 -16.879 1.00 18.45 ? 45  LYS B N     1 
ATOM   1093 C CA    . LYS B 1 45 ? 5.387   -11.066 -15.477 1.00 16.74 ? 45  LYS B CA    1 
ATOM   1094 C C     . LYS B 1 45 ? 4.212   -11.398 -14.579 1.00 15.31 ? 45  LYS B C     1 
ATOM   1095 O O     . LYS B 1 45 ? 3.103   -11.665 -15.033 1.00 12.78 ? 45  LYS B O     1 
ATOM   1096 C CB    . LYS B 1 45 ? 5.890   -9.706  -15.084 1.00 17.94 ? 45  LYS B CB    1 
ATOM   1097 C CG    . LYS B 1 45 ? 7.193   -9.806  -14.346 1.00 17.23 ? 45  LYS B CG    1 
ATOM   1098 C CD    . LYS B 1 45 ? 8.169   -8.864  -14.964 1.00 18.56 ? 45  LYS B CD    1 
ATOM   1099 C CE    . LYS B 1 45 ? 9.171   -9.593  -15.827 1.00 25.36 ? 45  LYS B CE    1 
ATOM   1100 N NZ    . LYS B 1 45 ? 10.563  -9.213  -15.490 1.00 28.64 ? 45  LYS B NZ    1 
ATOM   1101 N N     . ILE B 1 46 ? 4.479   -11.336 -13.278 1.00 13.20 ? 46  ILE B N     1 
ATOM   1102 C CA    . ILE B 1 46 ? 3.476   -11.595 -12.262 1.00 12.44 ? 46  ILE B CA    1 
ATOM   1103 C C     . ILE B 1 46 ? 3.488   -10.434 -11.255 1.00 12.72 ? 46  ILE B C     1 
ATOM   1104 O O     . ILE B 1 46 ? 4.484   -9.675  -11.139 1.00 7.01  ? 46  ILE B O     1 
ATOM   1105 C CB    . ILE B 1 46 ? 3.799   -12.978 -11.622 1.00 12.43 ? 46  ILE B CB    1 
ATOM   1106 C CG1   . ILE B 1 46 ? 2.694   -13.947 -11.922 1.00 10.21 ? 46  ILE B CG1   1 
ATOM   1107 C CG2   . ILE B 1 46 ? 4.127   -13.024 -10.121 1.00 7.59  ? 46  ILE B CG2   1 
ATOM   1108 C CD1   . ILE B 1 46 ? 2.881   -14.605 -13.276 1.00 10.61 ? 46  ILE B CD1   1 
ATOM   1109 N N     . VAL B 1 47 ? 2.405   -10.281 -10.518 1.00 8.74  ? 47  VAL B N     1 
ATOM   1110 C CA    . VAL B 1 47 ? 2.370   -9.299  -9.424  1.00 10.73 ? 47  VAL B CA    1 
ATOM   1111 C C     . VAL B 1 47 ? 1.492   -9.893  -8.315  1.00 14.26 ? 47  VAL B C     1 
ATOM   1112 O O     . VAL B 1 47 ? 0.492   -10.506 -8.634  1.00 13.70 ? 47  VAL B O     1 
ATOM   1113 C CB    . VAL B 1 47 ? 2.066   -7.830  -9.860  1.00 7.87  ? 47  VAL B CB    1 
ATOM   1114 C CG1   . VAL B 1 47 ? 0.965   -7.161  -9.037  1.00 11.21 ? 47  VAL B CG1   1 
ATOM   1115 C CG2   . VAL B 1 47 ? 3.297   -6.950  -9.654  1.00 11.49 ? 47  VAL B CG2   1 
ATOM   1116 N N     . GLY B 1 48 ? 1.879   -9.804  -7.041  1.00 19.39 ? 48  GLY B N     1 
ATOM   1117 C CA    . GLY B 1 48 ? 1.051   -10.367 -5.957  1.00 18.61 ? 48  GLY B CA    1 
ATOM   1118 C C     . GLY B 1 48 ? 0.793   -9.448  -4.758  1.00 17.94 ? 48  GLY B C     1 
ATOM   1119 O O     . GLY B 1 48 ? 1.361   -8.388  -4.608  1.00 21.23 ? 48  GLY B O     1 
ATOM   1120 N N     . GLY B 1 49 ? -0.134  -9.826  -3.905  1.00 20.16 ? 49  GLY B N     1 
ATOM   1121 C CA    . GLY B 1 49 ? -0.429  -9.048  -2.725  1.00 17.44 ? 49  GLY B CA    1 
ATOM   1122 C C     . GLY B 1 49 ? -0.887  -9.955  -1.604  1.00 17.98 ? 49  GLY B C     1 
ATOM   1123 O O     . GLY B 1 49 ? -0.167  -10.832 -1.149  1.00 21.65 ? 49  GLY B O     1 
ATOM   1124 N N     . ILE B 1 50 ? -2.097  -9.706  -1.155  1.00 20.36 ? 50  ILE B N     1 
ATOM   1125 C CA    . ILE B 1 50 ? -2.797  -10.463 -0.142  1.00 20.60 ? 50  ILE B CA    1 
ATOM   1126 C C     . ILE B 1 50 ? -3.779  -11.311 -0.948  1.00 21.03 ? 50  ILE B C     1 
ATOM   1127 O O     . ILE B 1 50 ? -4.313  -10.854 -1.966  1.00 22.91 ? 50  ILE B O     1 
ATOM   1128 C CB    . ILE B 1 50 ? -3.554  -9.505  0.814   1.00 22.70 ? 50  ILE B CB    1 
ATOM   1129 C CG1   . ILE B 1 50 ? -2.929  -9.357  2.206   1.00 22.52 ? 50  ILE B CG1   1 
ATOM   1130 C CG2   . ILE B 1 50 ? -5.055  -9.763  0.901   1.00 19.66 ? 50  ILE B CG2   1 
ATOM   1131 C CD1   . ILE B 1 50 ? -2.596  -7.896  2.515   1.00 22.85 ? 50  ILE B CD1   1 
ATOM   1132 N N     . GLY B 1 51 ? -3.952  -12.567 -0.558  1.00 20.90 ? 51  GLY B N     1 
ATOM   1133 C CA    . GLY B 1 51 ? -4.834  -13.420 -1.293  1.00 16.75 ? 51  GLY B CA    1 
ATOM   1134 C C     . GLY B 1 51 ? -4.122  -14.141 -2.412  1.00 13.85 ? 51  GLY B C     1 
ATOM   1135 O O     . GLY B 1 51 ? -4.513  -15.231 -2.722  1.00 18.24 ? 51  GLY B O     1 
ATOM   1136 N N     . GLY B 1 52 ? -3.122  -13.539 -3.052  1.00 16.91 ? 52  GLY B N     1 
ATOM   1137 C CA    . GLY B 1 52 ? -2.396  -14.247 -4.113  1.00 17.11 ? 52  GLY B CA    1 
ATOM   1138 C C     . GLY B 1 52 ? -1.642  -13.412 -5.157  1.00 15.56 ? 52  GLY B C     1 
ATOM   1139 O O     . GLY B 1 52 ? -1.143  -12.354 -4.855  1.00 16.36 ? 52  GLY B O     1 
ATOM   1140 N N     . PHE B 1 53 ? -1.581  -13.913 -6.412  1.00 14.18 ? 53  PHE B N     1 
ATOM   1141 C CA    . PHE B 1 53 ? -0.859  -13.251 -7.485  1.00 14.51 ? 53  PHE B CA    1 
ATOM   1142 C C     . PHE B 1 53 ? -1.638  -13.242 -8.776  1.00 15.31 ? 53  PHE B C     1 
ATOM   1143 O O     . PHE B 1 53 ? -2.497  -14.053 -8.955  1.00 14.97 ? 53  PHE B O     1 
ATOM   1144 C CB    . PHE B 1 53 ? 0.500   -13.925 -7.792  1.00 14.46 ? 53  PHE B CB    1 
ATOM   1145 C CG    . PHE B 1 53 ? 1.409   -14.103 -6.608  1.00 12.44 ? 53  PHE B CG    1 
ATOM   1146 C CD1   . PHE B 1 53 ? 1.335   -15.257 -5.828  1.00 8.33  ? 53  PHE B CD1   1 
ATOM   1147 C CD2   . PHE B 1 53 ? 2.352   -13.120 -6.303  1.00 12.99 ? 53  PHE B CD2   1 
ATOM   1148 C CE1   . PHE B 1 53 ? 2.159   -15.416 -4.720  1.00 6.89  ? 53  PHE B CE1   1 
ATOM   1149 C CE2   . PHE B 1 53 ? 3.190   -13.267 -5.195  1.00 12.41 ? 53  PHE B CE2   1 
ATOM   1150 C CZ    . PHE B 1 53 ? 3.071   -14.407 -4.403  1.00 9.29  ? 53  PHE B CZ    1 
ATOM   1151 N N     . ILE B 1 54 ? -1.233  -12.367 -9.700  1.00 15.93 ? 54  ILE B N     1 
ATOM   1152 C CA    . ILE B 1 54 ? -1.845  -12.241 -10.999 1.00 13.33 ? 54  ILE B CA    1 
ATOM   1153 C C     . ILE B 1 54 ? -0.805  -12.027 -12.074 1.00 12.14 ? 54  ILE B C     1 
ATOM   1154 O O     . ILE B 1 54 ? 0.354   -11.705 -11.809 1.00 13.37 ? 54  ILE B O     1 
ATOM   1155 C CB    . ILE B 1 54 ? -2.905  -11.148 -11.021 1.00 15.34 ? 54  ILE B CB    1 
ATOM   1156 C CG1   . ILE B 1 54 ? -2.331  -9.774  -10.639 1.00 11.50 ? 54  ILE B CG1   1 
ATOM   1157 C CG2   . ILE B 1 54 ? -4.067  -11.571 -10.131 1.00 13.21 ? 54  ILE B CG2   1 
ATOM   1158 C CD1   . ILE B 1 54 ? -2.902  -8.593  -11.403 1.00 7.26  ? 54  ILE B CD1   1 
ATOM   1159 N N     . ASN B 1 55 ? -1.237  -12.262 -13.291 1.00 12.92 ? 55  ASN B N     1 
ATOM   1160 C CA    . ASN B 1 55 ? -0.425  -12.124 -14.506 1.00 15.34 ? 55  ASN B CA    1 
ATOM   1161 C C     . ASN B 1 55 ? -0.439  -10.680 -15.033 1.00 13.66 ? 55  ASN B C     1 
ATOM   1162 O O     . ASN B 1 55 ? -1.480  -10.004 -15.093 1.00 14.25 ? 55  ASN B O     1 
ATOM   1163 C CB    . ASN B 1 55 ? -0.812  -13.158 -15.606 1.00 17.50 ? 55  ASN B CB    1 
ATOM   1164 C CG    . ASN B 1 55 ? -0.434  -14.633 -15.372 1.00 16.84 ? 55  ASN B CG    1 
ATOM   1165 O OD1   . ASN B 1 55 ? -1.327  -15.466 -15.236 1.00 13.94 ? 55  ASN B OD1   1 
ATOM   1166 N ND2   . ASN B 1 55 ? 0.853   -14.982 -15.460 1.00 9.55  ? 55  ASN B ND2   1 
ATOM   1167 N N     . THR B 1 56 ? 0.750   -10.193 -15.388 1.00 12.95 ? 56  THR B N     1 
ATOM   1168 C CA    . THR B 1 56 ? 0.901   -8.811  -15.752 1.00 11.18 ? 56  THR B CA    1 
ATOM   1169 C C     . THR B 1 56 ? 1.696   -8.626  -16.997 1.00 12.22 ? 56  THR B C     1 
ATOM   1170 O O     . THR B 1 56 ? 2.457   -9.493  -17.406 1.00 15.19 ? 56  THR B O     1 
ATOM   1171 C CB    . THR B 1 56 ? 1.653   -8.025  -14.639 1.00 6.07  ? 56  THR B CB    1 
ATOM   1172 O OG1   . THR B 1 56 ? 2.868   -8.683  -14.335 1.00 2.24  ? 56  THR B OG1   1 
ATOM   1173 C CG2   . THR B 1 56 ? 0.806   -7.814  -13.370 1.00 3.51  ? 56  THR B CG2   1 
ATOM   1174 N N     . LYS B 1 57 ? 1.527   -7.461  -17.586 1.00 9.41  ? 57  LYS B N     1 
ATOM   1175 C CA    . LYS B 1 57 ? 2.356   -7.106  -18.699 1.00 14.37 ? 57  LYS B CA    1 
ATOM   1176 C C     . LYS B 1 57 ? 3.214   -5.979  -18.219 1.00 14.51 ? 57  LYS B C     1 
ATOM   1177 O O     . LYS B 1 57 ? 2.653   -4.996  -17.732 1.00 14.32 ? 57  LYS B O     1 
ATOM   1178 C CB    . LYS B 1 57 ? 1.643   -6.669  -19.954 1.00 14.24 ? 57  LYS B CB    1 
ATOM   1179 C CG    . LYS B 1 57 ? 0.795   -7.765  -20.543 1.00 14.22 ? 57  LYS B CG    1 
ATOM   1180 C CD    . LYS B 1 57 ? 0.270   -7.361  -21.913 1.00 19.55 ? 57  LYS B CD    1 
ATOM   1181 C CE    . LYS B 1 57 ? -0.751  -8.316  -22.512 1.00 20.92 ? 57  LYS B CE    1 
ATOM   1182 N NZ    . LYS B 1 57 ? -1.430  -7.723  -23.660 1.00 22.51 ? 57  LYS B NZ    1 
ATOM   1183 N N     . GLU B 1 58 ? 4.543   -6.129  -18.339 1.00 12.60 ? 58  GLU B N     1 
ATOM   1184 C CA    . GLU B 1 58 ? 5.455   -5.093  -17.919 1.00 13.22 ? 58  GLU B CA    1 
ATOM   1185 C C     . GLU B 1 58 ? 5.958   -4.201  -19.044 1.00 12.68 ? 58  GLU B C     1 
ATOM   1186 O O     . GLU B 1 58 ? 6.608   -4.622  -19.986 1.00 9.14  ? 58  GLU B O     1 
ATOM   1187 C CB    . GLU B 1 58 ? 6.638   -5.678  -17.211 1.00 15.66 ? 58  GLU B CB    1 
ATOM   1188 C CG    . GLU B 1 58 ? 7.259   -4.739  -16.203 1.00 19.57 ? 58  GLU B CG    1 
ATOM   1189 C CD    . GLU B 1 58 ? 8.620   -5.207  -15.800 1.00 23.87 ? 58  GLU B CD    1 
ATOM   1190 O OE1   . GLU B 1 58 ? 9.414   -5.649  -16.617 1.00 26.56 ? 58  GLU B OE1   1 
ATOM   1191 O OE2   . GLU B 1 58 ? 8.843   -5.074  -14.513 1.00 26.61 ? 58  GLU B OE2   1 
ATOM   1192 N N     . TYR B 1 59 ? 5.651   -2.930  -18.929 1.00 12.97 ? 59  TYR B N     1 
ATOM   1193 C CA    . TYR B 1 59 ? 6.096   -1.973  -19.901 1.00 11.78 ? 59  TYR B CA    1 
ATOM   1194 C C     . TYR B 1 59 ? 7.152   -1.061  -19.316 1.00 12.27 ? 59  TYR B C     1 
ATOM   1195 O O     . TYR B 1 59 ? 7.089   -0.663  -18.164 1.00 14.61 ? 59  TYR B O     1 
ATOM   1196 C CB    . TYR B 1 59 ? 4.948   -1.092  -20.335 1.00 7.73  ? 59  TYR B CB    1 
ATOM   1197 C CG    . TYR B 1 59 ? 3.849   -1.878  -20.957 1.00 6.26  ? 59  TYR B CG    1 
ATOM   1198 C CD1   . TYR B 1 59 ? 3.987   -2.328  -22.265 1.00 7.57  ? 59  TYR B CD1   1 
ATOM   1199 C CD2   . TYR B 1 59 ? 2.654   -2.129  -20.285 1.00 3.20  ? 59  TYR B CD2   1 
ATOM   1200 C CE1   . TYR B 1 59 ? 2.975   -3.048  -22.899 1.00 9.58  ? 59  TYR B CE1   1 
ATOM   1201 C CE2   . TYR B 1 59 ? 1.643   -2.865  -20.904 1.00 5.75  ? 59  TYR B CE2   1 
ATOM   1202 C CZ    . TYR B 1 59 ? 1.786   -3.315  -22.225 1.00 8.02  ? 59  TYR B CZ    1 
ATOM   1203 O OH    . TYR B 1 59 ? 0.770   -3.952  -22.946 1.00 6.26  ? 59  TYR B OH    1 
ATOM   1204 N N     . LYS B 1 60 ? 8.092   -0.631  -20.136 1.00 13.15 ? 60  LYS B N     1 
ATOM   1205 C CA    . LYS B 1 60 ? 9.092   0.234   -19.571 1.00 12.97 ? 60  LYS B CA    1 
ATOM   1206 C C     . LYS B 1 60 ? 9.134   1.597   -20.231 1.00 11.15 ? 60  LYS B C     1 
ATOM   1207 O O     . LYS B 1 60 ? 8.792   1.711   -21.378 1.00 10.64 ? 60  LYS B O     1 
ATOM   1208 C CB    . LYS B 1 60 ? 10.424  -0.494  -19.526 1.00 12.54 ? 60  LYS B CB    1 
ATOM   1209 C CG    . LYS B 1 60 ? 10.433  -1.555  -18.435 1.00 11.21 ? 60  LYS B CG    1 
ATOM   1210 C CD    . LYS B 1 60 ? 11.788  -2.206  -18.276 1.00 15.48 ? 60  LYS B CD    1 
ATOM   1211 C CE    . LYS B 1 60 ? 11.847  -3.193  -17.120 1.00 20.96 ? 60  LYS B CE    1 
ATOM   1212 N NZ    . LYS B 1 60 ? 11.905  -2.540  -15.794 1.00 22.72 ? 60  LYS B NZ    1 
ATOM   1213 N N     . ASN B 1 61 ? 9.510   2.619   -19.476 1.00 11.75 ? 61  ASN B N     1 
ATOM   1214 C CA    . ASN B 1 61 ? 9.627   3.986   -19.976 1.00 14.54 ? 61  ASN B CA    1 
ATOM   1215 C C     . ASN B 1 61 ? 8.348   4.650   -20.454 1.00 14.37 ? 61  ASN B C     1 
ATOM   1216 O O     . ASN B 1 61 ? 8.357   5.457   -21.374 1.00 14.83 ? 61  ASN B O     1 
ATOM   1217 C CB    . ASN B 1 61 ? 10.789  4.208   -20.934 1.00 14.61 ? 61  ASN B CB    1 
ATOM   1218 C CG    . ASN B 1 61 ? 12.061  3.640   -20.383 1.00 18.96 ? 61  ASN B CG    1 
ATOM   1219 O OD1   . ASN B 1 61 ? 12.476  4.062   -19.270 1.00 16.78 ? 61  ASN B OD1   1 
ATOM   1220 N ND2   . ASN B 1 61 ? 12.660  2.679   -21.140 1.00 17.23 ? 61  ASN B ND2   1 
ATOM   1221 N N     . VAL B 1 62 ? 7.272   4.357   -19.733 1.00 12.09 ? 62  VAL B N     1 
ATOM   1222 C CA    . VAL B 1 62 ? 5.965   4.923   -19.951 1.00 8.34  ? 62  VAL B CA    1 
ATOM   1223 C C     . VAL B 1 62 ? 5.976   6.380   -19.516 1.00 10.35 ? 62  VAL B C     1 
ATOM   1224 O O     . VAL B 1 62 ? 6.634   6.749   -18.538 1.00 12.08 ? 62  VAL B O     1 
ATOM   1225 C CB    . VAL B 1 62 ? 4.905   4.141   -19.161 1.00 7.38  ? 62  VAL B CB    1 
ATOM   1226 C CG1   . VAL B 1 62 ? 3.519   4.630   -19.496 1.00 3.84  ? 62  VAL B CG1   1 
ATOM   1227 C CG2   . VAL B 1 62 ? 5.018   2.638   -19.386 1.00 8.73  ? 62  VAL B CG2   1 
ATOM   1228 N N     . GLU B 1 63 ? 5.281   7.217   -20.266 1.00 8.89  ? 63  GLU B N     1 
ATOM   1229 C CA    . GLU B 1 63 ? 5.120   8.617   -19.913 1.00 8.88  ? 63  GLU B CA    1 
ATOM   1230 C C     . GLU B 1 63 ? 3.889   8.813   -18.990 1.00 11.57 ? 63  GLU B C     1 
ATOM   1231 O O     . GLU B 1 63 ? 2.748   8.419   -19.260 1.00 9.24  ? 63  GLU B O     1 
ATOM   1232 C CB    . GLU B 1 63 ? 4.975   9.460   -21.185 1.00 7.05  ? 63  GLU B CB    1 
ATOM   1233 C CG    . GLU B 1 63 ? 4.367   10.837  -20.927 1.00 6.52  ? 63  GLU B CG    1 
ATOM   1234 C CD    . GLU B 1 63 ? 4.411   11.732  -22.133 1.00 11.79 ? 63  GLU B CD    1 
ATOM   1235 O OE1   . GLU B 1 63 ? 4.836   11.407  -23.213 1.00 14.07 ? 63  GLU B OE1   1 
ATOM   1236 O OE2   . GLU B 1 63 ? 3.968   12.928  -21.873 1.00 13.28 ? 63  GLU B OE2   1 
ATOM   1237 N N     . ILE B 1 64 ? 4.130   9.450   -17.871 1.00 13.60 ? 64  ILE B N     1 
ATOM   1238 C CA    . ILE B 1 64 ? 3.079   9.752   -16.918 1.00 11.86 ? 64  ILE B CA    1 
ATOM   1239 C C     . ILE B 1 64 ? 3.152   11.208  -16.470 1.00 12.85 ? 64  ILE B C     1 
ATOM   1240 O O     . ILE B 1 64 ? 4.240   11.711  -16.131 1.00 15.34 ? 64  ILE B O     1 
ATOM   1241 C CB    . ILE B 1 64 ? 3.109   8.808   -15.682 1.00 12.26 ? 64  ILE B CB    1 
ATOM   1242 C CG1   . ILE B 1 64 ? 3.124   7.312   -16.089 1.00 7.35  ? 64  ILE B CG1   1 
ATOM   1243 C CG2   . ILE B 1 64 ? 1.964   9.115   -14.693 1.00 8.82  ? 64  ILE B CG2   1 
ATOM   1244 C CD1   . ILE B 1 64 ? 4.268   6.566   -15.411 1.00 8.23  ? 64  ILE B CD1   1 
ATOM   1245 N N     . GLU B 1 65 ? 1.990   11.876  -16.479 1.00 13.01 ? 65  GLU B N     1 
ATOM   1246 C CA    . GLU B 1 65 ? 1.836   13.207  -15.917 1.00 12.62 ? 65  GLU B CA    1 
ATOM   1247 C C     . GLU B 1 65 ? 0.880   13.126  -14.705 1.00 11.49 ? 65  GLU B C     1 
ATOM   1248 O O     . GLU B 1 65 ? -0.269  12.720  -14.802 1.00 9.74  ? 65  GLU B O     1 
ATOM   1249 C CB    . GLU B 1 65 ? 1.474   14.290  -16.950 1.00 12.52 ? 65  GLU B CB    1 
ATOM   1250 C CG    . GLU B 1 65 ? 2.644   14.742  -17.881 1.00 10.99 ? 65  GLU B CG    1 
ATOM   1251 C CD    . GLU B 1 65 ? 2.602   14.088  -19.250 1.00 14.74 ? 65  GLU B CD    1 
ATOM   1252 O OE1   . GLU B 1 65 ? 1.573   13.675  -19.739 1.00 10.20 ? 65  GLU B OE1   1 
ATOM   1253 O OE2   . GLU B 1 65 ? 3.791   13.933  -19.834 1.00 12.45 ? 65  GLU B OE2   1 
ATOM   1254 N N     . VAL B 1 66 ? 1.411   13.383  -13.518 1.00 13.17 ? 66  VAL B N     1 
ATOM   1255 C CA    . VAL B 1 66 ? 0.667   13.343  -12.278 1.00 14.93 ? 66  VAL B CA    1 
ATOM   1256 C C     . VAL B 1 66 ? 1.197   14.409  -11.371 1.00 16.41 ? 66  VAL B C     1 
ATOM   1257 O O     . VAL B 1 66 ? 2.391   14.700  -11.385 1.00 16.63 ? 66  VAL B O     1 
ATOM   1258 C CB    . VAL B 1 66 ? 0.899   12.084  -11.425 1.00 15.26 ? 66  VAL B CB    1 
ATOM   1259 C CG1   . VAL B 1 66 ? -0.349  11.210  -11.284 1.00 14.48 ? 66  VAL B CG1   1 
ATOM   1260 C CG2   . VAL B 1 66 ? 2.157   11.323  -11.796 1.00 11.28 ? 66  VAL B CG2   1 
ATOM   1261 N N     . LEU B 1 67 ? 0.317   14.904  -10.506 1.00 19.52 ? 67  LEU B N     1 
ATOM   1262 C CA    . LEU B 1 67 ? 0.693   15.864  -9.481  1.00 18.92 ? 67  LEU B CA    1 
ATOM   1263 C C     . LEU B 1 67 ? 1.509   17.070  -10.001 1.00 16.84 ? 67  LEU B C     1 
ATOM   1264 O O     . LEU B 1 67 ? 2.313   17.651  -9.234  1.00 15.88 ? 67  LEU B O     1 
ATOM   1265 C CB    . LEU B 1 67 ? 1.349   15.100  -8.287  1.00 15.17 ? 67  LEU B CB    1 
ATOM   1266 C CG    . LEU B 1 67 ? 0.266   14.315  -7.542  1.00 14.25 ? 67  LEU B CG    1 
ATOM   1267 C CD1   . LEU B 1 67 ? 0.814   13.387  -6.466  1.00 9.04  ? 67  LEU B CD1   1 
ATOM   1268 C CD2   . LEU B 1 67 ? -0.736  15.285  -6.940  1.00 9.60  ? 67  LEU B CD2   1 
ATOM   1269 N N     . ASN B 1 68 ? 1.321   17.373  -11.308 1.00 11.53 ? 68  ASN B N     1 
ATOM   1270 C CA    . ASN B 1 68 ? 1.965   18.474  -12.009 1.00 10.97 ? 68  ASN B CA    1 
ATOM   1271 C C     . ASN B 1 68 ? 3.422   18.219  -12.363 1.00 9.73  ? 68  ASN B C     1 
ATOM   1272 O O     . ASN B 1 68 ? 4.264   19.112  -12.507 1.00 14.53 ? 68  ASN B O     1 
ATOM   1273 C CB    . ASN B 1 68 ? 1.624   19.823  -11.359 1.00 17.28 ? 68  ASN B CB    1 
ATOM   1274 C CG    . ASN B 1 68 ? 2.388   21.049  -11.827 1.00 26.16 ? 68  ASN B CG    1 
ATOM   1275 O OD1   . ASN B 1 68 ? 1.982   21.785  -12.762 1.00 33.38 ? 68  ASN B OD1   1 
ATOM   1276 N ND2   . ASN B 1 68 ? 3.469   21.335  -11.117 1.00 26.86 ? 68  ASN B ND2   1 
ATOM   1277 N N     . LYS B 1 69 ? 3.706   16.946  -12.555 1.00 5.37  ? 69  LYS B N     1 
ATOM   1278 C CA    . LYS B 1 69 ? 4.992   16.473  -12.960 1.00 3.09  ? 69  LYS B CA    1 
ATOM   1279 C C     . LYS B 1 69 ? 4.933   15.483  -14.139 1.00 9.30  ? 69  LYS B C     1 
ATOM   1280 O O     . LYS B 1 69 ? 3.878   14.879  -14.524 1.00 8.90  ? 69  LYS B O     1 
ATOM   1281 C CB    . LYS B 1 69 ? 5.680   15.794  -11.813 1.00 7.49  ? 69  LYS B CB    1 
ATOM   1282 C CG    . LYS B 1 69 ? 6.076   16.729  -10.705 1.00 9.15  ? 69  LYS B CG    1 
ATOM   1283 C CD    . LYS B 1 69 ? 6.842   15.954  -9.643  1.00 12.95 ? 69  LYS B CD    1 
ATOM   1284 C CE    . LYS B 1 69 ? 7.838   16.789  -8.850  1.00 16.49 ? 69  LYS B CE    1 
ATOM   1285 N NZ    . LYS B 1 69 ? 7.275   18.051  -8.353  1.00 13.42 ? 69  LYS B NZ    1 
ATOM   1286 N N     . LYS B 1 70 ? 6.122   15.257  -14.663 1.00 9.59  ? 70  LYS B N     1 
ATOM   1287 C CA    . LYS B 1 70 ? 6.310   14.361  -15.771 1.00 10.77 ? 70  LYS B CA    1 
ATOM   1288 C C     . LYS B 1 70 ? 7.422   13.352  -15.503 1.00 14.02 ? 70  LYS B C     1 
ATOM   1289 O O     . LYS B 1 70 ? 8.604   13.720  -15.387 1.00 12.61 ? 70  LYS B O     1 
ATOM   1290 C CB    . LYS B 1 70 ? 6.618   15.180  -16.999 1.00 9.50  ? 70  LYS B CB    1 
ATOM   1291 C CG    . LYS B 1 70 ? 6.562   14.381  -18.265 1.00 11.99 ? 70  LYS B CG    1 
ATOM   1292 C CD    . LYS B 1 70 ? 6.838   15.259  -19.463 1.00 13.70 ? 70  LYS B CD    1 
ATOM   1293 C CE    . LYS B 1 70 ? 7.152   14.457  -20.712 1.00 12.14 ? 70  LYS B CE    1 
ATOM   1294 N NZ    . LYS B 1 70 ? 6.293   14.744  -21.870 1.00 10.90 ? 70  LYS B NZ    1 
ATOM   1295 N N     . VAL B 1 71 ? 7.018   12.083  -15.367 1.00 16.26 ? 71  VAL B N     1 
ATOM   1296 C CA    . VAL B 1 71 ? 7.967   11.014  -15.125 1.00 13.04 ? 71  VAL B CA    1 
ATOM   1297 C C     . VAL B 1 71 ? 7.986   10.012  -16.289 1.00 13.52 ? 71  VAL B C     1 
ATOM   1298 O O     . VAL B 1 71 ? 7.202   10.075  -17.227 1.00 14.90 ? 71  VAL B O     1 
ATOM   1299 C CB    . VAL B 1 71 ? 7.708   10.326  -13.768 1.00 11.12 ? 71  VAL B CB    1 
ATOM   1300 C CG1   . VAL B 1 71 ? 7.904   11.291  -12.617 1.00 5.28  ? 71  VAL B CG1   1 
ATOM   1301 C CG2   . VAL B 1 71 ? 6.298   9.779   -13.679 1.00 12.92 ? 71  VAL B CG2   1 
ATOM   1302 N N     . ARG B 1 72 ? 8.880   9.064   -16.224 1.00 12.30 ? 72  ARG B N     1 
ATOM   1303 C CA    . ARG B 1 72 ? 8.878   7.960   -17.150 1.00 11.95 ? 72  ARG B CA    1 
ATOM   1304 C C     . ARG B 1 72 ? 9.112   6.728   -16.336 1.00 8.79  ? 72  ARG B C     1 
ATOM   1305 O O     . ARG B 1 72 ? 10.045  6.714   -15.596 1.00 7.91  ? 72  ARG B O     1 
ATOM   1306 C CB    . ARG B 1 72 ? 9.915   8.095   -18.208 1.00 14.18 ? 72  ARG B CB    1 
ATOM   1307 C CG    . ARG B 1 72 ? 9.405   8.954   -19.348 1.00 18.70 ? 72  ARG B CG    1 
ATOM   1308 C CD    . ARG B 1 72 ? 10.214  8.764   -20.610 1.00 19.50 ? 72  ARG B CD    1 
ATOM   1309 N NE    . ARG B 1 72 ? 9.794   9.718   -21.585 1.00 25.41 ? 72  ARG B NE    1 
ATOM   1310 C CZ    . ARG B 1 72 ? 8.735   9.556   -22.374 1.00 28.92 ? 72  ARG B CZ    1 
ATOM   1311 N NH1   . ARG B 1 72 ? 7.986   8.449   -22.321 1.00 28.10 ? 72  ARG B NH1   1 
ATOM   1312 N NH2   . ARG B 1 72 ? 8.439   10.538  -23.259 1.00 31.44 ? 72  ARG B NH2   1 
ATOM   1313 N N     . ALA B 1 73 ? 8.227   5.762   -16.332 1.00 6.36  ? 73  ALA B N     1 
ATOM   1314 C CA    . ALA B 1 73 ? 8.536   4.634   -15.491 1.00 8.38  ? 73  ALA B CA    1 
ATOM   1315 C C     . ALA B 1 73 ? 7.853   3.352   -15.939 1.00 15.54 ? 73  ALA B C     1 
ATOM   1316 O O     . ALA B 1 73 ? 7.160   3.328   -16.965 1.00 13.91 ? 73  ALA B O     1 
ATOM   1317 C CB    . ALA B 1 73 ? 8.261   4.946   -14.041 1.00 6.54  ? 73  ALA B CB    1 
ATOM   1318 N N     . THR B 1 74 ? 8.090   2.282   -15.173 1.00 15.65 ? 74  THR B N     1 
ATOM   1319 C CA    . THR B 1 74 ? 7.545   0.977   -15.459 1.00 12.65 ? 74  THR B CA    1 
ATOM   1320 C C     . THR B 1 74 ? 6.202   0.818   -14.827 1.00 15.52 ? 74  THR B C     1 
ATOM   1321 O O     . THR B 1 74 ? 5.926   1.207   -13.699 1.00 19.33 ? 74  THR B O     1 
ATOM   1322 C CB    . THR B 1 74 ? 8.524   -0.127  -15.063 1.00 13.01 ? 74  THR B CB    1 
ATOM   1323 O OG1   . THR B 1 74 ? 9.791   0.228   -15.605 1.00 19.00 ? 74  THR B OG1   1 
ATOM   1324 C CG2   . THR B 1 74 ? 8.112   -1.521  -15.508 1.00 6.45  ? 74  THR B CG2   1 
ATOM   1325 N N     . ILE B 1 75 ? 5.323   0.346   -15.639 1.00 14.26 ? 75  ILE B N     1 
ATOM   1326 C CA    . ILE B 1 75 ? 3.995   0.160   -15.218 1.00 13.59 ? 75  ILE B CA    1 
ATOM   1327 C C     . ILE B 1 75 ? 3.644   -1.207  -15.732 1.00 14.51 ? 75  ILE B C     1 
ATOM   1328 O O     . ILE B 1 75 ? 4.151   -1.634  -16.794 1.00 11.36 ? 75  ILE B O     1 
ATOM   1329 C CB    . ILE B 1 75 ? 3.129   1.301   -15.767 1.00 14.37 ? 75  ILE B CB    1 
ATOM   1330 C CG1   . ILE B 1 75 ? 3.025   2.384   -14.703 1.00 11.57 ? 75  ILE B CG1   1 
ATOM   1331 C CG2   . ILE B 1 75 ? 1.744   0.855   -16.204 1.00 13.73 ? 75  ILE B CG2   1 
ATOM   1332 C CD1   . ILE B 1 75 ? 1.893   3.366   -14.929 1.00 11.87 ? 75  ILE B CD1   1 
ATOM   1333 N N     . MET B 1 76 ? 2.930   -1.934  -14.895 1.00 12.63 ? 76  MET B N     1 
ATOM   1334 C CA    . MET B 1 76 ? 2.452   -3.222  -15.263 1.00 9.44  ? 76  MET B CA    1 
ATOM   1335 C C     . MET B 1 76 ? 0.990   -3.040  -15.580 1.00 12.09 ? 76  MET B C     1 
ATOM   1336 O O     . MET B 1 76 ? 0.312   -2.070  -15.190 1.00 10.37 ? 76  MET B O     1 
ATOM   1337 C CB    . MET B 1 76 ? 2.574   -4.229  -14.120 1.00 9.54  ? 76  MET B CB    1 
ATOM   1338 C CG    . MET B 1 76 ? 4.014   -4.604  -13.777 1.00 15.28 ? 76  MET B CG    1 
ATOM   1339 S SD    . MET B 1 76 ? 4.140   -5.946  -12.557 1.00 18.34 ? 76  MET B SD    1 
ATOM   1340 C CE    . MET B 1 76 ? 5.949   -6.040  -12.356 1.00 22.87 ? 76  MET B CE    1 
ATOM   1341 N N     . THR B 1 77 ? 0.500   -3.973  -16.327 1.00 15.83 ? 77  THR B N     1 
ATOM   1342 C CA    . THR B 1 77 ? -0.898  -3.951  -16.628 1.00 16.32 ? 77  THR B CA    1 
ATOM   1343 C C     . THR B 1 77 ? -1.370  -5.345  -16.311 1.00 11.94 ? 77  THR B C     1 
ATOM   1344 O O     . THR B 1 77 ? -0.615  -6.300  -16.460 1.00 9.27  ? 77  THR B O     1 
ATOM   1345 C CB    . THR B 1 77 ? -1.271  -3.411  -18.051 1.00 18.37 ? 77  THR B CB    1 
ATOM   1346 O OG1   . THR B 1 77 ? -0.925  -4.348  -19.054 1.00 20.28 ? 77  THR B OG1   1 
ATOM   1347 C CG2   . THR B 1 77 ? -0.564  -2.082  -18.355 1.00 18.47 ? 77  THR B CG2   1 
ATOM   1348 N N     . GLY B 1 78 ? -2.545  -5.400  -15.755 1.00 8.23  ? 78  GLY B N     1 
ATOM   1349 C CA    . GLY B 1 78 ? -3.173  -6.592  -15.390 1.00 10.25 ? 78  GLY B CA    1 
ATOM   1350 C C     . GLY B 1 78 ? -4.494  -6.205  -14.766 1.00 16.54 ? 78  GLY B C     1 
ATOM   1351 O O     . GLY B 1 78 ? -4.746  -5.013  -14.528 1.00 18.39 ? 78  GLY B O     1 
ATOM   1352 N N     . ASP B 1 79 ? -5.288  -7.238  -14.490 1.00 18.84 ? 79  ASP B N     1 
ATOM   1353 C CA    . ASP B 1 79 ? -6.594  -7.175  -13.895 1.00 20.19 ? 79  ASP B CA    1 
ATOM   1354 C C     . ASP B 1 79 ? -6.601  -6.898  -12.422 1.00 19.18 ? 79  ASP B C     1 
ATOM   1355 O O     . ASP B 1 79 ? -6.948  -7.792  -11.653 1.00 20.30 ? 79  ASP B O     1 
ATOM   1356 C CB    . ASP B 1 79 ? -7.371  -8.466  -14.115 1.00 25.13 ? 79  ASP B CB    1 
ATOM   1357 C CG    . ASP B 1 79 ? -8.537  -8.154  -14.997 1.00 31.31 ? 79  ASP B CG    1 
ATOM   1358 O OD1   . ASP B 1 79 ? -9.391  -7.335  -14.382 1.00 28.16 ? 79  ASP B OD1   1 
ATOM   1359 O OD2   . ASP B 1 79 ? -8.570  -8.446  -16.204 1.00 31.96 ? 79  ASP B OD2   1 
ATOM   1360 N N     . THR B 1 80 ? -6.242  -5.655  -12.064 1.00 22.00 ? 80  THR B N     1 
ATOM   1361 C CA    . THR B 1 80 ? -6.251  -5.153  -10.703 1.00 17.50 ? 80  THR B CA    1 
ATOM   1362 C C     . THR B 1 80 ? -7.578  -4.479  -10.483 1.00 16.27 ? 80  THR B C     1 
ATOM   1363 O O     . THR B 1 80 ? -8.119  -3.863  -11.405 1.00 14.50 ? 80  THR B O     1 
ATOM   1364 C CB    . THR B 1 80 ? -5.078  -4.179  -10.403 1.00 18.09 ? 80  THR B CB    1 
ATOM   1365 O OG1   . THR B 1 80 ? -5.300  -3.540  -9.160  1.00 15.68 ? 80  THR B OG1   1 
ATOM   1366 C CG2   . THR B 1 80 ? -4.873  -3.160  -11.521 1.00 11.82 ? 80  THR B CG2   1 
ATOM   1367 N N     . PRO B 1 81 ? -8.123  -4.614  -9.282  1.00 19.47 ? 81  PRO B N     1 
ATOM   1368 C CA    . PRO B 1 81 ? -9.398  -3.991  -8.939  1.00 17.21 ? 81  PRO B CA    1 
ATOM   1369 C C     . PRO B 1 81 ? -9.285  -2.472  -8.733  1.00 18.61 ? 81  PRO B C     1 
ATOM   1370 O O     . PRO B 1 81 ? -10.291 -1.801  -8.646  1.00 21.63 ? 81  PRO B O     1 
ATOM   1371 C CB    . PRO B 1 81 ? -9.795  -4.615  -7.598  1.00 16.08 ? 81  PRO B CB    1 
ATOM   1372 C CG    . PRO B 1 81 ? -8.627  -5.432  -7.070  1.00 18.25 ? 81  PRO B CG    1 
ATOM   1373 C CD    . PRO B 1 81 ? -7.553  -5.421  -8.156  1.00 18.71 ? 81  PRO B CD    1 
ATOM   1374 N N     . ILE B 1 82 ? -8.047  -1.949  -8.632  1.00 16.12 ? 82  ILE B N     1 
ATOM   1375 C CA    . ILE B 1 82 ? -7.705  -0.559  -8.390  1.00 12.92 ? 82  ILE B CA    1 
ATOM   1376 C C     . ILE B 1 82 ? -6.327  -0.301  -9.039  1.00 15.53 ? 82  ILE B C     1 
ATOM   1377 O O     . ILE B 1 82 ? -5.476  -1.180  -8.987  1.00 14.89 ? 82  ILE B O     1 
ATOM   1378 C CB    . ILE B 1 82 ? -7.594  -0.384  -6.844  1.00 13.31 ? 82  ILE B CB    1 
ATOM   1379 C CG1   . ILE B 1 82 ? -8.932  -0.658  -6.131  1.00 14.25 ? 82  ILE B CG1   1 
ATOM   1380 C CG2   . ILE B 1 82 ? -7.119  0.997   -6.430  1.00 14.77 ? 82  ILE B CG2   1 
ATOM   1381 C CD1   . ILE B 1 82 ? -9.911  0.495   -6.281  1.00 11.93 ? 82  ILE B CD1   1 
ATOM   1382 N N     . ASN B 1 83 ? -6.095  0.870   -9.665  1.00 14.26 ? 83  ASN B N     1 
ATOM   1383 C CA    . ASN B 1 83 ? -4.781  1.162   -10.243 1.00 12.45 ? 83  ASN B CA    1 
ATOM   1384 C C     . ASN B 1 83 ? -3.859  1.712   -9.180  1.00 13.12 ? 83  ASN B C     1 
ATOM   1385 O O     . ASN B 1 83 ? -4.218  2.569   -8.399  1.00 14.80 ? 83  ASN B O     1 
ATOM   1386 C CB    . ASN B 1 83 ? -4.797  2.115   -11.416 1.00 11.59 ? 83  ASN B CB    1 
ATOM   1387 C CG    . ASN B 1 83 ? -5.963  1.925   -12.347 1.00 15.20 ? 83  ASN B CG    1 
ATOM   1388 O OD1   . ASN B 1 83 ? -6.562  2.923   -12.755 1.00 14.85 ? 83  ASN B OD1   1 
ATOM   1389 N ND2   . ASN B 1 83 ? -6.208  0.689   -12.777 1.00 9.69  ? 83  ASN B ND2   1 
ATOM   1390 N N     . ILE B 1 84 ? -2.653  1.210   -9.138  1.00 14.15 ? 84  ILE B N     1 
ATOM   1391 C CA    . ILE B 1 84 ? -1.741  1.547   -8.058  1.00 12.69 ? 84  ILE B CA    1 
ATOM   1392 C C     . ILE B 1 84 ? -0.450  2.178   -8.549  1.00 13.14 ? 84  ILE B C     1 
ATOM   1393 O O     . ILE B 1 84 ? 0.121   1.715   -9.529  1.00 14.00 ? 84  ILE B O     1 
ATOM   1394 C CB    . ILE B 1 84 ? -1.391  0.234   -7.334  1.00 10.18 ? 84  ILE B CB    1 
ATOM   1395 C CG1   . ILE B 1 84 ? -2.529  -0.281  -6.476  1.00 10.63 ? 84  ILE B CG1   1 
ATOM   1396 C CG2   . ILE B 1 84 ? -0.119  0.363   -6.511  1.00 12.63 ? 84  ILE B CG2   1 
ATOM   1397 C CD1   . ILE B 1 84 ? -2.522  -1.799  -6.297  1.00 10.65 ? 84  ILE B CD1   1 
ATOM   1398 N N     . PHE B 1 85 ? -0.013  3.233   -7.871  1.00 11.23 ? 85  PHE B N     1 
ATOM   1399 C CA    . PHE B 1 85 ? 1.261   3.839   -8.134  1.00 11.73 ? 85  PHE B CA    1 
ATOM   1400 C C     . PHE B 1 85 ? 2.063   3.469   -6.907  1.00 13.56 ? 85  PHE B C     1 
ATOM   1401 O O     . PHE B 1 85 ? 1.655   3.778   -5.788  1.00 12.63 ? 85  PHE B O     1 
ATOM   1402 C CB    . PHE B 1 85 ? 1.261   5.352   -8.319  1.00 9.11  ? 85  PHE B CB    1 
ATOM   1403 C CG    . PHE B 1 85 ? 0.915   5.840   -9.717  1.00 15.59 ? 85  PHE B CG    1 
ATOM   1404 C CD1   . PHE B 1 85 ? 0.389   4.975   -10.680 1.00 15.61 ? 85  PHE B CD1   1 
ATOM   1405 C CD2   . PHE B 1 85 ? 1.091   7.183   -10.064 1.00 12.78 ? 85  PHE B CD2   1 
ATOM   1406 C CE1   . PHE B 1 85 ? 0.088   5.426   -11.969 1.00 16.56 ? 85  PHE B CE1   1 
ATOM   1407 C CE2   . PHE B 1 85 ? 0.782   7.649   -11.346 1.00 13.75 ? 85  PHE B CE2   1 
ATOM   1408 C CZ    . PHE B 1 85 ? 0.288   6.769   -12.306 1.00 13.25 ? 85  PHE B CZ    1 
ATOM   1409 N N     . GLY B 1 86 ? 3.143   2.712   -7.108  1.00 9.24  ? 86  GLY B N     1 
ATOM   1410 C CA    . GLY B 1 86 ? 3.925   2.275   -5.976  1.00 7.15  ? 86  GLY B CA    1 
ATOM   1411 C C     . GLY B 1 86 ? 5.121   3.156   -5.797  1.00 7.85  ? 86  GLY B C     1 
ATOM   1412 O O     . GLY B 1 86 ? 5.257   4.150   -6.512  1.00 5.26  ? 86  GLY B O     1 
ATOM   1413 N N     . ARG B 1 87 ? 5.990   2.712   -4.898  1.00 8.34  ? 87  ARG B N     1 
ATOM   1414 C CA    . ARG B 1 87 ? 7.171   3.436   -4.501  1.00 8.74  ? 87  ARG B CA    1 
ATOM   1415 C C     . ARG B 1 87 ? 8.081   3.804   -5.661  1.00 9.29  ? 87  ARG B C     1 
ATOM   1416 O O     . ARG B 1 87 ? 8.852   4.764   -5.547  1.00 12.19 ? 87  ARG B O     1 
ATOM   1417 C CB    . ARG B 1 87 ? 7.977   2.666   -3.468  1.00 8.32  ? 87  ARG B CB    1 
ATOM   1418 C CG    . ARG B 1 87 ? 7.453   2.605   -2.036  1.00 8.56  ? 87  ARG B CG    1 
ATOM   1419 C CD    . ARG B 1 87 ? 8.467   1.823   -1.168  1.00 17.00 ? 87  ARG B CD    1 
ATOM   1420 N NE    . ARG B 1 87 ? 8.728   0.450   -1.656  1.00 10.99 ? 87  ARG B NE    1 
ATOM   1421 C CZ    . ARG B 1 87 ? 9.836   -0.036  -2.207  1.00 9.08  ? 87  ARG B CZ    1 
ATOM   1422 N NH1   . ARG B 1 87 ? 10.938  0.649   -2.354  1.00 11.02 ? 87  ARG B NH1   1 
ATOM   1423 N NH2   . ARG B 1 87 ? 9.840   -1.297  -2.612  1.00 9.96  ? 87  ARG B NH2   1 
ATOM   1424 N N     . ASN B 1 88 ? 8.054   3.044   -6.748  1.00 8.29  ? 88  ASN B N     1 
ATOM   1425 C CA    . ASN B 1 88 ? 8.917   3.346   -7.886  1.00 9.10  ? 88  ASN B CA    1 
ATOM   1426 C C     . ASN B 1 88 ? 8.565   4.702   -8.509  1.00 12.44 ? 88  ASN B C     1 
ATOM   1427 O O     . ASN B 1 88 ? 9.420   5.461   -8.965  1.00 10.91 ? 88  ASN B O     1 
ATOM   1428 C CB    . ASN B 1 88 ? 8.995   2.199   -8.919  1.00 5.86  ? 88  ASN B CB    1 
ATOM   1429 C CG    . ASN B 1 88 ? 7.833   2.108   -9.922  1.00 4.87  ? 88  ASN B CG    1 
ATOM   1430 O OD1   . ASN B 1 88 ? 8.029   2.079   -11.142 1.00 9.07  ? 88  ASN B OD1   1 
ATOM   1431 N ND2   . ASN B 1 88 ? 6.629   1.960   -9.459  1.00 2.00  ? 88  ASN B ND2   1 
ATOM   1432 N N     . ILE B 1 89 ? 7.277   5.020   -8.545  1.00 12.69 ? 89  ILE B N     1 
ATOM   1433 C CA    . ILE B 1 89 ? 6.820   6.287   -9.087  1.00 10.56 ? 89  ILE B CA    1 
ATOM   1434 C C     . ILE B 1 89 ? 6.936   7.369   -8.044  1.00 8.89  ? 89  ILE B C     1 
ATOM   1435 O O     . ILE B 1 89 ? 7.617   8.372   -8.247  1.00 12.65 ? 89  ILE B O     1 
ATOM   1436 C CB    . ILE B 1 89 ? 5.446   6.186   -9.743  1.00 12.27 ? 89  ILE B CB    1 
ATOM   1437 C CG1   . ILE B 1 89 ? 5.507   5.218   -10.935 1.00 10.95 ? 89  ILE B CG1   1 
ATOM   1438 C CG2   . ILE B 1 89 ? 5.027   7.541   -10.263 1.00 14.07 ? 89  ILE B CG2   1 
ATOM   1439 C CD1   . ILE B 1 89 ? 4.159   5.019   -11.634 1.00 11.89 ? 89  ILE B CD1   1 
ATOM   1440 N N     . LEU B 1 90 ? 6.305   7.155   -6.901  1.00 8.07  ? 90  LEU B N     1 
ATOM   1441 C CA    . LEU B 1 90 ? 6.427   8.079   -5.786  1.00 9.15  ? 90  LEU B CA    1 
ATOM   1442 C C     . LEU B 1 90 ? 7.867   8.542   -5.585  1.00 10.82 ? 90  LEU B C     1 
ATOM   1443 O O     . LEU B 1 90 ? 8.139   9.745   -5.393  1.00 14.81 ? 90  LEU B O     1 
ATOM   1444 C CB    . LEU B 1 90 ? 5.784   7.596   -4.451  1.00 6.50  ? 90  LEU B CB    1 
ATOM   1445 C CG    . LEU B 1 90 ? 4.477   6.800   -4.652  1.00 4.78  ? 90  LEU B CG    1 
ATOM   1446 C CD1   . LEU B 1 90 ? 3.813   6.375   -3.347  1.00 2.00  ? 90  LEU B CD1   1 
ATOM   1447 C CD2   . LEU B 1 90 ? 3.513   7.616   -5.484  1.00 6.26  ? 90  LEU B CD2   1 
ATOM   1448 N N     . THR B 1 91 ? 8.831   7.606   -5.617  1.00 10.80 ? 91  THR B N     1 
ATOM   1449 C CA    . THR B 1 91 ? 10.212  8.024   -5.461  1.00 7.89  ? 91  THR B CA    1 
ATOM   1450 C C     . THR B 1 91 ? 10.638  9.013   -6.559  1.00 9.79  ? 91  THR B C     1 
ATOM   1451 O O     . THR B 1 91 ? 11.416  9.936   -6.293  1.00 10.68 ? 91  THR B O     1 
ATOM   1452 C CB    . THR B 1 91 ? 11.207  6.860   -5.267  1.00 10.62 ? 91  THR B CB    1 
ATOM   1453 O OG1   . THR B 1 91 ? 10.893  6.162   -4.073  1.00 9.37  ? 91  THR B OG1   1 
ATOM   1454 C CG2   . THR B 1 91 ? 12.647  7.382   -5.142  1.00 7.18  ? 91  THR B CG2   1 
ATOM   1455 N N     . ALA B 1 92 ? 10.105  8.866   -7.785  1.00 7.56  ? 92  ALA B N     1 
ATOM   1456 C CA    . ALA B 1 92 ? 10.427  9.770   -8.883  1.00 4.76  ? 92  ALA B CA    1 
ATOM   1457 C C     . ALA B 1 92 ? 9.784   11.155  -8.694  1.00 9.29  ? 92  ALA B C     1 
ATOM   1458 O O     . ALA B 1 92 ? 10.338  12.168  -9.101  1.00 13.36 ? 92  ALA B O     1 
ATOM   1459 C CB    . ALA B 1 92 ? 10.062  9.192   -10.227 1.00 2.00  ? 92  ALA B CB    1 
ATOM   1460 N N     . LEU B 1 93 ? 8.625   11.245  -8.049  1.00 9.15  ? 93  LEU B N     1 
ATOM   1461 C CA    . LEU B 1 93 ? 8.024   12.548  -7.870  1.00 6.29  ? 93  LEU B CA    1 
ATOM   1462 C C     . LEU B 1 93 ? 8.626   13.262  -6.702  1.00 6.62  ? 93  LEU B C     1 
ATOM   1463 O O     . LEU B 1 93 ? 8.393   14.447  -6.506  1.00 14.62 ? 93  LEU B O     1 
ATOM   1464 C CB    . LEU B 1 93 ? 6.499   12.492  -7.639  1.00 6.17  ? 93  LEU B CB    1 
ATOM   1465 C CG    . LEU B 1 93 ? 5.740   11.555  -8.564  1.00 7.81  ? 93  LEU B CG    1 
ATOM   1466 C CD1   . LEU B 1 93 ? 4.301   11.389  -8.065  1.00 9.99  ? 93  LEU B CD1   1 
ATOM   1467 C CD2   . LEU B 1 93 ? 5.741   12.139  -9.972  1.00 5.58  ? 93  LEU B CD2   1 
ATOM   1468 N N     . GLY B 1 94 ? 9.341   12.541  -5.871  1.00 5.56  ? 94  GLY B N     1 
ATOM   1469 C CA    . GLY B 1 94 ? 9.914   13.154  -4.685  1.00 2.00  ? 94  GLY B CA    1 
ATOM   1470 C C     . GLY B 1 94 ? 8.916   13.270  -3.530  1.00 7.68  ? 94  GLY B C     1 
ATOM   1471 O O     . GLY B 1 94 ? 8.899   14.226  -2.752  1.00 11.16 ? 94  GLY B O     1 
ATOM   1472 N N     . MET B 1 95 ? 8.019   12.316  -3.449  1.00 8.36  ? 95  MET B N     1 
ATOM   1473 C CA    . MET B 1 95 ? 7.050   12.280  -2.391  1.00 9.12  ? 95  MET B CA    1 
ATOM   1474 C C     . MET B 1 95 ? 7.645   11.573  -1.179  1.00 10.64 ? 95  MET B C     1 
ATOM   1475 O O     . MET B 1 95 ? 8.428   10.633  -1.321  1.00 14.29 ? 95  MET B O     1 
ATOM   1476 C CB    . MET B 1 95 ? 5.915   11.362  -2.864  1.00 13.29 ? 95  MET B CB    1 
ATOM   1477 C CG    . MET B 1 95 ? 4.918   11.971  -3.827  1.00 10.97 ? 95  MET B CG    1 
ATOM   1478 S SD    . MET B 1 95 ? 3.302   11.496  -3.230  1.00 13.32 ? 95  MET B SD    1 
ATOM   1479 C CE    . MET B 1 95 ? 2.700   10.767  -4.767  1.00 14.49 ? 95  MET B CE    1 
ATOM   1480 N N     . SER B 1 96 ? 7.243   11.978  0.007   1.00 10.10 ? 96  SER B N     1 
ATOM   1481 C CA    . SER B 1 96 ? 7.695   11.323  1.196   1.00 11.44 ? 96  SER B CA    1 
ATOM   1482 C C     . SER B 1 96 ? 6.519   11.151  2.143   1.00 13.72 ? 96  SER B C     1 
ATOM   1483 O O     . SER B 1 96 ? 5.503   11.840  1.953   1.00 14.69 ? 96  SER B O     1 
ATOM   1484 C CB    . SER B 1 96 ? 8.807   12.103  1.871   1.00 11.28 ? 96  SER B CB    1 
ATOM   1485 O OG    . SER B 1 96 ? 8.268   13.297  2.439   1.00 12.15 ? 96  SER B OG    1 
ATOM   1486 N N     . LEU B 1 97 ? 6.715   10.232  3.116   1.00 12.11 ? 97  LEU B N     1 
ATOM   1487 C CA    . LEU B 1 97 ? 5.815   9.890   4.195   1.00 15.88 ? 97  LEU B CA    1 
ATOM   1488 C C     . LEU B 1 97 ? 6.291   10.670  5.422   1.00 15.56 ? 97  LEU B C     1 
ATOM   1489 O O     . LEU B 1 97 ? 7.448   10.627  5.781   1.00 18.69 ? 97  LEU B O     1 
ATOM   1490 C CB    . LEU B 1 97 ? 5.971   8.386   4.533   1.00 17.66 ? 97  LEU B CB    1 
ATOM   1491 C CG    . LEU B 1 97 ? 4.740   7.465   4.579   1.00 17.60 ? 97  LEU B CG    1 
ATOM   1492 C CD1   . LEU B 1 97 ? 5.121   6.103   5.193   1.00 13.91 ? 97  LEU B CD1   1 
ATOM   1493 C CD2   . LEU B 1 97 ? 3.524   8.073   5.290   1.00 15.80 ? 97  LEU B CD2   1 
ATOM   1494 N N     . ASN B 1 98 ? 5.430   11.365  6.118   1.00 16.48 ? 98  ASN B N     1 
ATOM   1495 C CA    . ASN B 1 98 ? 5.937   12.123  7.243   1.00 12.90 ? 98  ASN B CA    1 
ATOM   1496 C C     . ASN B 1 98 ? 5.140   12.016  8.510   1.00 12.73 ? 98  ASN B C     1 
ATOM   1497 O O     . ASN B 1 98 ? 3.969   11.696  8.486   1.00 18.48 ? 98  ASN B O     1 
ATOM   1498 C CB    . ASN B 1 98 ? 6.055   13.584  6.823   1.00 12.48 ? 98  ASN B CB    1 
ATOM   1499 C CG    . ASN B 1 98 ? 6.777   13.751  5.509   1.00 16.18 ? 98  ASN B CG    1 
ATOM   1500 O OD1   . ASN B 1 98 ? 7.938   14.137  5.497   1.00 17.48 ? 98  ASN B OD1   1 
ATOM   1501 N ND2   . ASN B 1 98 ? 6.067   13.546  4.389   1.00 22.72 ? 98  ASN B ND2   1 
ATOM   1502 N N     . LEU B 1 99 ? 5.797   12.400  9.597   1.00 13.26 ? 99  LEU B N     1 
ATOM   1503 C CA    . LEU B 1 99 ? 5.302   12.481  10.972  1.00 15.64 ? 99  LEU B CA    1 
ATOM   1504 C C     . LEU B 1 99 ? 6.245   13.420  11.772  1.00 20.37 ? 99  LEU B C     1 
ATOM   1505 O O     . LEU B 1 99 ? 7.483   13.502  11.559  1.00 22.27 ? 99  LEU B O     1 
ATOM   1506 C CB    . LEU B 1 99 ? 5.154   11.067  11.612  1.00 13.36 ? 99  LEU B CB    1 
ATOM   1507 C CG    . LEU B 1 99 ? 4.581   10.995  13.040  1.00 17.61 ? 99  LEU B CG    1 
ATOM   1508 C CD1   . LEU B 1 99 ? 3.292   10.168  13.094  1.00 14.33 ? 99  LEU B CD1   1 
ATOM   1509 C CD2   . LEU B 1 99 ? 5.587   10.312  13.968  1.00 20.91 ? 99  LEU B CD2   1 
ATOM   1510 O OXT   . LEU B 1 99 ? 5.788   14.360  12.452  1.00 25.97 ? 99  LEU B OXT   1 
HETATM 1511 C C     . 0PP C 2 .  ? 4.021   -5.800  -2.891  1.00 8.04  ? 100 0PP A C     1 
HETATM 1512 O O     . 0PP C 2 .  ? 4.713   -4.756  -2.928  1.00 7.04  ? 100 0PP A O     1 
HETATM 1513 N N1    . 0PP C 2 .  ? 3.850   -8.197  -2.429  1.00 9.14  ? 100 0PP A N1    1 
HETATM 1514 C C2    . 0PP C 2 .  ? 4.530   -7.032  -2.376  1.00 9.50  ? 100 0PP A C2    1 
HETATM 1515 C C3    . 0PP C 2 .  ? 5.809   -7.101  -1.834  1.00 12.07 ? 100 0PP A C3    1 
HETATM 1516 C C4    . 0PP C 2 .  ? 6.348   -8.290  -1.397  1.00 12.13 ? 100 0PP A C4    1 
HETATM 1517 C C5    . 0PP C 2 .  ? 6.133   -10.691 -1.126  1.00 13.64 ? 100 0PP A C5    1 
HETATM 1518 C C6    . 0PP C 2 .  ? 5.359   -11.841 -1.271  1.00 13.17 ? 100 0PP A C6    1 
HETATM 1519 C C7    . 0PP C 2 .  ? 4.070   -11.756 -1.772  1.00 11.99 ? 100 0PP A C7    1 
HETATM 1520 C C8    . 0PP C 2 .  ? 3.578   -10.536 -2.198  1.00 10.90 ? 100 0PP A C8    1 
HETATM 1521 C C4A   . 0PP C 2 .  ? 5.601   -9.456  -1.531  1.00 12.99 ? 100 0PP A C4A   1 
HETATM 1522 C C8A   . 0PP C 2 .  ? 4.347   -9.393  -2.066  1.00 9.51  ? 100 0PP A C8A   1 
HETATM 1523 N N     . 0PP C 2 .  ? 2.738   -5.837  -3.324  1.00 8.81  ? 100 0PP A N     1 
HETATM 1524 C CA    . 0PP C 2 .  ? 1.787   -4.883  -3.892  1.00 9.24  ? 100 0PP A CA    1 
HETATM 1525 C C1    . 0PP C 2 .  ? 0.569   -4.943  -3.028  1.00 11.06 ? 100 0PP A C1    1 
HETATM 1526 O O1    . 0PP C 2 .  ? -0.456  -5.528  -3.349  1.00 8.90  ? 100 0PP A O1    1 
HETATM 1527 C CB    . 0PP C 2 .  ? 1.515   -5.024  -5.435  1.00 9.18  ? 100 0PP A CB    1 
HETATM 1528 O OG1   . 0PP C 2 .  ? 2.727   -5.067  -6.159  1.00 12.97 ? 100 0PP A OG1   1 
HETATM 1529 C CG2   . 0PP C 2 .  ? 0.739   -3.852  -5.992  1.00 3.23  ? 100 0PP A CG2   1 
HETATM 1530 N N2    . 0PP C 2 .  ? 0.745   -4.371  -1.843  1.00 15.45 ? 100 0PP A N2    1 
HETATM 1531 C CA1   . 0PP C 2 .  ? -0.259  -4.429  -0.809  1.00 13.17 ? 100 0PP A CA1   1 
HETATM 1532 C C9    . 0PP C 2 .  ? -1.325  -3.343  -0.947  1.00 13.86 ? 100 0PP A C9    1 
HETATM 1533 O OXT   . 0PP C 2 .  ? -0.731  -2.072  -0.831  1.00 9.47  ? 100 0PP A OXT   1 
HETATM 1534 C CB1   . 0PP C 2 .  ? 0.485   -4.464  0.524   1.00 11.35 ? 100 0PP A CB1   1 
HETATM 1535 C CG    . 0PP C 2 .  ? 1.412   -5.639  0.619   1.00 12.38 ? 100 0PP A CG    1 
HETATM 1536 C CD1   . 0PP C 2 .  ? 0.914   -6.942  0.651   1.00 15.04 ? 100 0PP A CD1   1 
HETATM 1537 C CD2   . 0PP C 2 .  ? 2.797   -5.470  0.663   1.00 9.93  ? 100 0PP A CD2   1 
HETATM 1538 C CE1   . 0PP C 2 .  ? 1.787   -8.035  0.758   1.00 14.84 ? 100 0PP A CE1   1 
HETATM 1539 C CE2   . 0PP C 2 .  ? 3.675   -6.556  0.727   1.00 9.78  ? 100 0PP A CE2   1 
HETATM 1540 C CZ    . 0PP C 2 .  ? 3.170   -7.851  0.793   1.00 10.54 ? 100 0PP A CZ    1 
HETATM 1541 C CM    . 0PP C 2 .  ? -2.416  -3.412  0.105   1.00 12.73 ? 100 0PP A CM    1 
HETATM 1542 N "N'"  . 0PP C 2 .  ? -3.664  -2.885  -0.427  1.00 11.33 ? 100 0PP A "N'"  1 
HETATM 1543 C "C'"  . 0PP C 2 .  ? -4.617  -3.658  -0.906  1.00 13.26 ? 100 0PP A "C'"  1 
HETATM 1544 O "O'"  . 0PP C 2 .  ? -4.545  -4.873  -0.970  1.00 18.05 ? 100 0PP A "O'"  1 
HETATM 1545 C "C2'" . 0PP C 2 .  ? -5.845  -2.901  -1.400  1.00 19.10 ? 100 0PP A "C2'" 1 
HETATM 1546 C CT1   . 0PP C 2 .  ? -5.925  -2.628  -2.952  1.00 19.01 ? 100 0PP A CT1   1 
HETATM 1547 C CT2   . 0PP C 2 .  ? -6.353  -3.843  -3.771  1.00 16.98 ? 100 0PP A CT2   1 
HETATM 1548 C CT3   . 0PP C 2 .  ? -7.000  -1.566  -3.129  1.00 19.78 ? 100 0PP A CT3   1 
HETATM 1549 C CT4   . 0PP C 2 .  ? -4.566  -2.160  -3.443  1.00 16.50 ? 100 0PP A CT4   1 
HETATM 1550 C "C1'" . 0PP C 2 .  ? -7.096  -3.526  -0.750  1.00 16.34 ? 100 0PP A "C1'" 1 
HETATM 1551 C CC    . 0PP C 2 .  ? -7.112  -3.405  0.761   1.00 15.03 ? 100 0PP A CC    1 
HETATM 1552 O O2    . 0PP C 2 .  ? -7.215  -2.241  1.454   1.00 11.26 ? 100 0PP A O2    1 
HETATM 1553 N N3    . 0PP C 2 .  ? -7.045  -4.504  1.522   1.00 15.90 ? 100 0PP A N3    1 
HETATM 1554 C C31   . 0PP C 2 .  ? -7.077  -4.487  2.957   1.00 15.87 ? 100 0PP A C31   1 
HETATM 1555 C C41   . 0PP C 2 .  ? -8.360  -5.146  3.440   1.00 19.57 ? 100 0PP A C41   1 
HETATM 1556 C C51   . 0PP C 2 .  ? -9.636  -4.763  2.638   1.00 22.72 ? 100 0PP A C51   1 
HETATM 1557 C C21   . 0PP C 2 .  ? -5.934  -5.317  3.507   1.00 15.73 ? 100 0PP A C21   1 
HETATM 1558 C C11   . 0PP C 2 .  ? -4.499  -4.824  3.172   1.00 12.52 ? 100 0PP A C11   1 
HETATM 1559 O O     . HOH D 3 .  ? -2.793  -6.673  -2.011  1.00 23.67 ? 301 HOH A O     1 
HETATM 1560 O O     . HOH D 3 .  ? 17.635  7.974   -1.161  1.00 25.44 ? 302 HOH A O     1 
HETATM 1561 O O     . HOH D 3 .  ? 22.499  5.995   0.012   1.00 19.63 ? 303 HOH A O     1 
HETATM 1562 O O     . HOH D 3 .  ? 3.708   -11.655 8.024   1.00 23.66 ? 304 HOH A O     1 
HETATM 1563 O O     . HOH D 3 .  ? 11.736  4.349   3.145   1.00 37.43 ? 306 HOH A O     1 
HETATM 1564 O O     . HOH D 3 .  ? 6.678   -7.709  8.296   1.00 23.35 ? 307 HOH A O     1 
HETATM 1565 O O     . HOH D 3 .  ? 8.328   -9.313  12.564  1.00 36.26 ? 308 HOH A O     1 
HETATM 1566 O O     . HOH E 3 .  ? -3.208  11.485  7.982   1.00 20.81 ? 305 HOH B O     1 
HETATM 1567 O O     . HOH E 3 .  ? 6.440   -3.343  -0.705  1.00 28.67 ? 401 HOH B O     1 
HETATM 1568 O O     . HOH E 3 .  ? -10.467 13.926  4.372   1.00 20.40 ? 402 HOH B O     1 
HETATM 1569 O O     . HOH E 3 .  ? -4.064  -13.705 -13.632 1.00 20.98 ? 403 HOH B O     1 
HETATM 1570 O O     . HOH E 3 .  ? -5.728  11.201  1.584   1.00 31.34 ? 404 HOH B O     1 
HETATM 1571 O O     . HOH E 3 .  ? 6.962   -0.356  0.056   1.00 29.06 ? 405 HOH B O     1 
HETATM 1572 O O     . HOH E 3 .  ? 10.308  2.944   -12.725 1.00 18.96 ? 406 HOH B O     1 
# 
